data_8Y3P
#
_entry.id   8Y3P
#
_cell.length_a   1.00
_cell.length_b   1.00
_cell.length_c   1.00
_cell.angle_alpha   90.00
_cell.angle_beta   90.00
_cell.angle_gamma   90.00
#
_symmetry.space_group_name_H-M   'P 1'
#
loop_
_entity.id
_entity.type
_entity.pdbx_description
1 polymer B646L
2 polymer 'Heavy chain of C9'
3 polymer 'Light chain of C9'
#
loop_
_entity_poly.entity_id
_entity_poly.type
_entity_poly.pdbx_seq_one_letter_code
_entity_poly.pdbx_strand_id
1 'polypeptide(L)'
;MHHHHHHHHHHGSDYKDHDGDYKDHDIDYKDDDDKELENLYFQGAGSMASGGAFCLIANDGKADKIILAQDLLNSRISNI
KNVNKSYGKPDPEPTLSQIEETHLVHFNAHFKPYVPVGFEYNKVRPHTGTPTLGNKLTFGIPQYGDFFHDMVGHHILGAC
HSSWQDAPIQGTSQMGAHGQLQTFPRNGYDWDNQTPLEGAVYTLVDPFGRPIVPGTKNAYRNLVYYCEYPGERLYENVRF
DVNGNSLDEYSSDVTTLVRKFCIPGDKMTGYKHLVGQEVSVEGTSGPLLCNIHDLHKPHQSKPILTDENDTQRTCSHTNP
KFLSQHFPENSHNIQTAGKQDITPITDATYLDIRRNVHYSCNGPQTPKYYQPPLALWIKLRFWFNENVNLAIPSVSIPFG
ERFITIKLASQKDLVNEFPGLFVRQSRFIAGRPSRRNIRFKPWFIPGVINEISLTNNELYINNLFVTPEIHNLFVKRVRF
SLIRVHKTQVTHTNNNHHDEKLMSALKWPIEYMFIGLKPTWNISDQNPHQHRDWHKFGHVVNAIMQPTHHAEISFQDRDT
ALPDACSSISDISPVTYPITLPIIKNISVTAHGINLIDKFPSKFCSSYIPFHYGGNAIKTPDDPGAMMITFALKPREEYQ
PSGHINVSRAREFYISWDTDYVGSITTADLVVSASAINFLLLQNGSAVLRYST
;
B,A,C
2 'polypeptide(L)'
;EVKLVESGGGLVQPGGSLRLSCVGSGFTFSSYEINWVRQAPGKGLEWLAVVSKIGDRTYYADSVRGRLTISRDNSQNTAY
LQMNSLRTEDTARYYCVRAWCASTCLPGDIMDLWGPGVGVVVSSL
;
G,D,E
3 'polypeptide(L)'
;QTVIQEPAMSVSPGGTVTLTCAWSSGSVTTSNYPSWFQQTPGQPPRQLIYNTNSRPTGVPRRFSGKISGNKAALTITGAQ
AEDEADYFCGLYKRSANNIFGGGTHLTVL
;
L,F,H
#
# COMPACT_ATOMS: atom_id res chain seq x y z
N GLY A 118 36.91 -33.82 -15.48
CA GLY A 118 35.56 -33.28 -15.56
C GLY A 118 34.52 -34.34 -15.87
N PHE A 119 33.77 -34.74 -14.84
CA PHE A 119 32.75 -35.77 -15.01
C PHE A 119 31.57 -35.24 -15.81
N GLU A 120 30.98 -36.11 -16.63
CA GLU A 120 29.88 -35.76 -17.51
C GLU A 120 28.56 -36.28 -16.96
N TYR A 121 27.47 -35.68 -17.42
CA TYR A 121 26.11 -36.11 -17.09
C TYR A 121 25.50 -36.76 -18.32
N ASN A 122 25.11 -38.02 -18.18
CA ASN A 122 24.48 -38.76 -19.27
C ASN A 122 22.99 -38.46 -19.33
N LYS A 123 22.49 -38.29 -20.55
CA LYS A 123 21.12 -37.86 -20.83
C LYS A 123 20.33 -39.10 -21.24
N VAL A 124 19.88 -39.87 -20.26
CA VAL A 124 19.17 -41.10 -20.60
C VAL A 124 17.69 -40.80 -20.82
N ARG A 125 17.15 -41.35 -21.91
CA ARG A 125 15.77 -41.20 -22.32
C ARG A 125 14.86 -42.11 -21.49
N PRO A 126 13.57 -41.80 -21.41
CA PRO A 126 12.64 -42.70 -20.72
C PRO A 126 12.50 -44.04 -21.42
N HIS A 127 12.31 -45.10 -20.63
CA HIS A 127 12.15 -46.44 -21.18
C HIS A 127 10.81 -46.61 -21.86
N THR A 128 9.73 -46.14 -21.22
CA THR A 128 8.40 -46.26 -21.81
C THR A 128 8.24 -45.31 -23.00
N GLY A 129 8.63 -44.05 -22.83
CA GLY A 129 8.44 -43.05 -23.86
C GLY A 129 7.06 -42.41 -23.82
N THR A 130 6.94 -41.31 -24.58
CA THR A 130 5.80 -40.38 -24.70
C THR A 130 5.02 -40.19 -23.40
N PRO A 131 5.64 -39.61 -22.37
CA PRO A 131 5.01 -39.56 -21.05
C PRO A 131 3.82 -38.62 -21.02
N THR A 132 2.83 -38.97 -20.20
CA THR A 132 1.60 -38.22 -20.06
C THR A 132 1.31 -38.05 -18.57
N LEU A 133 0.78 -36.89 -18.20
CA LEU A 133 0.44 -36.62 -16.80
C LEU A 133 -0.63 -37.59 -16.32
N GLY A 134 -0.43 -38.13 -15.12
CA GLY A 134 -1.29 -39.13 -14.56
C GLY A 134 -0.92 -40.56 -14.92
N ASN A 135 0.09 -40.76 -15.75
CA ASN A 135 0.53 -42.08 -16.17
C ASN A 135 1.94 -42.34 -15.66
N LYS A 136 2.31 -43.61 -15.64
CA LYS A 136 3.61 -44.01 -15.13
C LYS A 136 4.72 -43.64 -16.10
N LEU A 137 5.87 -43.28 -15.53
CA LEU A 137 7.07 -42.96 -16.29
C LEU A 137 8.19 -43.91 -15.85
N THR A 138 8.95 -44.41 -16.82
CA THR A 138 9.94 -45.44 -16.57
C THR A 138 11.30 -44.97 -17.07
N PHE A 139 12.33 -45.14 -16.24
CA PHE A 139 13.70 -44.78 -16.58
C PHE A 139 14.61 -46.00 -16.43
N GLY A 140 15.58 -46.11 -17.34
CA GLY A 140 16.58 -47.15 -17.25
C GLY A 140 17.96 -46.59 -17.00
N ILE A 141 18.87 -47.40 -16.48
CA ILE A 141 20.23 -46.96 -16.21
C ILE A 141 21.20 -47.75 -17.09
N PRO A 142 21.67 -47.17 -18.19
CA PRO A 142 22.64 -47.87 -19.05
C PRO A 142 24.05 -47.77 -18.46
N GLN A 143 24.99 -48.36 -19.18
CA GLN A 143 26.40 -48.38 -18.77
C GLN A 143 27.18 -47.45 -19.69
N TYR A 144 27.61 -46.30 -19.15
CA TYR A 144 28.49 -45.40 -19.87
C TYR A 144 29.69 -44.92 -19.05
N GLY A 145 29.60 -44.94 -17.72
CA GLY A 145 30.72 -44.55 -16.88
C GLY A 145 31.11 -45.65 -15.91
N ASP A 146 31.70 -45.27 -14.78
CA ASP A 146 32.11 -46.23 -13.76
C ASP A 146 31.14 -46.29 -12.60
N PHE A 147 30.91 -45.16 -11.93
CA PHE A 147 29.98 -45.06 -10.81
C PHE A 147 28.94 -44.01 -11.12
N PHE A 148 27.70 -44.23 -10.67
CA PHE A 148 26.65 -43.23 -10.74
C PHE A 148 26.30 -42.81 -9.32
N HIS A 149 26.34 -41.51 -9.06
CA HIS A 149 26.14 -40.98 -7.71
C HIS A 149 24.74 -40.42 -7.52
N ASP A 150 24.36 -39.44 -8.34
CA ASP A 150 23.07 -38.78 -8.22
C ASP A 150 22.45 -38.64 -9.61
N MET A 151 21.12 -38.57 -9.63
CA MET A 151 20.38 -38.46 -10.88
C MET A 151 19.25 -37.45 -10.70
N VAL A 152 18.91 -36.77 -11.81
CA VAL A 152 17.96 -35.67 -11.78
C VAL A 152 17.02 -35.80 -12.98
N GLY A 153 15.72 -35.75 -12.71
CA GLY A 153 14.75 -35.76 -13.80
C GLY A 153 14.47 -34.38 -14.34
N HIS A 154 14.67 -34.20 -15.65
CA HIS A 154 14.44 -32.92 -16.31
C HIS A 154 13.21 -33.04 -17.20
N HIS A 155 12.27 -32.10 -17.03
CA HIS A 155 11.06 -32.04 -17.84
C HIS A 155 10.80 -30.60 -18.24
N ILE A 156 10.13 -30.42 -19.39
CA ILE A 156 9.66 -29.11 -19.82
C ILE A 156 8.15 -29.23 -19.93
N LEU A 157 7.45 -28.62 -18.98
CA LEU A 157 6.00 -28.57 -19.05
C LEU A 157 5.55 -27.54 -20.07
N GLY A 158 4.55 -27.91 -20.87
CA GLY A 158 4.08 -27.06 -21.92
C GLY A 158 3.27 -25.88 -21.40
N ALA A 159 2.84 -25.06 -22.36
CA ALA A 159 2.08 -23.87 -22.01
C ALA A 159 0.68 -24.23 -21.52
N CYS A 160 0.16 -23.43 -20.61
CA CYS A 160 -1.14 -23.64 -20.01
C CYS A 160 -2.00 -22.40 -20.21
N HIS A 161 -3.22 -22.61 -20.70
CA HIS A 161 -4.18 -21.52 -20.86
C HIS A 161 -5.58 -22.10 -20.81
N SER A 162 -6.45 -21.49 -20.02
CA SER A 162 -7.81 -21.98 -19.89
C SER A 162 -8.62 -21.65 -21.14
N SER A 163 -9.68 -22.41 -21.36
CA SER A 163 -10.52 -22.23 -22.53
C SER A 163 -11.31 -20.93 -22.45
N TRP A 164 -11.57 -20.34 -23.61
CA TRP A 164 -12.39 -19.14 -23.68
C TRP A 164 -13.83 -19.45 -23.28
N GLN A 165 -14.40 -18.59 -22.45
CA GLN A 165 -15.76 -18.78 -21.96
C GLN A 165 -16.60 -17.56 -22.30
N ASP A 166 -17.86 -17.59 -21.90
CA ASP A 166 -18.82 -16.53 -22.20
C ASP A 166 -19.12 -15.74 -20.94
N ALA A 167 -19.15 -14.42 -21.08
CA ALA A 167 -19.55 -13.56 -19.96
C ALA A 167 -21.03 -13.75 -19.67
N PRO A 168 -21.42 -13.96 -18.42
CA PRO A 168 -22.83 -14.24 -18.12
C PRO A 168 -23.72 -13.02 -18.29
N ILE A 169 -24.99 -13.30 -18.58
CA ILE A 169 -26.03 -12.27 -18.61
C ILE A 169 -26.37 -11.92 -17.17
N GLN A 170 -26.74 -10.65 -16.93
CA GLN A 170 -27.05 -10.20 -15.58
C GLN A 170 -28.30 -10.89 -15.04
N GLY A 171 -28.22 -11.30 -13.77
CA GLY A 171 -29.26 -12.06 -13.12
C GLY A 171 -29.03 -13.56 -13.14
N THR A 172 -28.09 -14.04 -13.93
CA THR A 172 -27.84 -15.47 -14.06
C THR A 172 -26.90 -15.95 -12.96
N SER A 173 -27.32 -16.98 -12.24
CA SER A 173 -26.50 -17.63 -11.22
C SER A 173 -26.16 -19.03 -11.72
N GLN A 174 -24.86 -19.32 -11.80
CA GLN A 174 -24.39 -20.56 -12.40
C GLN A 174 -23.64 -21.39 -11.37
N MET A 175 -23.81 -22.71 -11.45
CA MET A 175 -23.10 -23.62 -10.57
C MET A 175 -21.61 -23.59 -10.88
N GLY A 176 -20.80 -23.45 -9.85
CA GLY A 176 -19.37 -23.25 -10.04
C GLY A 176 -18.50 -24.36 -9.51
N ALA A 177 -17.33 -23.99 -8.97
CA ALA A 177 -16.35 -24.96 -8.51
C ALA A 177 -16.45 -25.18 -7.02
N HIS A 178 -16.22 -26.43 -6.59
CA HIS A 178 -16.15 -26.82 -5.18
C HIS A 178 -17.43 -26.49 -4.42
N GLY A 179 -18.58 -26.72 -5.07
CA GLY A 179 -19.86 -26.51 -4.43
C GLY A 179 -20.19 -25.07 -4.10
N GLN A 180 -19.89 -24.16 -5.02
CA GLN A 180 -20.18 -22.74 -4.83
C GLN A 180 -21.06 -22.26 -5.97
N LEU A 181 -22.15 -21.57 -5.64
CA LEU A 181 -23.06 -21.03 -6.64
C LEU A 181 -22.60 -19.63 -6.99
N GLN A 182 -21.95 -19.48 -8.14
CA GLN A 182 -21.39 -18.18 -8.52
C GLN A 182 -22.50 -17.33 -9.12
N THR A 183 -22.74 -16.17 -8.53
CA THR A 183 -23.87 -15.33 -8.88
C THR A 183 -23.40 -14.03 -9.51
N PHE A 184 -24.02 -13.67 -10.63
CA PHE A 184 -23.92 -12.33 -11.21
C PHE A 184 -25.27 -11.68 -11.00
N PRO A 185 -25.52 -11.10 -9.84
CA PRO A 185 -26.89 -10.69 -9.49
C PRO A 185 -27.36 -9.44 -10.19
N ARG A 186 -28.64 -9.13 -10.03
CA ARG A 186 -29.26 -7.98 -10.66
C ARG A 186 -28.91 -6.70 -9.89
N ASN A 187 -29.18 -5.57 -10.53
CA ASN A 187 -29.00 -4.28 -9.87
C ASN A 187 -30.01 -4.14 -8.74
N GLY A 188 -29.57 -3.60 -7.61
CA GLY A 188 -30.43 -3.42 -6.47
C GLY A 188 -30.59 -4.63 -5.57
N TYR A 189 -29.87 -5.71 -5.83
CA TYR A 189 -29.93 -6.91 -5.00
C TYR A 189 -28.55 -7.22 -4.44
N ASP A 190 -28.51 -8.08 -3.42
CA ASP A 190 -27.27 -8.44 -2.78
C ASP A 190 -26.52 -9.47 -3.64
N TRP A 191 -25.43 -10.03 -3.07
CA TRP A 191 -24.73 -11.12 -3.74
C TRP A 191 -25.62 -12.34 -3.87
N ASP A 192 -26.39 -12.64 -2.84
CA ASP A 192 -27.55 -13.51 -3.01
C ASP A 192 -28.55 -12.80 -3.91
N ASN A 193 -28.95 -13.47 -4.98
CA ASN A 193 -29.78 -12.82 -5.99
C ASN A 193 -31.21 -12.58 -5.53
N GLN A 194 -31.61 -13.12 -4.39
CA GLN A 194 -32.96 -12.97 -3.88
C GLN A 194 -33.05 -12.00 -2.70
N THR A 195 -31.96 -11.33 -2.35
CA THR A 195 -31.94 -10.43 -1.21
C THR A 195 -31.81 -8.99 -1.70
N PRO A 196 -32.78 -8.12 -1.43
CA PRO A 196 -32.69 -6.72 -1.89
C PRO A 196 -31.57 -5.97 -1.19
N LEU A 197 -30.95 -5.06 -1.95
CA LEU A 197 -29.86 -4.22 -1.43
C LEU A 197 -29.87 -2.92 -2.24
N GLU A 198 -30.45 -1.88 -1.67
CA GLU A 198 -30.69 -0.65 -2.42
C GLU A 198 -29.38 0.05 -2.79
N GLY A 199 -29.30 0.51 -4.04
CA GLY A 199 -28.16 1.23 -4.54
C GLY A 199 -27.11 0.37 -5.22
N ALA A 200 -27.22 -0.95 -5.13
CA ALA A 200 -26.19 -1.84 -5.66
C ALA A 200 -26.32 -1.97 -7.17
N VAL A 201 -25.26 -1.59 -7.89
CA VAL A 201 -25.17 -1.71 -9.34
C VAL A 201 -23.97 -2.58 -9.66
N TYR A 202 -24.17 -3.56 -10.54
CA TYR A 202 -23.18 -4.60 -10.79
C TYR A 202 -22.67 -4.50 -12.23
N THR A 203 -21.36 -4.59 -12.38
CA THR A 203 -20.68 -4.60 -13.68
C THR A 203 -19.75 -5.79 -13.69
N LEU A 204 -19.37 -6.26 -14.87
CA LEU A 204 -18.37 -7.31 -14.98
C LEU A 204 -17.04 -6.67 -15.37
N VAL A 205 -15.99 -6.94 -14.58
CA VAL A 205 -14.67 -6.40 -14.87
C VAL A 205 -13.67 -7.53 -14.91
N ASP A 206 -12.64 -7.35 -15.72
CA ASP A 206 -11.51 -8.24 -15.75
C ASP A 206 -10.71 -8.05 -14.45
N PRO A 207 -9.91 -9.06 -14.01
CA PRO A 207 -9.11 -8.88 -12.80
C PRO A 207 -8.13 -7.72 -12.79
N PHE A 208 -7.87 -7.13 -13.96
CA PHE A 208 -7.06 -5.92 -14.06
C PHE A 208 -7.91 -4.66 -14.17
N GLY A 209 -9.23 -4.77 -14.04
CA GLY A 209 -10.10 -3.62 -14.05
C GLY A 209 -10.71 -3.27 -15.38
N ARG A 210 -10.45 -4.05 -16.42
CA ARG A 210 -10.97 -3.77 -17.75
C ARG A 210 -12.40 -4.28 -17.88
N PRO A 211 -13.30 -3.52 -18.50
CA PRO A 211 -14.70 -3.97 -18.62
C PRO A 211 -14.84 -5.16 -19.57
N ILE A 212 -15.95 -5.87 -19.40
CA ILE A 212 -16.19 -7.12 -20.13
C ILE A 212 -17.39 -7.04 -21.07
N VAL A 213 -18.32 -6.11 -20.86
CA VAL A 213 -19.56 -5.98 -21.63
C VAL A 213 -20.32 -7.30 -21.59
N PRO A 214 -21.01 -7.60 -20.49
CA PRO A 214 -21.57 -8.95 -20.26
C PRO A 214 -22.54 -9.40 -21.34
N GLY A 215 -22.52 -10.71 -21.62
CA GLY A 215 -23.25 -11.30 -22.70
C GLY A 215 -22.42 -11.59 -23.94
N THR A 216 -21.24 -10.98 -24.04
CA THR A 216 -20.38 -11.17 -25.20
C THR A 216 -19.68 -12.52 -25.13
N LYS A 217 -19.85 -13.33 -26.16
CA LYS A 217 -19.21 -14.64 -26.21
C LYS A 217 -17.72 -14.51 -26.45
N ASN A 218 -16.95 -15.39 -25.82
CA ASN A 218 -15.49 -15.51 -25.96
C ASN A 218 -14.79 -14.21 -25.57
N ALA A 219 -15.03 -13.80 -24.33
CA ALA A 219 -14.34 -12.66 -23.73
C ALA A 219 -13.73 -13.00 -22.39
N TYR A 220 -14.37 -13.87 -21.61
CA TYR A 220 -13.86 -14.30 -20.31
C TYR A 220 -12.98 -15.54 -20.47
N ARG A 221 -11.71 -15.40 -20.11
CA ARG A 221 -10.76 -16.51 -20.09
C ARG A 221 -10.14 -16.57 -18.69
N ASN A 222 -10.17 -17.76 -18.09
CA ASN A 222 -9.66 -17.93 -16.73
C ASN A 222 -8.14 -17.87 -16.71
N LEU A 223 -7.59 -17.21 -15.69
CA LEU A 223 -6.17 -17.28 -15.42
C LEU A 223 -5.85 -18.61 -14.74
N VAL A 224 -4.65 -19.11 -14.95
CA VAL A 224 -4.26 -20.45 -14.51
C VAL A 224 -3.09 -20.35 -13.54
N TYR A 225 -3.13 -21.14 -12.48
CA TYR A 225 -2.00 -21.31 -11.57
C TYR A 225 -1.04 -22.37 -12.11
N TYR A 226 0.04 -22.53 -11.37
CA TYR A 226 0.60 -23.84 -11.06
C TYR A 226 0.51 -24.03 -9.55
N CYS A 227 0.50 -25.30 -9.14
CA CYS A 227 0.56 -25.60 -7.72
C CYS A 227 1.90 -25.16 -7.16
N GLU A 228 1.92 -24.87 -5.86
CA GLU A 228 3.18 -24.53 -5.21
C GLU A 228 4.06 -25.76 -5.17
N TYR A 229 5.33 -25.59 -5.56
CA TYR A 229 6.32 -26.66 -5.74
C TYR A 229 5.83 -27.71 -6.73
N PRO A 230 5.73 -27.41 -8.03
CA PRO A 230 5.33 -28.44 -9.00
C PRO A 230 6.29 -29.60 -9.11
N GLY A 231 7.59 -29.37 -8.87
CA GLY A 231 8.55 -30.46 -8.98
C GLY A 231 8.39 -31.51 -7.92
N GLU A 232 7.88 -31.13 -6.76
CA GLU A 232 7.60 -32.13 -5.72
C GLU A 232 6.35 -32.93 -6.04
N ARG A 233 5.29 -32.26 -6.52
CA ARG A 233 4.05 -32.97 -6.81
C ARG A 233 4.13 -33.80 -8.08
N LEU A 234 5.03 -33.46 -9.00
CA LEU A 234 5.15 -34.25 -10.22
C LEU A 234 5.62 -35.66 -9.93
N TYR A 235 6.60 -35.81 -9.05
CA TYR A 235 7.12 -37.14 -8.70
C TYR A 235 6.34 -37.63 -7.47
N GLU A 236 5.10 -38.03 -7.74
CA GLU A 236 4.18 -38.39 -6.65
C GLU A 236 4.57 -39.69 -5.97
N ASN A 237 5.20 -40.60 -6.70
CA ASN A 237 5.65 -41.87 -6.12
C ASN A 237 6.83 -42.37 -6.92
N VAL A 238 8.01 -42.46 -6.29
CA VAL A 238 9.24 -42.85 -6.96
C VAL A 238 9.75 -44.13 -6.30
N ARG A 239 10.00 -45.15 -7.12
CA ARG A 239 10.55 -46.40 -6.62
C ARG A 239 11.68 -46.86 -7.53
N PHE A 240 12.61 -47.61 -6.93
CA PHE A 240 13.78 -48.15 -7.62
C PHE A 240 13.73 -49.67 -7.53
N ASP A 241 13.83 -50.34 -8.69
CA ASP A 241 13.65 -51.79 -8.76
C ASP A 241 14.89 -52.44 -9.37
N VAL A 242 15.26 -53.58 -8.80
CA VAL A 242 16.35 -54.42 -9.32
C VAL A 242 15.74 -55.81 -9.50
N ASN A 243 15.23 -56.10 -10.70
CA ASN A 243 14.44 -57.31 -11.00
C ASN A 243 13.27 -57.45 -10.03
N GLY A 244 12.47 -56.39 -9.94
CA GLY A 244 11.46 -56.32 -8.90
C GLY A 244 12.13 -56.05 -7.57
N ASN A 245 11.38 -56.31 -6.50
CA ASN A 245 11.85 -56.21 -5.10
C ASN A 245 12.40 -54.80 -4.82
N SER A 246 11.48 -53.84 -4.83
CA SER A 246 11.78 -52.42 -4.75
C SER A 246 12.58 -52.06 -3.50
N LEU A 247 13.84 -51.67 -3.70
CA LEU A 247 14.72 -51.38 -2.57
C LEU A 247 14.34 -50.06 -1.91
N ASP A 248 14.09 -49.02 -2.70
CA ASP A 248 13.71 -47.72 -2.18
C ASP A 248 12.42 -47.27 -2.84
N GLU A 249 11.54 -46.68 -2.04
CA GLU A 249 10.24 -46.20 -2.52
C GLU A 249 9.79 -45.07 -1.62
N TYR A 250 9.48 -43.92 -2.22
CA TYR A 250 9.06 -42.76 -1.45
C TYR A 250 8.02 -41.98 -2.27
N SER A 251 7.47 -40.95 -1.65
CA SER A 251 6.42 -40.16 -2.28
C SER A 251 6.77 -38.67 -2.27
N SER A 252 5.80 -37.82 -2.65
CA SER A 252 6.04 -36.38 -2.64
C SER A 252 6.13 -35.83 -1.22
N ASP A 253 5.49 -36.50 -0.26
CA ASP A 253 5.51 -36.02 1.12
C ASP A 253 6.90 -36.15 1.74
N VAL A 254 7.62 -37.21 1.40
CA VAL A 254 9.01 -37.33 1.85
C VAL A 254 9.86 -36.24 1.23
N THR A 255 9.59 -35.89 -0.02
CA THR A 255 10.34 -34.82 -0.69
C THR A 255 10.08 -33.47 -0.03
N THR A 256 8.83 -33.17 0.30
CA THR A 256 8.58 -31.87 0.94
C THR A 256 9.04 -31.87 2.39
N LEU A 257 9.10 -33.03 3.06
CA LEU A 257 9.67 -33.11 4.40
C LEU A 257 11.18 -32.83 4.37
N VAL A 258 11.90 -33.46 3.43
CA VAL A 258 13.33 -33.22 3.38
C VAL A 258 13.63 -31.84 2.82
N ARG A 259 12.70 -31.24 2.08
CA ARG A 259 12.83 -29.83 1.74
C ARG A 259 12.72 -28.95 2.98
N LYS A 260 11.68 -29.19 3.81
CA LYS A 260 11.47 -28.37 4.99
C LYS A 260 12.57 -28.52 6.01
N PHE A 261 13.22 -29.69 6.07
CA PHE A 261 14.20 -29.95 7.11
C PHE A 261 15.65 -29.88 6.62
N CYS A 262 15.98 -30.63 5.57
CA CYS A 262 17.39 -30.84 5.20
C CYS A 262 17.95 -29.74 4.30
N ILE A 263 17.15 -29.16 3.42
CA ILE A 263 17.66 -28.19 2.45
C ILE A 263 17.94 -26.87 3.15
N PRO A 264 19.16 -26.36 3.09
CA PRO A 264 19.51 -25.13 3.83
C PRO A 264 18.87 -23.90 3.20
N GLY A 265 18.88 -22.81 3.97
CA GLY A 265 18.29 -21.57 3.51
C GLY A 265 19.10 -20.87 2.45
N ASP A 266 20.40 -21.13 2.39
CA ASP A 266 21.23 -20.56 1.32
C ASP A 266 20.85 -21.15 -0.03
N LYS A 267 20.53 -22.43 -0.06
CA LYS A 267 20.14 -23.12 -1.28
C LYS A 267 18.63 -23.16 -1.46
N MET A 268 17.87 -22.40 -0.66
CA MET A 268 16.42 -22.38 -0.80
C MET A 268 15.99 -21.81 -2.14
N THR A 269 16.65 -20.73 -2.59
CA THR A 269 16.32 -20.16 -3.89
C THR A 269 16.71 -21.10 -5.02
N GLY A 270 17.77 -21.89 -4.84
CA GLY A 270 18.13 -22.88 -5.85
C GLY A 270 17.09 -23.98 -5.99
N TYR A 271 16.61 -24.49 -4.86
CA TYR A 271 15.57 -25.51 -4.89
C TYR A 271 14.26 -24.93 -5.42
N LYS A 272 13.96 -23.68 -5.10
CA LYS A 272 12.75 -23.05 -5.63
C LYS A 272 12.85 -22.80 -7.13
N HIS A 273 14.06 -22.57 -7.65
CA HIS A 273 14.22 -22.45 -9.09
C HIS A 273 14.18 -23.81 -9.78
N LEU A 274 14.67 -24.86 -9.10
CA LEU A 274 14.69 -26.19 -9.72
C LEU A 274 13.28 -26.75 -9.87
N VAL A 275 12.48 -26.66 -8.82
CA VAL A 275 11.16 -27.30 -8.83
C VAL A 275 10.11 -26.33 -9.36
N GLY A 276 10.55 -25.17 -9.85
CA GLY A 276 9.63 -24.22 -10.43
C GLY A 276 8.75 -23.48 -9.43
N GLN A 277 9.33 -22.96 -8.36
CA GLN A 277 8.63 -22.08 -7.44
C GLN A 277 9.03 -20.63 -7.70
N GLU A 278 8.04 -19.74 -7.66
CA GLU A 278 8.28 -18.32 -7.76
C GLU A 278 9.14 -17.82 -6.61
N VAL A 279 10.04 -16.88 -6.91
CA VAL A 279 10.91 -16.27 -5.93
C VAL A 279 10.55 -14.79 -5.85
N SER A 280 10.65 -14.22 -4.65
CA SER A 280 10.25 -12.84 -4.45
C SER A 280 11.31 -11.89 -5.01
N VAL A 281 10.95 -11.20 -6.07
CA VAL A 281 11.78 -10.13 -6.63
C VAL A 281 11.54 -8.87 -5.81
N GLU A 282 12.62 -8.25 -5.33
CA GLU A 282 12.54 -7.09 -4.48
C GLU A 282 12.78 -5.83 -5.31
N GLY A 283 11.84 -4.90 -5.24
CA GLY A 283 11.97 -3.61 -5.89
C GLY A 283 11.80 -2.49 -4.88
N THR A 284 12.04 -1.27 -5.37
CA THR A 284 12.02 -0.09 -4.52
C THR A 284 11.06 0.93 -5.12
N SER A 285 10.48 1.75 -4.24
CA SER A 285 9.49 2.73 -4.68
C SER A 285 10.15 4.07 -5.02
N GLY A 286 10.78 4.70 -4.04
CA GLY A 286 11.39 6.00 -4.24
C GLY A 286 11.50 6.78 -2.95
N PRO A 287 12.00 8.01 -3.04
CA PRO A 287 12.16 8.85 -1.84
C PRO A 287 10.82 9.25 -1.24
N LEU A 288 10.80 9.35 0.09
CA LEU A 288 9.57 9.64 0.83
C LEU A 288 9.86 10.68 1.91
N LEU A 289 8.76 11.22 2.48
CA LEU A 289 8.87 12.31 3.44
C LEU A 289 9.51 11.85 4.75
N CYS A 290 8.86 10.91 5.44
CA CYS A 290 9.23 10.34 6.73
C CYS A 290 9.34 11.36 7.86
N ASN A 291 9.81 10.87 9.01
CA ASN A 291 10.01 11.66 10.22
C ASN A 291 11.02 10.91 11.07
N ILE A 292 11.63 11.62 12.02
CA ILE A 292 12.55 11.01 12.98
C ILE A 292 12.15 11.50 14.36
N HIS A 293 11.69 10.59 15.21
CA HIS A 293 11.25 10.92 16.56
C HIS A 293 12.25 10.36 17.56
N ASP A 294 12.97 11.25 18.22
CA ASP A 294 13.99 10.89 19.19
C ASP A 294 13.63 11.49 20.54
N LEU A 295 13.74 10.68 21.59
CA LEU A 295 13.44 11.13 22.95
C LEU A 295 14.19 10.27 23.97
N LEU A 351 11.81 14.17 8.24
CA LEU A 351 13.16 14.70 8.39
C LEU A 351 14.12 14.06 7.39
N ASP A 352 14.27 12.75 7.47
CA ASP A 352 15.22 12.01 6.66
C ASP A 352 14.54 11.38 5.45
N ILE A 353 15.31 11.20 4.38
CA ILE A 353 14.77 10.65 3.15
C ILE A 353 14.93 9.14 3.15
N ARG A 354 13.86 8.42 2.86
CA ARG A 354 13.85 6.96 2.99
C ARG A 354 13.08 6.33 1.85
N ARG A 355 13.61 5.24 1.33
CA ARG A 355 13.01 4.50 0.23
C ARG A 355 12.17 3.34 0.76
N ASN A 356 11.10 3.02 0.05
CA ASN A 356 10.18 1.95 0.44
C ASN A 356 10.45 0.74 -0.43
N VAL A 357 10.61 -0.42 0.21
CA VAL A 357 10.96 -1.66 -0.48
C VAL A 357 9.74 -2.57 -0.54
N HIS A 358 9.40 -3.02 -1.74
CA HIS A 358 8.28 -3.91 -1.98
C HIS A 358 8.80 -5.23 -2.57
N TYR A 359 7.98 -6.26 -2.43
CA TYR A 359 8.29 -7.58 -2.98
C TYR A 359 7.15 -8.00 -3.91
N SER A 360 7.51 -8.57 -5.06
CA SER A 360 6.52 -9.02 -6.04
C SER A 360 7.03 -10.28 -6.71
N CYS A 361 6.11 -11.02 -7.32
CA CYS A 361 6.42 -12.31 -7.91
C CYS A 361 5.89 -12.39 -9.33
N ASN A 362 6.70 -12.96 -10.23
CA ASN A 362 6.35 -13.16 -11.62
C ASN A 362 6.42 -14.62 -12.02
N GLY A 363 6.54 -15.53 -11.06
CA GLY A 363 6.85 -16.90 -11.36
C GLY A 363 5.66 -17.73 -11.77
N PRO A 364 5.80 -19.06 -11.66
CA PRO A 364 4.73 -19.96 -12.11
C PRO A 364 3.44 -19.84 -11.31
N GLN A 365 3.53 -19.68 -10.00
CA GLN A 365 2.35 -19.61 -9.14
C GLN A 365 1.59 -18.30 -9.30
N THR A 366 2.17 -17.32 -9.96
CA THR A 366 1.42 -16.13 -10.33
C THR A 366 0.34 -16.51 -11.32
N PRO A 367 -0.92 -16.14 -11.10
CA PRO A 367 -1.97 -16.46 -12.08
C PRO A 367 -1.75 -15.69 -13.37
N LYS A 368 -1.61 -16.40 -14.48
CA LYS A 368 -1.32 -15.77 -15.76
C LYS A 368 -2.31 -16.25 -16.81
N TYR A 369 -2.53 -15.41 -17.83
CA TYR A 369 -3.36 -15.80 -18.95
C TYR A 369 -2.70 -16.89 -19.78
N TYR A 370 -1.38 -16.84 -19.89
CA TYR A 370 -0.62 -17.77 -20.73
C TYR A 370 0.66 -18.11 -19.96
N GLN A 371 0.65 -19.23 -19.24
CA GLN A 371 1.82 -19.63 -18.47
C GLN A 371 2.89 -20.15 -19.41
N PRO A 372 4.13 -19.68 -19.29
CA PRO A 372 5.19 -20.12 -20.23
C PRO A 372 5.58 -21.56 -19.96
N PRO A 373 6.21 -22.22 -20.93
CA PRO A 373 6.76 -23.57 -20.68
C PRO A 373 7.81 -23.54 -19.57
N LEU A 374 7.73 -24.52 -18.68
CA LEU A 374 8.44 -24.46 -17.42
C LEU A 374 9.49 -25.58 -17.37
N ALA A 375 10.61 -25.30 -16.71
CA ALA A 375 11.72 -26.24 -16.62
C ALA A 375 11.74 -26.85 -15.21
N LEU A 376 11.34 -28.12 -15.11
CA LEU A 376 11.44 -28.85 -13.85
C LEU A 376 12.73 -29.66 -13.83
N TRP A 377 13.52 -29.47 -12.78
CA TRP A 377 14.73 -30.25 -12.54
C TRP A 377 14.59 -30.87 -11.15
N ILE A 378 13.96 -32.03 -11.08
CA ILE A 378 13.65 -32.65 -9.80
C ILE A 378 14.79 -33.59 -9.42
N LYS A 379 15.38 -33.33 -8.26
CA LYS A 379 16.44 -34.20 -7.75
C LYS A 379 15.84 -35.50 -7.25
N LEU A 380 16.53 -36.60 -7.51
CA LEU A 380 16.12 -37.92 -7.05
C LEU A 380 16.94 -38.29 -5.83
N ARG A 381 16.27 -38.64 -4.74
CA ARG A 381 16.92 -38.90 -3.47
C ARG A 381 16.82 -40.38 -3.14
N PHE A 382 17.97 -41.02 -2.95
CA PHE A 382 18.07 -42.41 -2.56
C PHE A 382 19.11 -42.53 -1.45
N TRP A 383 19.40 -43.76 -1.05
CA TRP A 383 20.38 -43.98 0.01
C TRP A 383 21.81 -43.79 -0.48
N PHE A 384 22.05 -43.99 -1.77
CA PHE A 384 23.39 -43.91 -2.33
C PHE A 384 23.68 -42.58 -3.01
N ASN A 385 22.80 -41.58 -2.86
CA ASN A 385 22.98 -40.28 -3.47
C ASN A 385 23.62 -39.27 -2.53
N GLU A 386 24.06 -39.70 -1.34
CA GLU A 386 24.59 -38.78 -0.33
C GLU A 386 26.11 -38.75 -0.33
N ASN A 387 26.75 -39.90 -0.18
CA ASN A 387 28.20 -39.99 -0.09
C ASN A 387 28.75 -40.62 -1.36
N VAL A 388 29.81 -40.03 -1.90
CA VAL A 388 30.44 -40.57 -3.10
C VAL A 388 31.15 -41.89 -2.81
N ASN A 389 31.55 -42.09 -1.55
CA ASN A 389 32.16 -43.37 -1.15
C ASN A 389 31.12 -44.48 -1.06
N LEU A 390 29.85 -44.13 -0.84
CA LEU A 390 28.77 -45.11 -0.74
C LEU A 390 27.99 -45.25 -2.04
N ALA A 391 28.48 -44.68 -3.14
CA ALA A 391 27.83 -44.84 -4.43
C ALA A 391 28.01 -46.28 -4.91
N ILE A 392 26.90 -46.90 -5.31
CA ILE A 392 26.94 -48.31 -5.69
C ILE A 392 27.64 -48.45 -7.05
N PRO A 393 28.41 -49.51 -7.27
CA PRO A 393 29.08 -49.68 -8.56
C PRO A 393 28.09 -50.05 -9.66
N SER A 394 28.46 -49.70 -10.89
CA SER A 394 27.69 -50.09 -12.07
C SER A 394 28.11 -51.45 -12.63
N VAL A 395 29.11 -52.09 -12.02
CA VAL A 395 29.60 -53.37 -12.50
C VAL A 395 29.28 -54.51 -11.54
N SER A 396 28.93 -54.22 -10.29
CA SER A 396 28.60 -55.28 -9.32
C SER A 396 27.33 -56.02 -9.74
N ILE A 397 26.34 -55.29 -10.24
CA ILE A 397 25.11 -55.89 -10.75
C ILE A 397 24.92 -55.43 -12.19
N PRO A 398 24.24 -56.20 -13.04
CA PRO A 398 24.04 -55.75 -14.44
C PRO A 398 23.18 -54.49 -14.51
N PHE A 399 23.47 -53.66 -15.51
CA PHE A 399 22.77 -52.39 -15.66
C PHE A 399 21.38 -52.57 -16.26
N GLY A 400 21.08 -53.74 -16.85
CA GLY A 400 19.78 -53.96 -17.43
C GLY A 400 18.67 -54.05 -16.40
N GLU A 401 18.96 -54.66 -15.24
CA GLU A 401 17.92 -54.93 -14.26
C GLU A 401 17.57 -53.73 -13.38
N ARG A 402 18.33 -52.64 -13.46
CA ARG A 402 18.06 -51.46 -12.64
C ARG A 402 17.06 -50.57 -13.36
N PHE A 403 15.90 -50.35 -12.73
CA PHE A 403 14.82 -49.58 -13.32
C PHE A 403 14.27 -48.60 -12.30
N ILE A 404 13.72 -47.49 -12.80
CA ILE A 404 13.13 -46.44 -11.96
C ILE A 404 11.70 -46.24 -12.42
N THR A 405 10.76 -46.31 -11.48
CA THR A 405 9.34 -46.14 -11.79
C THR A 405 8.80 -44.93 -11.03
N ILE A 406 8.20 -43.99 -11.76
CA ILE A 406 7.65 -42.77 -11.19
C ILE A 406 6.17 -42.69 -11.58
N LYS A 407 5.35 -42.28 -10.62
CA LYS A 407 3.93 -42.01 -10.87
C LYS A 407 3.78 -40.50 -11.01
N LEU A 408 3.59 -40.03 -12.24
CA LEU A 408 3.37 -38.61 -12.46
C LEU A 408 1.97 -38.22 -12.02
N ALA A 409 1.84 -37.00 -11.49
CA ALA A 409 0.55 -36.53 -11.02
C ALA A 409 -0.34 -36.11 -12.19
N SER A 410 -1.61 -35.94 -11.89
CA SER A 410 -2.58 -35.53 -12.90
C SER A 410 -2.39 -34.05 -13.24
N GLN A 411 -2.99 -33.65 -14.37
CA GLN A 411 -2.96 -32.24 -14.76
C GLN A 411 -3.76 -31.38 -13.80
N LYS A 412 -4.89 -31.91 -13.30
CA LYS A 412 -5.68 -31.19 -12.30
C LYS A 412 -4.98 -31.10 -10.96
N ASP A 413 -3.98 -31.94 -10.71
CA ASP A 413 -3.20 -31.90 -9.49
C ASP A 413 -2.01 -30.95 -9.57
N LEU A 414 -1.73 -30.40 -10.74
CA LEU A 414 -0.60 -29.51 -10.94
C LEU A 414 -1.00 -28.09 -11.33
N VAL A 415 -2.09 -27.93 -12.07
CA VAL A 415 -2.54 -26.64 -12.56
C VAL A 415 -3.93 -26.35 -12.02
N ASN A 416 -4.08 -25.21 -11.35
CA ASN A 416 -5.36 -24.74 -10.87
C ASN A 416 -5.73 -23.50 -11.67
N GLU A 417 -6.95 -23.01 -11.50
CA GLU A 417 -7.43 -21.86 -12.24
C GLU A 417 -7.73 -20.71 -11.29
N PHE A 418 -7.46 -19.50 -11.76
CA PHE A 418 -7.83 -18.27 -11.07
C PHE A 418 -9.07 -17.68 -11.73
N PRO A 419 -9.96 -17.07 -10.96
CA PRO A 419 -11.15 -16.43 -11.55
C PRO A 419 -10.77 -15.27 -12.44
N GLY A 420 -11.03 -15.43 -13.73
CA GLY A 420 -10.75 -14.41 -14.73
C GLY A 420 -11.87 -13.41 -14.93
N LEU A 421 -12.83 -13.36 -14.01
CA LEU A 421 -13.93 -12.41 -14.10
C LEU A 421 -14.36 -12.04 -12.69
N PHE A 422 -14.57 -10.75 -12.47
CA PHE A 422 -14.98 -10.26 -11.17
C PHE A 422 -16.25 -9.42 -11.31
N VAL A 423 -17.26 -9.75 -10.53
CA VAL A 423 -18.46 -8.93 -10.43
C VAL A 423 -18.11 -7.74 -9.54
N ARG A 424 -18.12 -6.55 -10.13
CA ARG A 424 -17.82 -5.31 -9.43
C ARG A 424 -19.12 -4.68 -8.99
N GLN A 425 -19.27 -4.48 -7.68
CA GLN A 425 -20.49 -3.97 -7.08
C GLN A 425 -20.23 -2.56 -6.58
N SER A 426 -20.80 -1.58 -7.26
CA SER A 426 -20.91 -0.24 -6.69
C SER A 426 -22.15 -0.20 -5.80
N ARG A 427 -22.04 0.50 -4.69
CA ARG A 427 -23.21 0.63 -3.82
C ARG A 427 -23.23 2.03 -3.23
N PHE A 428 -24.26 2.79 -3.58
CA PHE A 428 -24.45 4.14 -3.07
C PHE A 428 -25.32 4.04 -1.83
N ILE A 429 -24.72 4.19 -0.65
CA ILE A 429 -25.46 4.24 0.60
C ILE A 429 -25.83 5.69 0.84
N ALA A 430 -27.09 6.03 0.59
CA ALA A 430 -27.54 7.42 0.69
C ALA A 430 -27.55 7.88 2.14
N GLY A 431 -27.25 9.16 2.33
CA GLY A 431 -27.22 9.75 3.64
C GLY A 431 -26.10 10.77 3.73
N ARG A 432 -25.83 11.19 4.96
CA ARG A 432 -24.74 12.14 5.25
C ARG A 432 -23.77 11.48 6.22
N PRO A 433 -22.60 11.00 5.77
CA PRO A 433 -22.08 11.01 4.39
C PRO A 433 -22.71 9.98 3.48
N SER A 434 -22.57 10.19 2.16
CA SER A 434 -23.14 9.30 1.16
C SER A 434 -22.01 8.39 0.65
N ARG A 435 -21.85 7.25 1.32
CA ARG A 435 -20.76 6.35 1.02
C ARG A 435 -20.98 5.64 -0.32
N ARG A 436 -19.87 5.29 -0.98
CA ARG A 436 -19.88 4.55 -2.23
C ARG A 436 -18.93 3.36 -2.08
N ASN A 437 -19.44 2.26 -1.52
CA ASN A 437 -18.63 1.07 -1.34
C ASN A 437 -18.62 0.26 -2.62
N ILE A 438 -17.43 0.05 -3.18
CA ILE A 438 -17.25 -0.74 -4.40
C ILE A 438 -16.45 -1.97 -4.03
N ARG A 439 -17.06 -3.14 -4.17
CA ARG A 439 -16.42 -4.41 -3.84
C ARG A 439 -16.34 -5.29 -5.07
N PHE A 440 -15.58 -6.37 -4.96
CA PHE A 440 -15.38 -7.28 -6.08
C PHE A 440 -15.55 -8.71 -5.59
N LYS A 441 -16.45 -9.45 -6.24
CA LYS A 441 -16.62 -10.86 -5.94
C LYS A 441 -16.24 -11.68 -7.16
N PRO A 442 -15.37 -12.68 -7.03
CA PRO A 442 -14.92 -13.42 -8.21
C PRO A 442 -16.04 -14.25 -8.84
N TRP A 443 -15.95 -14.39 -10.17
CA TRP A 443 -16.85 -15.25 -10.94
C TRP A 443 -15.99 -16.42 -11.42
N PHE A 444 -16.10 -17.54 -10.72
CA PHE A 444 -15.25 -18.71 -10.96
C PHE A 444 -16.07 -19.81 -11.59
N ILE A 445 -15.93 -19.97 -12.91
CA ILE A 445 -16.53 -21.10 -13.63
C ILE A 445 -15.39 -21.90 -14.26
N PRO A 446 -15.26 -23.18 -13.95
CA PRO A 446 -14.10 -23.95 -14.45
C PRO A 446 -14.18 -24.17 -15.95
N GLY A 447 -13.03 -24.00 -16.61
CA GLY A 447 -12.89 -24.27 -18.02
C GLY A 447 -12.12 -25.54 -18.29
N VAL A 448 -11.69 -25.69 -19.54
CA VAL A 448 -10.94 -26.86 -19.97
C VAL A 448 -9.50 -26.39 -20.20
N ILE A 449 -8.61 -26.74 -19.26
CA ILE A 449 -7.19 -26.46 -19.45
C ILE A 449 -6.64 -27.36 -20.54
N ASN A 450 -5.81 -26.80 -21.40
CA ASN A 450 -5.21 -27.57 -22.47
C ASN A 450 -4.25 -28.61 -21.90
N GLU A 451 -4.10 -29.72 -22.63
CA GLU A 451 -3.31 -30.84 -22.14
C GLU A 451 -1.83 -30.46 -22.09
N ILE A 452 -1.20 -30.73 -20.95
CA ILE A 452 0.20 -30.41 -20.75
C ILE A 452 1.05 -31.43 -21.48
N SER A 453 1.93 -30.95 -22.36
CA SER A 453 2.83 -31.81 -23.11
C SER A 453 4.19 -31.83 -22.44
N LEU A 454 4.62 -33.02 -22.00
CA LEU A 454 5.92 -33.19 -21.37
C LEU A 454 6.97 -33.31 -22.46
N THR A 455 7.82 -32.29 -22.56
CA THR A 455 8.82 -32.18 -23.61
C THR A 455 10.19 -32.25 -22.98
N ASN A 456 11.15 -32.87 -23.70
CA ASN A 456 12.54 -33.00 -23.27
C ASN A 456 12.66 -33.75 -21.95
N ASN A 457 11.83 -34.78 -21.77
CA ASN A 457 11.91 -35.62 -20.58
C ASN A 457 13.20 -36.43 -20.59
N GLU A 458 14.16 -36.04 -19.77
CA GLU A 458 15.44 -36.74 -19.71
C GLU A 458 15.76 -37.04 -18.26
N LEU A 459 16.72 -37.95 -18.04
CA LEU A 459 17.27 -38.18 -16.72
C LEU A 459 18.77 -37.99 -16.80
N TYR A 460 19.29 -37.09 -15.97
CA TYR A 460 20.71 -36.76 -15.92
C TYR A 460 21.36 -37.67 -14.89
N ILE A 461 22.31 -38.49 -15.32
CA ILE A 461 23.01 -39.43 -14.44
C ILE A 461 24.49 -39.06 -14.43
N ASN A 462 25.04 -38.88 -13.23
CA ASN A 462 26.45 -38.51 -13.07
C ASN A 462 27.29 -39.76 -13.09
N ASN A 463 27.63 -40.22 -14.31
CA ASN A 463 28.46 -41.40 -14.50
C ASN A 463 29.91 -40.97 -14.59
N LEU A 464 30.51 -40.72 -13.42
CA LEU A 464 31.91 -40.33 -13.36
C LEU A 464 32.82 -41.55 -13.49
N PHE A 465 34.07 -41.29 -13.84
CA PHE A 465 35.07 -42.35 -13.93
C PHE A 465 35.79 -42.52 -12.60
N VAL A 466 36.47 -43.64 -12.45
CA VAL A 466 37.23 -43.92 -11.23
C VAL A 466 38.52 -43.10 -11.24
N LEU A 482 26.32 -49.67 7.39
CA LEU A 482 27.22 -49.14 6.36
C LEU A 482 26.52 -48.09 5.52
N ILE A 483 25.38 -48.45 4.94
CA ILE A 483 24.60 -47.54 4.12
C ILE A 483 23.41 -47.04 4.96
N ARG A 484 22.80 -45.96 4.51
CA ARG A 484 21.72 -45.29 5.24
C ARG A 484 20.47 -45.27 4.37
N VAL A 485 19.68 -46.35 4.45
CA VAL A 485 18.44 -46.46 3.70
C VAL A 485 17.31 -45.80 4.50
N HIS A 486 16.60 -44.88 3.86
CA HIS A 486 15.50 -44.18 4.50
C HIS A 486 14.20 -44.93 4.28
N LYS A 487 13.57 -45.36 5.37
CA LYS A 487 12.33 -46.13 5.32
C LYS A 487 11.16 -45.20 5.59
N THR A 488 10.25 -45.09 4.62
CA THR A 488 9.13 -44.18 4.69
C THR A 488 7.82 -44.96 4.63
N GLN A 489 6.79 -44.41 5.28
CA GLN A 489 5.45 -45.00 5.24
C GLN A 489 4.43 -43.87 5.36
N VAL A 490 3.23 -44.14 4.86
CA VAL A 490 2.13 -43.18 4.86
C VAL A 490 0.91 -43.85 5.49
N THR A 491 0.30 -43.19 6.47
CA THR A 491 -0.86 -43.74 7.16
C THR A 491 -1.97 -42.69 7.22
N HIS A 492 -3.20 -43.18 7.18
CA HIS A 492 -4.39 -42.34 7.27
C HIS A 492 -5.09 -42.58 8.60
N THR A 493 -5.44 -41.50 9.30
CA THR A 493 -5.93 -41.58 10.66
C THR A 493 -7.21 -40.78 10.82
N ASN A 494 -8.15 -41.32 11.62
CA ASN A 494 -9.43 -40.66 11.85
C ASN A 494 -9.92 -40.76 13.29
N ASN A 495 -9.05 -41.11 14.24
CA ASN A 495 -9.50 -41.27 15.62
C ASN A 495 -9.59 -39.92 16.31
N ASN A 496 -10.27 -39.90 17.45
CA ASN A 496 -10.53 -38.67 18.20
C ASN A 496 -9.88 -38.77 19.58
N HIS A 497 -9.02 -37.78 19.88
CA HIS A 497 -8.44 -37.49 21.19
C HIS A 497 -7.42 -38.53 21.64
N HIS A 498 -7.29 -39.63 20.91
CA HIS A 498 -6.26 -40.64 21.15
C HIS A 498 -6.15 -41.48 19.89
N ASP A 499 -5.00 -41.40 19.21
CA ASP A 499 -4.82 -42.08 17.92
C ASP A 499 -3.52 -42.86 17.97
N GLU A 500 -3.57 -44.07 18.51
CA GLU A 500 -2.40 -44.92 18.64
C GLU A 500 -2.28 -45.78 17.38
N LYS A 501 -1.16 -45.62 16.67
CA LYS A 501 -0.90 -46.35 15.44
C LYS A 501 0.41 -47.12 15.59
N LEU A 502 0.36 -48.41 15.29
CA LEU A 502 1.51 -49.28 15.40
C LEU A 502 1.96 -49.73 14.01
N MET A 503 3.26 -49.81 13.80
CA MET A 503 3.85 -50.22 12.53
C MET A 503 4.80 -51.38 12.76
N SER A 504 4.94 -52.22 11.74
CA SER A 504 5.82 -53.38 11.79
C SER A 504 6.86 -53.38 10.68
N ALA A 505 6.83 -52.40 9.78
CA ALA A 505 7.80 -52.36 8.69
C ALA A 505 9.17 -51.91 9.17
N LEU A 506 9.22 -51.07 10.20
CA LEU A 506 10.48 -50.55 10.71
C LEU A 506 11.15 -51.60 11.59
N LYS A 507 12.20 -52.22 11.07
CA LYS A 507 12.98 -53.21 11.80
C LYS A 507 14.43 -52.80 12.00
N TRP A 508 15.00 -52.04 11.06
CA TRP A 508 16.36 -51.56 11.18
C TRP A 508 16.44 -50.47 12.23
N PRO A 509 17.63 -50.23 12.81
CA PRO A 509 17.79 -49.14 13.77
C PRO A 509 17.48 -47.78 13.15
N ILE A 510 16.90 -46.90 13.95
CA ILE A 510 16.31 -45.65 13.47
C ILE A 510 17.06 -44.47 14.10
N GLU A 511 17.55 -43.59 13.25
CA GLU A 511 18.21 -42.34 13.65
C GLU A 511 17.12 -41.26 13.71
N TYR A 512 17.51 -39.98 13.67
CA TYR A 512 16.59 -38.84 13.63
C TYR A 512 15.50 -39.04 12.57
N MET A 513 14.27 -38.73 12.97
CA MET A 513 13.09 -39.10 12.20
C MET A 513 12.16 -37.89 12.09
N PHE A 514 11.89 -37.47 10.86
CA PHE A 514 10.94 -36.39 10.59
C PHE A 514 9.55 -36.98 10.42
N ILE A 515 8.57 -36.39 11.09
CA ILE A 515 7.18 -36.79 10.95
C ILE A 515 6.34 -35.55 10.67
N GLY A 516 5.40 -35.68 9.74
CA GLY A 516 4.50 -34.60 9.41
C GLY A 516 3.07 -35.10 9.34
N LEU A 517 2.16 -34.43 10.02
CA LEU A 517 0.76 -34.82 10.06
C LEU A 517 -0.01 -33.81 9.21
N LYS A 518 -0.12 -34.09 7.93
CA LYS A 518 -0.82 -33.22 7.00
C LYS A 518 -2.31 -33.52 7.02
N PRO A 519 -3.18 -32.52 7.13
CA PRO A 519 -4.61 -32.79 7.02
C PRO A 519 -4.96 -33.34 5.64
N THR A 520 -5.93 -34.25 5.61
CA THR A 520 -6.38 -34.83 4.35
C THR A 520 -7.04 -33.79 3.46
N TRP A 521 -7.65 -32.76 4.06
CA TRP A 521 -8.26 -31.67 3.31
C TRP A 521 -7.23 -30.84 2.54
N ASN A 522 -5.95 -30.90 2.93
CA ASN A 522 -4.92 -30.15 2.21
C ASN A 522 -4.74 -30.66 0.79
N ILE A 523 -4.74 -31.97 0.60
CA ILE A 523 -4.59 -32.57 -0.72
C ILE A 523 -5.92 -33.00 -1.30
N SER A 524 -7.03 -32.67 -0.64
CA SER A 524 -8.34 -33.06 -1.15
C SER A 524 -8.73 -32.23 -2.36
N ASP A 525 -9.49 -32.85 -3.26
CA ASP A 525 -9.93 -32.14 -4.47
C ASP A 525 -10.96 -31.07 -4.13
N GLN A 526 -11.71 -31.24 -3.05
CA GLN A 526 -12.72 -30.27 -2.66
C GLN A 526 -12.12 -28.98 -2.12
N ASN A 527 -10.83 -28.96 -1.80
CA ASN A 527 -10.18 -27.75 -1.31
C ASN A 527 -9.99 -26.76 -2.46
N PRO A 528 -10.55 -25.55 -2.36
CA PRO A 528 -10.23 -24.53 -3.37
C PRO A 528 -8.76 -24.14 -3.37
N HIS A 529 -8.11 -24.16 -2.20
CA HIS A 529 -6.70 -23.86 -2.07
C HIS A 529 -5.84 -25.12 -1.95
N GLN A 530 -6.23 -26.19 -2.66
CA GLN A 530 -5.48 -27.44 -2.62
C GLN A 530 -4.08 -27.26 -3.18
N HIS A 531 -3.96 -26.54 -4.29
CA HIS A 531 -2.66 -26.39 -4.94
C HIS A 531 -1.72 -25.52 -4.13
N ARG A 532 -2.25 -24.49 -3.48
CA ARG A 532 -1.40 -23.58 -2.69
C ARG A 532 -1.01 -24.20 -1.35
N ASP A 533 -1.87 -25.02 -0.76
CA ASP A 533 -1.68 -25.49 0.61
C ASP A 533 -1.40 -26.98 0.70
N TRP A 534 -0.91 -27.60 -0.38
CA TRP A 534 -0.64 -29.04 -0.34
C TRP A 534 0.58 -29.36 0.51
N HIS A 535 1.60 -28.51 0.47
CA HIS A 535 2.86 -28.77 1.17
C HIS A 535 2.89 -28.15 2.56
N LYS A 536 1.83 -28.39 3.35
CA LYS A 536 1.69 -27.78 4.66
C LYS A 536 1.10 -28.81 5.60
N PHE A 537 1.83 -29.12 6.68
CA PHE A 537 1.44 -30.15 7.62
C PHE A 537 0.63 -29.62 8.80
N GLY A 538 -0.09 -28.51 8.62
CA GLY A 538 -0.95 -27.99 9.66
C GLY A 538 -2.27 -27.54 9.09
N HIS A 539 -3.15 -27.13 10.00
CA HIS A 539 -4.48 -26.65 9.61
C HIS A 539 -4.34 -25.27 8.99
N VAL A 540 -4.67 -25.13 7.72
CA VAL A 540 -4.44 -23.89 6.98
C VAL A 540 -5.70 -23.04 6.99
N VAL A 541 -5.55 -21.77 7.33
CA VAL A 541 -6.61 -20.78 7.23
C VAL A 541 -6.08 -19.60 6.43
N ASN A 542 -6.98 -18.68 6.10
CA ASN A 542 -6.65 -17.53 5.25
C ASN A 542 -7.00 -16.24 5.98
N ALA A 543 -6.02 -15.36 6.15
CA ALA A 543 -6.27 -14.00 6.59
C ALA A 543 -6.38 -13.12 5.36
N ILE A 544 -7.51 -12.45 5.21
CA ILE A 544 -7.79 -11.65 4.01
C ILE A 544 -7.72 -10.18 4.40
N MET A 545 -6.72 -9.49 3.83
CA MET A 545 -6.77 -8.04 3.76
C MET A 545 -7.68 -7.62 2.62
N GLN A 546 -8.50 -6.60 2.88
CA GLN A 546 -9.33 -5.96 1.86
C GLN A 546 -8.99 -4.49 1.91
N PRO A 547 -7.83 -4.09 1.37
CA PRO A 547 -7.39 -2.70 1.53
C PRO A 547 -8.16 -1.72 0.67
N THR A 548 -9.05 -0.97 1.30
CA THR A 548 -9.88 0.00 0.60
C THR A 548 -9.12 1.31 0.40
N HIS A 549 -9.63 2.13 -0.51
CA HIS A 549 -9.09 3.46 -0.77
C HIS A 549 -10.12 4.48 -0.30
N HIS A 550 -10.06 4.81 1.00
CA HIS A 550 -11.05 5.68 1.59
C HIS A 550 -10.72 7.14 1.29
N ALA A 551 -11.71 7.87 0.80
CA ALA A 551 -11.56 9.29 0.51
C ALA A 551 -12.87 10.01 0.80
N GLU A 552 -12.79 11.10 1.56
CA GLU A 552 -13.97 11.82 2.03
C GLU A 552 -13.96 13.22 1.42
N ILE A 553 -15.06 13.57 0.76
CA ILE A 553 -15.16 14.80 -0.01
C ILE A 553 -16.36 15.60 0.49
N SER A 554 -16.18 16.90 0.69
CA SER A 554 -17.26 17.80 1.08
C SER A 554 -17.57 18.74 -0.07
N PHE A 555 -18.85 19.09 -0.21
CA PHE A 555 -19.33 19.86 -1.35
C PHE A 555 -19.68 21.30 -1.00
N GLN A 556 -20.23 21.54 0.19
CA GLN A 556 -21.01 22.75 0.43
C GLN A 556 -20.14 23.98 0.61
N ASP A 557 -18.99 23.83 1.27
CA ASP A 557 -18.11 24.88 1.81
C ASP A 557 -18.79 25.67 2.92
N ARG A 558 -19.93 25.20 3.45
CA ARG A 558 -20.61 25.82 4.58
C ARG A 558 -20.79 24.89 5.77
N ASP A 559 -21.28 23.66 5.53
CA ASP A 559 -21.52 22.73 6.63
C ASP A 559 -20.21 22.13 7.14
N THR A 560 -19.46 21.48 6.24
CA THR A 560 -18.03 21.16 6.37
C THR A 560 -17.58 20.48 7.66
N ALA A 561 -18.46 19.71 8.30
CA ALA A 561 -18.05 18.97 9.49
C ALA A 561 -18.14 17.46 9.27
N LEU A 562 -19.31 16.97 8.89
CA LEU A 562 -19.44 15.63 8.37
C LEU A 562 -19.32 15.69 6.86
N PRO A 563 -18.50 14.86 6.23
CA PRO A 563 -18.29 14.98 4.78
C PRO A 563 -19.56 14.69 3.99
N ASP A 564 -19.68 15.36 2.86
CA ASP A 564 -20.87 15.21 2.02
C ASP A 564 -20.85 13.93 1.20
N ALA A 565 -19.69 13.29 1.04
CA ALA A 565 -19.60 12.01 0.35
C ALA A 565 -18.34 11.29 0.81
N CYS A 566 -18.33 9.98 0.58
CA CYS A 566 -17.18 9.15 0.92
C CYS A 566 -16.95 8.18 -0.24
N SER A 567 -15.97 7.31 -0.08
CA SER A 567 -15.62 6.32 -1.09
C SER A 567 -14.89 5.18 -0.41
N SER A 568 -15.13 3.95 -0.87
CA SER A 568 -14.55 2.76 -0.26
C SER A 568 -14.06 1.79 -1.32
N ILE A 569 -13.26 2.29 -2.28
CA ILE A 569 -12.82 1.48 -3.41
C ILE A 569 -11.88 0.40 -2.92
N SER A 570 -12.35 -0.84 -2.94
CA SER A 570 -11.53 -1.99 -2.60
C SER A 570 -10.73 -2.45 -3.82
N ASP A 571 -9.66 -3.18 -3.56
CA ASP A 571 -8.92 -3.82 -4.63
C ASP A 571 -9.69 -5.02 -5.16
N ILE A 572 -9.38 -5.40 -6.41
CA ILE A 572 -10.07 -6.52 -7.04
C ILE A 572 -9.70 -7.82 -6.35
N SER A 573 -8.41 -8.05 -6.14
CA SER A 573 -7.93 -9.28 -5.53
C SER A 573 -7.52 -9.02 -4.09
N PRO A 574 -8.23 -9.57 -3.11
CA PRO A 574 -7.84 -9.37 -1.72
C PRO A 574 -6.58 -10.15 -1.37
N VAL A 575 -5.88 -9.66 -0.36
CA VAL A 575 -4.59 -10.24 0.01
C VAL A 575 -4.81 -11.41 0.95
N THR A 576 -4.35 -12.60 0.56
CA THR A 576 -4.59 -13.82 1.31
C THR A 576 -3.28 -14.31 1.91
N TYR A 577 -3.20 -14.26 3.24
CA TYR A 577 -2.08 -14.86 3.97
C TYR A 577 -2.47 -16.26 4.42
N PRO A 578 -1.74 -17.30 4.02
CA PRO A 578 -2.02 -18.65 4.52
C PRO A 578 -1.35 -18.89 5.86
N ILE A 579 -2.16 -19.09 6.89
CA ILE A 579 -1.67 -19.38 8.23
C ILE A 579 -1.71 -20.88 8.44
N THR A 580 -0.59 -21.45 8.89
CA THR A 580 -0.52 -22.86 9.25
C THR A 580 -0.67 -22.94 10.77
N LEU A 581 -1.91 -23.08 11.23
CA LEU A 581 -2.17 -23.37 12.62
C LEU A 581 -1.68 -24.78 12.94
N PRO A 582 -1.22 -25.02 14.18
CA PRO A 582 -0.72 -26.35 14.54
C PRO A 582 -1.82 -27.40 14.52
N ILE A 583 -1.42 -28.62 14.18
CA ILE A 583 -2.35 -29.73 14.03
C ILE A 583 -2.28 -30.71 15.20
N ILE A 584 -1.20 -30.71 15.97
CA ILE A 584 -0.98 -31.67 17.05
C ILE A 584 -0.83 -30.88 18.35
N LYS A 585 -1.48 -31.37 19.41
CA LYS A 585 -1.28 -30.79 20.73
C LYS A 585 -0.22 -31.51 21.54
N ASN A 586 -0.23 -32.85 21.56
CA ASN A 586 0.74 -33.61 22.33
C ASN A 586 1.10 -34.86 21.53
N ILE A 587 2.24 -34.81 20.83
CA ILE A 587 2.75 -35.97 20.12
C ILE A 587 3.40 -36.93 21.11
N SER A 588 3.38 -38.22 20.78
CA SER A 588 3.99 -39.23 21.64
C SER A 588 4.40 -40.43 20.81
N VAL A 589 5.58 -40.96 21.10
CA VAL A 589 6.12 -42.15 20.45
C VAL A 589 6.53 -43.11 21.55
N THR A 590 5.78 -44.20 21.71
CA THR A 590 6.04 -45.17 22.77
C THR A 590 6.76 -46.37 22.19
N ALA A 591 7.82 -46.81 22.87
CA ALA A 591 8.64 -47.93 22.41
C ALA A 591 8.00 -49.25 22.82
N HIS A 592 8.76 -50.33 22.68
CA HIS A 592 8.24 -51.66 23.01
C HIS A 592 8.05 -51.83 24.51
N GLY A 593 9.06 -51.44 25.31
CA GLY A 593 9.00 -51.64 26.74
C GLY A 593 9.06 -50.37 27.56
N ILE A 594 9.74 -49.34 27.04
CA ILE A 594 9.91 -48.10 27.76
C ILE A 594 8.93 -47.06 27.22
N ASN A 595 8.78 -45.96 27.96
CA ASN A 595 7.81 -44.93 27.58
C ASN A 595 8.26 -44.17 26.34
N LEU A 596 9.57 -43.89 26.24
CA LEU A 596 10.20 -43.15 25.13
C LEU A 596 9.56 -41.76 25.06
N ILE A 597 8.95 -41.37 23.95
CA ILE A 597 8.34 -40.05 23.81
C ILE A 597 6.91 -40.12 24.31
N ASP A 598 6.59 -39.33 25.33
CA ASP A 598 5.28 -39.38 25.99
C ASP A 598 4.74 -37.97 26.14
N LYS A 599 3.76 -37.63 25.29
CA LYS A 599 2.97 -36.40 25.38
C LYS A 599 3.83 -35.14 25.32
N PHE A 600 4.85 -35.15 24.47
CA PHE A 600 5.61 -33.94 24.21
C PHE A 600 4.76 -32.97 23.37
N PRO A 601 4.77 -31.68 23.70
CA PRO A 601 4.03 -30.72 22.88
C PRO A 601 4.64 -30.58 21.50
N SER A 602 3.80 -30.15 20.55
CA SER A 602 4.24 -30.06 19.16
C SER A 602 5.27 -28.96 18.97
N LYS A 603 5.21 -27.90 19.78
CA LYS A 603 6.21 -26.84 19.69
C LYS A 603 7.57 -27.33 20.18
N PHE A 604 7.59 -28.31 21.09
CA PHE A 604 8.86 -28.88 21.52
C PHE A 604 9.51 -29.70 20.42
N CYS A 605 8.74 -30.57 19.75
CA CYS A 605 9.28 -31.45 18.73
C CYS A 605 9.40 -30.79 17.37
N SER A 606 8.78 -29.63 17.17
CA SER A 606 8.78 -28.95 15.88
C SER A 606 9.74 -27.77 15.83
N SER A 607 10.04 -27.16 16.97
CA SER A 607 10.90 -25.99 17.01
C SER A 607 12.19 -26.22 17.77
N TYR A 608 12.12 -26.80 18.98
CA TYR A 608 13.34 -26.94 19.79
C TYR A 608 14.25 -28.03 19.24
N ILE A 609 13.69 -29.19 18.88
CA ILE A 609 14.53 -30.30 18.41
C ILE A 609 15.25 -29.99 17.10
N PRO A 610 14.63 -29.39 16.09
CA PRO A 610 15.44 -28.91 14.95
C PRO A 610 16.43 -27.81 15.34
N PHE A 611 16.13 -27.01 16.37
CA PHE A 611 17.02 -25.93 16.75
C PHE A 611 18.30 -26.44 17.42
N HIS A 612 18.17 -27.48 18.25
CA HIS A 612 19.32 -27.97 19.02
C HIS A 612 20.01 -29.14 18.33
N TYR A 613 19.24 -30.07 17.77
CA TYR A 613 19.78 -31.27 17.15
C TYR A 613 19.80 -31.13 15.64
N GLY A 614 20.89 -31.58 15.02
CA GLY A 614 21.02 -31.63 13.57
C GLY A 614 22.18 -30.80 13.04
N GLY A 615 22.52 -29.71 13.72
CA GLY A 615 23.59 -28.87 13.23
C GLY A 615 23.11 -28.00 12.07
N ASN A 616 24.07 -27.63 11.21
CA ASN A 616 23.77 -26.71 10.10
C ASN A 616 22.92 -27.37 9.03
N ALA A 617 22.95 -28.70 8.93
CA ALA A 617 22.21 -29.38 7.86
C ALA A 617 20.71 -29.36 8.11
N ILE A 618 20.29 -29.53 9.37
CA ILE A 618 18.88 -29.63 9.71
C ILE A 618 18.39 -28.25 10.11
N LYS A 619 17.67 -27.59 9.21
CA LYS A 619 17.04 -26.32 9.54
C LYS A 619 15.72 -26.55 10.24
N THR A 620 15.20 -25.49 10.85
CA THR A 620 13.88 -25.56 11.45
C THR A 620 12.82 -25.18 10.42
N PRO A 621 11.84 -26.03 10.15
CA PRO A 621 10.81 -25.69 9.17
C PRO A 621 9.91 -24.57 9.68
N ASP A 622 9.42 -23.76 8.74
CA ASP A 622 8.44 -22.73 9.06
C ASP A 622 7.07 -23.33 9.38
N ASP A 623 6.83 -24.58 8.98
CA ASP A 623 5.57 -25.25 9.22
C ASP A 623 5.57 -25.83 10.62
N PRO A 624 4.71 -25.37 11.53
CA PRO A 624 4.72 -25.93 12.89
C PRO A 624 4.16 -27.33 12.98
N GLY A 625 3.38 -27.77 11.98
CA GLY A 625 2.87 -29.13 11.99
C GLY A 625 3.97 -30.16 11.77
N ALA A 626 4.91 -29.85 10.89
CA ALA A 626 6.06 -30.73 10.68
C ALA A 626 6.96 -30.71 11.90
N MET A 627 7.43 -31.88 12.31
CA MET A 627 8.25 -31.99 13.51
C MET A 627 9.22 -33.15 13.34
N MET A 628 10.09 -33.31 14.33
CA MET A 628 11.05 -34.40 14.28
C MET A 628 11.26 -34.98 15.67
N ILE A 629 11.58 -36.27 15.71
CA ILE A 629 11.95 -37.00 16.92
C ILE A 629 13.38 -37.46 16.76
N THR A 630 14.23 -37.13 17.74
CA THR A 630 15.64 -37.45 17.67
C THR A 630 15.94 -38.74 18.42
N PHE A 631 16.98 -39.44 17.96
CA PHE A 631 17.45 -40.67 18.58
C PHE A 631 18.95 -40.69 18.82
N ALA A 632 19.71 -39.76 18.26
CA ALA A 632 21.16 -39.73 18.41
C ALA A 632 21.61 -38.31 18.77
N LEU A 633 22.74 -38.24 19.47
CA LEU A 633 23.30 -36.94 19.83
C LEU A 633 23.84 -36.19 18.61
N LYS A 634 24.40 -36.91 17.64
CA LYS A 634 25.05 -36.31 16.47
C LYS A 634 24.34 -36.82 15.22
N PRO A 635 23.29 -36.13 14.76
CA PRO A 635 22.58 -36.56 13.55
C PRO A 635 23.41 -36.46 12.29
N ARG A 636 23.97 -35.28 12.03
CA ARG A 636 24.77 -35.03 10.84
C ARG A 636 26.16 -34.48 11.19
N GLU A 637 26.46 -34.30 12.48
CA GLU A 637 27.74 -33.73 12.89
C GLU A 637 28.90 -34.67 12.58
N GLU A 638 28.65 -35.97 12.49
CA GLU A 638 29.68 -36.93 12.14
C GLU A 638 29.05 -38.14 11.48
N TYR A 639 29.87 -38.90 10.74
CA TYR A 639 29.43 -40.11 10.06
C TYR A 639 29.78 -41.30 10.95
N GLN A 640 28.98 -41.48 12.00
CA GLN A 640 29.13 -42.57 12.96
C GLN A 640 27.86 -42.69 13.80
N PRO A 641 27.33 -43.90 13.99
CA PRO A 641 26.10 -44.05 14.79
C PRO A 641 26.32 -43.75 16.26
N SER A 642 25.66 -42.69 16.75
CA SER A 642 25.78 -42.27 18.14
C SER A 642 24.51 -42.56 18.95
N GLY A 643 23.63 -43.42 18.43
CA GLY A 643 22.41 -43.77 19.12
C GLY A 643 21.27 -44.11 18.18
N HIS A 644 20.56 -45.19 18.47
CA HIS A 644 19.47 -45.66 17.63
C HIS A 644 18.56 -46.55 18.48
N ILE A 645 17.65 -47.26 17.81
CA ILE A 645 16.75 -48.18 18.50
C ILE A 645 17.23 -49.61 18.36
N PHE A 653 7.35 -49.33 19.10
CA PHE A 653 7.36 -48.17 18.21
C PHE A 653 5.94 -47.81 17.78
N TYR A 654 5.38 -46.79 18.45
CA TYR A 654 4.02 -46.35 18.18
C TYR A 654 4.03 -44.87 17.80
N ILE A 655 2.92 -44.40 17.26
CA ILE A 655 2.72 -42.99 16.96
C ILE A 655 1.37 -42.59 17.54
N SER A 656 1.36 -41.55 18.38
CA SER A 656 0.10 -41.11 18.98
C SER A 656 0.15 -39.61 19.21
N TRP A 657 -0.94 -38.92 18.88
CA TRP A 657 -1.09 -37.50 19.12
C TRP A 657 -2.46 -37.24 19.74
N ASP A 658 -2.49 -36.31 20.71
CA ASP A 658 -3.74 -35.92 21.36
C ASP A 658 -4.24 -34.60 20.75
N THR A 659 -4.62 -34.68 19.48
CA THR A 659 -5.02 -33.48 18.75
C THR A 659 -6.43 -33.05 19.12
N ASP A 660 -6.84 -31.91 18.54
CA ASP A 660 -8.19 -31.39 18.72
C ASP A 660 -8.87 -31.04 17.39
N TYR A 661 -8.28 -31.44 16.26
CA TYR A 661 -8.85 -31.18 14.94
C TYR A 661 -9.47 -32.43 14.31
N VAL A 662 -8.86 -33.59 14.50
CA VAL A 662 -9.30 -34.80 13.82
C VAL A 662 -10.59 -35.30 14.45
N GLY A 663 -11.62 -35.49 13.63
CA GLY A 663 -12.90 -35.99 14.11
C GLY A 663 -13.56 -36.96 13.16
N SER A 664 -14.89 -36.95 13.11
CA SER A 664 -15.60 -37.84 12.19
C SER A 664 -15.46 -37.38 10.75
N ILE A 665 -15.62 -36.09 10.50
CA ILE A 665 -15.52 -35.55 9.15
C ILE A 665 -14.13 -34.98 8.85
N THR A 666 -13.31 -34.74 9.86
CA THR A 666 -11.95 -34.24 9.68
C THR A 666 -10.97 -35.36 10.02
N THR A 667 -10.11 -35.70 9.07
CA THR A 667 -9.14 -36.78 9.22
C THR A 667 -7.74 -36.21 9.07
N ALA A 668 -6.75 -37.10 9.04
CA ALA A 668 -5.36 -36.67 8.99
C ALA A 668 -4.52 -37.73 8.30
N ASP A 669 -3.31 -37.34 7.91
CA ASP A 669 -2.41 -38.17 7.11
C ASP A 669 -1.01 -38.02 7.67
N LEU A 670 -0.50 -39.08 8.28
CA LEU A 670 0.85 -39.12 8.82
C LEU A 670 1.82 -39.58 7.74
N VAL A 671 2.89 -38.80 7.54
CA VAL A 671 3.98 -39.18 6.65
C VAL A 671 5.29 -39.07 7.44
N VAL A 672 6.21 -40.01 7.18
CA VAL A 672 7.43 -40.13 7.97
C VAL A 672 8.64 -40.17 7.05
N SER A 673 9.80 -39.91 7.64
CA SER A 673 11.09 -40.05 6.95
C SER A 673 12.14 -40.30 8.03
N ALA A 674 12.61 -41.54 8.13
CA ALA A 674 13.57 -41.94 9.15
C ALA A 674 14.90 -42.30 8.51
N SER A 675 15.98 -41.79 9.09
CA SER A 675 17.33 -42.02 8.56
C SER A 675 17.89 -43.36 9.08
N ALA A 676 17.24 -44.44 8.68
CA ALA A 676 17.62 -45.77 9.16
C ALA A 676 18.92 -46.23 8.52
N ILE A 677 19.49 -47.29 9.09
CA ILE A 677 20.80 -47.80 8.69
C ILE A 677 20.61 -49.22 8.18
N ASN A 678 21.18 -49.50 6.99
CA ASN A 678 21.09 -50.80 6.36
C ASN A 678 22.49 -51.31 6.02
N PHE A 679 22.57 -52.60 5.72
CA PHE A 679 23.82 -53.24 5.35
C PHE A 679 23.73 -53.74 3.91
N LEU A 680 24.75 -53.42 3.11
CA LEU A 680 24.80 -53.82 1.71
C LEU A 680 26.08 -54.61 1.46
N LEU A 681 25.94 -55.74 0.77
CA LEU A 681 27.09 -56.57 0.44
C LEU A 681 26.96 -57.16 -0.97
N GLU B 1 -10.49 44.30 26.17
CA GLU B 1 -9.73 44.94 25.10
C GLU B 1 -10.45 44.82 23.76
N VAL B 2 -10.81 43.60 23.40
CA VAL B 2 -11.49 43.37 22.12
C VAL B 2 -12.95 43.80 22.24
N LYS B 3 -13.40 44.59 21.26
CA LYS B 3 -14.74 45.15 21.27
C LYS B 3 -15.35 45.09 19.87
N LEU B 4 -16.67 44.96 19.83
CA LEU B 4 -17.47 45.00 18.61
C LEU B 4 -18.61 46.00 18.76
N VAL B 5 -18.28 47.22 19.19
CA VAL B 5 -19.31 48.24 19.39
C VAL B 5 -19.86 48.68 18.04
N GLU B 6 -21.17 48.90 17.97
CA GLU B 6 -21.84 49.29 16.75
C GLU B 6 -22.82 50.43 17.03
N SER B 7 -23.22 51.10 15.95
CA SER B 7 -24.15 52.21 16.04
C SER B 7 -24.90 52.31 14.71
N GLY B 8 -25.65 53.40 14.54
CA GLY B 8 -26.34 53.65 13.30
C GLY B 8 -27.79 53.20 13.26
N GLY B 9 -28.39 52.91 14.40
CA GLY B 9 -29.77 52.46 14.44
C GLY B 9 -30.62 53.35 15.34
N GLY B 10 -31.88 53.48 14.97
CA GLY B 10 -32.81 54.27 15.73
C GLY B 10 -34.23 54.03 15.28
N LEU B 11 -35.12 54.93 15.71
CA LEU B 11 -36.53 54.82 15.37
C LEU B 11 -36.73 55.30 13.95
N VAL B 12 -37.27 54.42 13.09
CA VAL B 12 -37.52 54.75 11.69
C VAL B 12 -38.93 54.31 11.35
N GLN B 13 -39.52 54.97 10.35
CA GLN B 13 -40.85 54.60 9.90
C GLN B 13 -40.81 53.25 9.18
N PRO B 14 -41.92 52.50 9.19
CA PRO B 14 -41.96 51.24 8.45
C PRO B 14 -41.83 51.46 6.95
N GLY B 15 -41.28 50.47 6.26
CA GLY B 15 -40.95 50.62 4.86
C GLY B 15 -39.81 51.58 4.62
N GLY B 16 -38.81 51.58 5.50
CA GLY B 16 -37.65 52.45 5.35
C GLY B 16 -36.35 51.68 5.36
N SER B 17 -35.23 52.40 5.31
CA SER B 17 -33.91 51.79 5.25
C SER B 17 -33.06 52.29 6.41
N LEU B 18 -32.20 51.41 6.90
CA LEU B 18 -31.25 51.77 7.96
C LEU B 18 -29.87 51.22 7.63
N ARG B 19 -28.85 51.91 8.13
CA ARG B 19 -27.45 51.56 7.91
C ARG B 19 -26.80 51.32 9.27
N LEU B 20 -26.51 50.07 9.59
CA LEU B 20 -25.83 49.74 10.83
C LEU B 20 -24.33 49.54 10.55
N SER B 21 -23.50 50.32 11.21
CA SER B 21 -22.05 50.22 11.08
C SER B 21 -21.49 49.63 12.37
N CYS B 22 -20.71 48.57 12.24
CA CYS B 22 -20.07 47.91 13.38
C CYS B 22 -18.57 48.02 13.22
N VAL B 23 -17.91 48.58 14.22
CA VAL B 23 -16.46 48.77 14.22
C VAL B 23 -15.84 47.79 15.21
N GLY B 24 -14.62 47.37 14.91
CA GLY B 24 -13.88 46.46 15.77
C GLY B 24 -12.50 47.01 16.07
N SER B 25 -11.98 46.69 17.26
CA SER B 25 -10.70 47.23 17.71
C SER B 25 -9.83 46.12 18.27
N GLY B 26 -8.60 46.03 17.78
CA GLY B 26 -7.57 45.22 18.40
C GLY B 26 -7.73 43.72 18.28
N PHE B 27 -8.41 43.23 17.25
CA PHE B 27 -8.55 41.78 17.09
C PHE B 27 -8.42 41.34 15.64
N THR B 28 -7.65 42.10 14.83
CA THR B 28 -7.40 41.90 13.40
C THR B 28 -8.67 41.54 12.62
N PHE B 29 -9.57 42.54 12.51
CA PHE B 29 -10.92 42.36 11.98
C PHE B 29 -10.94 41.76 10.58
N SER B 30 -9.91 41.97 9.78
CA SER B 30 -9.89 41.45 8.41
C SER B 30 -9.76 39.93 8.36
N SER B 31 -9.26 39.30 9.42
CA SER B 31 -9.02 37.87 9.41
C SER B 31 -10.18 37.05 9.98
N TYR B 32 -11.17 37.68 10.59
CA TYR B 32 -12.26 37.00 11.27
C TYR B 32 -13.59 37.39 10.65
N GLU B 33 -14.48 36.40 10.50
CA GLU B 33 -15.81 36.65 9.98
C GLU B 33 -16.65 37.43 10.98
N ILE B 34 -17.69 38.09 10.49
CA ILE B 34 -18.62 38.82 11.34
C ILE B 34 -20.04 38.60 10.83
N ASN B 35 -20.94 38.29 11.77
CA ASN B 35 -22.34 38.03 11.50
C ASN B 35 -23.20 39.11 12.14
N TRP B 36 -24.45 39.17 11.73
CA TRP B 36 -25.45 40.05 12.32
C TRP B 36 -26.60 39.19 12.81
N VAL B 37 -26.97 39.34 14.09
CA VAL B 37 -27.94 38.49 14.76
C VAL B 37 -29.01 39.38 15.39
N ARG B 38 -30.28 39.02 15.19
CA ARG B 38 -31.42 39.75 15.71
C ARG B 38 -31.92 39.09 16.99
N GLN B 39 -32.24 39.90 18.00
CA GLN B 39 -32.91 39.43 19.20
C GLN B 39 -34.18 40.23 19.41
N ALA B 40 -35.33 39.59 19.24
CA ALA B 40 -36.59 40.21 19.57
C ALA B 40 -36.70 40.39 21.09
N PRO B 41 -37.50 41.35 21.54
CA PRO B 41 -37.63 41.56 23.00
C PRO B 41 -38.20 40.37 23.76
N GLY B 42 -38.98 39.52 23.12
CA GLY B 42 -39.53 38.37 23.83
C GLY B 42 -39.62 37.09 23.00
N LYS B 43 -39.05 37.09 21.80
CA LYS B 43 -39.13 35.94 20.91
C LYS B 43 -37.77 35.27 20.69
N GLY B 44 -36.77 35.61 21.50
CA GLY B 44 -35.49 34.94 21.42
C GLY B 44 -34.61 35.45 20.28
N LEU B 45 -33.46 34.79 20.14
CA LEU B 45 -32.47 35.16 19.14
C LEU B 45 -32.96 34.79 17.74
N GLU B 46 -32.33 35.41 16.74
CA GLU B 46 -32.57 35.09 15.34
C GLU B 46 -31.37 35.55 14.52
N TRP B 47 -30.79 34.63 13.77
CA TRP B 47 -29.59 34.91 13.00
C TRP B 47 -29.98 35.52 11.66
N LEU B 48 -29.44 36.71 11.36
CA LEU B 48 -29.80 37.45 10.15
C LEU B 48 -28.81 37.22 9.01
N ALA B 49 -27.54 37.59 9.19
CA ALA B 49 -26.67 37.70 8.04
C ALA B 49 -25.23 37.35 8.41
N VAL B 50 -24.44 37.06 7.38
CA VAL B 50 -23.03 36.74 7.47
C VAL B 50 -22.28 37.56 6.44
N VAL B 51 -21.11 38.08 6.78
CA VAL B 51 -20.15 38.49 5.75
C VAL B 51 -18.80 37.84 6.07
N SER B 52 -18.14 37.34 5.03
CA SER B 52 -16.99 36.46 5.20
C SER B 52 -15.74 37.27 5.48
N LYS B 53 -14.57 36.60 5.46
CA LYS B 53 -13.32 37.23 5.83
C LYS B 53 -12.88 38.28 4.81
N ILE B 54 -12.90 37.91 3.53
CA ILE B 54 -12.46 38.83 2.48
C ILE B 54 -13.47 39.95 2.29
N GLY B 55 -14.75 39.61 2.24
CA GLY B 55 -15.79 40.58 2.01
C GLY B 55 -16.88 40.06 1.08
N ASP B 56 -16.51 39.09 0.25
CA ASP B 56 -17.44 38.44 -0.65
C ASP B 56 -18.04 37.23 0.06
N ARG B 57 -18.72 36.38 -0.72
CA ARG B 57 -19.37 35.15 -0.24
C ARG B 57 -20.36 35.43 0.89
N THR B 58 -21.38 36.23 0.57
CA THR B 58 -22.44 36.51 1.52
C THR B 58 -23.62 35.55 1.33
N TYR B 59 -24.19 35.13 2.46
CA TYR B 59 -25.43 34.35 2.49
C TYR B 59 -26.25 34.82 3.67
N TYR B 60 -27.55 34.96 3.46
CA TYR B 60 -28.47 35.52 4.44
C TYR B 60 -29.34 34.42 5.03
N ALA B 61 -30.33 34.83 5.82
CA ALA B 61 -31.32 33.91 6.36
C ALA B 61 -32.50 33.81 5.40
N ASP B 62 -33.31 32.76 5.60
CA ASP B 62 -34.44 32.53 4.72
C ASP B 62 -35.51 33.60 4.89
N SER B 63 -35.70 34.08 6.13
CA SER B 63 -36.75 35.07 6.39
C SER B 63 -36.38 36.45 5.89
N VAL B 64 -35.09 36.76 5.76
CA VAL B 64 -34.65 38.11 5.39
C VAL B 64 -33.74 38.06 4.16
N ARG B 65 -33.94 37.08 3.29
CA ARG B 65 -33.15 36.99 2.07
C ARG B 65 -33.56 38.10 1.11
N GLY B 66 -32.60 38.92 0.70
CA GLY B 66 -32.86 40.02 -0.21
C GLY B 66 -33.26 41.30 0.50
N ARG B 67 -33.99 41.17 1.60
CA ARG B 67 -34.39 42.33 2.38
C ARG B 67 -33.20 43.03 3.00
N LEU B 68 -32.23 42.26 3.52
CA LEU B 68 -31.06 42.80 4.19
C LEU B 68 -29.84 42.57 3.31
N THR B 69 -29.05 43.61 3.09
CA THR B 69 -27.81 43.47 2.32
C THR B 69 -26.63 43.86 3.18
N ILE B 70 -25.67 42.95 3.32
CA ILE B 70 -24.52 43.15 4.17
C ILE B 70 -23.33 43.58 3.33
N SER B 71 -22.36 44.22 3.98
CA SER B 71 -21.15 44.68 3.31
C SER B 71 -20.05 44.78 4.35
N ARG B 72 -18.81 44.87 3.88
CA ARG B 72 -17.66 44.85 4.77
C ARG B 72 -16.51 45.62 4.16
N ASP B 73 -15.87 46.45 4.98
CA ASP B 73 -14.66 47.18 4.58
C ASP B 73 -13.59 46.92 5.64
N ASN B 74 -12.55 46.18 5.24
CA ASN B 74 -11.48 45.83 6.16
C ASN B 74 -10.46 46.95 6.34
N SER B 75 -10.50 47.98 5.50
CA SER B 75 -9.52 49.06 5.60
C SER B 75 -9.74 49.89 6.88
N GLN B 76 -10.99 50.26 7.15
CA GLN B 76 -11.33 51.01 8.35
C GLN B 76 -12.00 50.14 9.40
N ASN B 77 -11.94 48.80 9.24
CA ASN B 77 -12.44 47.83 10.23
C ASN B 77 -13.93 48.01 10.51
N THR B 78 -14.74 47.92 9.44
CA THR B 78 -16.18 48.17 9.54
C THR B 78 -16.96 47.08 8.84
N ALA B 79 -18.11 46.73 9.41
CA ALA B 79 -19.09 45.88 8.76
C ALA B 79 -20.44 46.59 8.76
N TYR B 80 -21.06 46.71 7.58
CA TYR B 80 -22.30 47.45 7.43
C TYR B 80 -23.45 46.49 7.12
N LEU B 81 -24.62 46.80 7.65
CA LEU B 81 -25.85 46.09 7.34
C LEU B 81 -26.87 47.10 6.86
N GLN B 82 -27.43 46.87 5.67
CA GLN B 82 -28.47 47.71 5.10
C GLN B 82 -29.81 47.01 5.26
N MET B 83 -30.71 47.64 6.01
CA MET B 83 -32.10 47.22 6.10
C MET B 83 -32.87 48.04 5.08
N ASN B 84 -33.05 47.48 3.88
CA ASN B 84 -33.67 48.24 2.79
C ASN B 84 -35.16 48.42 3.02
N SER B 85 -35.85 47.39 3.49
CA SER B 85 -37.28 47.45 3.78
C SER B 85 -37.53 46.90 5.18
N LEU B 86 -38.41 47.58 5.92
CA LEU B 86 -38.65 47.23 7.32
C LEU B 86 -40.14 47.19 7.59
N ARG B 87 -40.64 46.03 8.02
CA ARG B 87 -41.98 45.90 8.57
C ARG B 87 -41.92 46.09 10.08
N THR B 88 -43.09 45.99 10.73
CA THR B 88 -43.15 46.14 12.18
C THR B 88 -42.56 44.94 12.92
N GLU B 89 -42.33 43.83 12.22
CA GLU B 89 -41.72 42.65 12.84
C GLU B 89 -40.25 42.87 13.19
N ASP B 90 -39.60 43.82 12.53
CA ASP B 90 -38.14 43.95 12.59
C ASP B 90 -37.64 44.78 13.76
N THR B 91 -38.52 45.21 14.67
CA THR B 91 -38.06 45.90 15.87
C THR B 91 -37.40 44.90 16.83
N ALA B 92 -36.12 45.12 17.10
CA ALA B 92 -35.30 44.15 17.82
C ALA B 92 -33.96 44.78 18.16
N ARG B 93 -33.18 44.09 18.97
CA ARG B 93 -31.80 44.47 19.25
C ARG B 93 -30.90 43.68 18.32
N TYR B 94 -30.11 44.39 17.52
CA TYR B 94 -29.24 43.77 16.53
C TYR B 94 -27.80 43.78 17.05
N TYR B 95 -27.15 42.62 16.95
CA TYR B 95 -25.78 42.44 17.42
C TYR B 95 -24.88 42.09 16.23
N CYS B 96 -23.70 42.72 16.19
CA CYS B 96 -22.64 42.29 15.27
C CYS B 96 -21.69 41.42 16.07
N VAL B 97 -21.52 40.18 15.62
CA VAL B 97 -20.84 39.15 16.40
C VAL B 97 -19.68 38.60 15.59
N ARG B 98 -18.65 38.13 16.29
CA ARG B 98 -17.51 37.49 15.65
C ARG B 98 -17.64 35.99 15.78
N ALA B 99 -17.58 35.28 14.66
CA ALA B 99 -17.75 33.84 14.67
C ALA B 99 -16.83 33.23 13.63
N TRP B 100 -15.92 32.37 14.07
CA TRP B 100 -15.03 31.65 13.18
C TRP B 100 -15.51 30.20 13.03
N CYS B 101 -14.71 29.38 12.36
CA CYS B 101 -15.13 28.05 11.93
C CYS B 101 -14.72 27.01 12.96
N ALA B 102 -15.70 26.27 13.48
CA ALA B 102 -15.41 25.08 14.27
C ALA B 102 -15.95 23.83 13.60
N SER B 103 -17.26 23.75 13.38
CA SER B 103 -17.83 22.72 12.53
C SER B 103 -18.50 23.34 11.30
N THR B 104 -19.48 24.21 11.48
CA THR B 104 -20.08 24.95 10.37
C THR B 104 -19.22 26.18 10.11
N CYS B 105 -18.67 26.28 8.90
CA CYS B 105 -17.55 27.18 8.69
C CYS B 105 -17.99 28.63 8.49
N LEU B 106 -18.68 28.92 7.40
CA LEU B 106 -18.95 30.32 7.07
C LEU B 106 -20.15 30.91 7.83
N PRO B 107 -21.30 30.20 8.02
CA PRO B 107 -22.37 30.79 8.86
C PRO B 107 -22.03 30.91 10.33
N GLY B 108 -20.83 30.47 10.74
CA GLY B 108 -20.36 30.67 12.09
C GLY B 108 -20.77 29.59 13.06
N ASP B 109 -19.83 29.17 13.89
CA ASP B 109 -20.08 28.14 14.90
C ASP B 109 -19.80 28.61 16.31
N ILE B 110 -18.72 29.36 16.51
CA ILE B 110 -18.39 29.90 17.83
C ILE B 110 -18.54 31.41 17.81
N MET B 111 -19.72 31.91 18.17
CA MET B 111 -19.92 33.36 18.29
C MET B 111 -19.21 33.79 19.58
N ASP B 112 -17.93 34.14 19.43
CA ASP B 112 -17.02 34.39 20.54
C ASP B 112 -17.45 35.55 21.42
N LEU B 113 -17.45 36.77 20.86
CA LEU B 113 -17.86 37.96 21.59
C LEU B 113 -18.94 38.67 20.81
N TRP B 114 -19.87 39.28 21.53
CA TRP B 114 -21.02 39.94 20.94
C TRP B 114 -20.92 41.44 21.19
N GLY B 115 -21.45 42.22 20.25
CA GLY B 115 -21.54 43.65 20.43
C GLY B 115 -22.55 44.01 21.49
N PRO B 116 -22.49 45.24 21.99
CA PRO B 116 -23.46 45.67 23.01
C PRO B 116 -24.89 45.69 22.51
N GLY B 117 -25.09 45.79 21.19
CA GLY B 117 -26.43 45.72 20.63
C GLY B 117 -27.02 47.08 20.35
N VAL B 118 -27.61 47.24 19.16
CA VAL B 118 -28.27 48.49 18.77
C VAL B 118 -29.75 48.21 18.61
N GLY B 119 -30.58 49.06 19.21
CA GLY B 119 -32.01 48.82 19.21
C GLY B 119 -32.75 49.48 18.08
N VAL B 120 -33.25 48.69 17.14
CA VAL B 120 -34.06 49.20 16.04
C VAL B 120 -35.51 49.10 16.45
N VAL B 121 -36.17 50.25 16.56
CA VAL B 121 -37.57 50.33 17.00
C VAL B 121 -38.36 50.93 15.85
N VAL B 122 -38.91 50.08 14.99
CA VAL B 122 -39.75 50.55 13.90
C VAL B 122 -41.16 50.79 14.44
N SER B 123 -41.76 51.91 14.03
CA SER B 123 -43.08 52.29 14.52
C SER B 123 -43.72 53.24 13.53
N SER B 124 -45.03 53.04 13.31
CA SER B 124 -45.76 53.93 12.41
C SER B 124 -46.03 55.30 13.02
N LEU B 125 -45.93 55.42 14.34
CA LEU B 125 -46.16 56.69 15.01
C LEU B 125 -44.93 57.58 14.92
N GLN C 1 -40.61 24.84 10.53
CA GLN C 1 -39.73 24.13 11.45
C GLN C 1 -39.05 25.10 12.42
N THR C 2 -39.16 24.80 13.72
CA THR C 2 -38.61 25.66 14.76
C THR C 2 -38.19 24.80 15.94
N VAL C 3 -37.38 25.41 16.82
CA VAL C 3 -36.91 24.76 18.04
C VAL C 3 -37.63 25.37 19.23
N ILE C 4 -38.06 24.52 20.16
CA ILE C 4 -38.87 24.90 21.30
C ILE C 4 -38.11 24.59 22.58
N GLN C 5 -38.13 25.53 23.51
CA GLN C 5 -37.71 25.33 24.89
C GLN C 5 -38.91 25.48 25.82
N GLU C 6 -38.80 24.89 27.00
CA GLU C 6 -39.71 25.25 28.08
C GLU C 6 -39.38 26.67 28.57
N PRO C 7 -40.38 27.47 28.93
CA PRO C 7 -40.13 28.91 29.10
C PRO C 7 -39.53 29.32 30.43
N ALA C 8 -39.65 28.51 31.48
CA ALA C 8 -39.16 28.91 32.80
C ALA C 8 -38.75 27.68 33.59
N MET C 9 -37.58 27.76 34.22
CA MET C 9 -37.10 26.76 35.17
C MET C 9 -36.58 27.45 36.41
N SER C 10 -36.64 26.74 37.54
CA SER C 10 -36.16 27.25 38.82
C SER C 10 -35.15 26.28 39.39
N VAL C 11 -34.06 26.81 39.93
CA VAL C 11 -33.01 26.01 40.55
C VAL C 11 -32.57 26.68 41.85
N SER C 12 -32.34 25.87 42.88
CA SER C 12 -31.75 26.35 44.11
C SER C 12 -30.26 26.58 43.92
N PRO C 13 -29.67 27.52 44.65
CA PRO C 13 -28.21 27.69 44.60
C PRO C 13 -27.49 26.44 45.06
N GLY C 14 -26.45 26.05 44.31
CA GLY C 14 -25.77 24.81 44.54
C GLY C 14 -26.46 23.59 43.98
N GLY C 15 -27.58 23.77 43.26
CA GLY C 15 -28.33 22.65 42.73
C GLY C 15 -28.06 22.41 41.25
N THR C 16 -28.55 21.27 40.77
CA THR C 16 -28.38 20.86 39.38
C THR C 16 -29.69 21.04 38.62
N VAL C 17 -29.60 21.68 37.45
CA VAL C 17 -30.78 21.92 36.62
C VAL C 17 -30.45 21.46 35.21
N THR C 18 -31.46 20.89 34.53
CA THR C 18 -31.29 20.36 33.18
C THR C 18 -32.30 21.04 32.26
N LEU C 19 -31.83 22.03 31.50
CA LEU C 19 -32.65 22.70 30.51
C LEU C 19 -32.69 21.89 29.22
N THR C 20 -33.85 21.87 28.57
CA THR C 20 -34.03 21.09 27.36
C THR C 20 -34.46 21.97 26.21
N CYS C 21 -33.95 21.65 25.02
CA CYS C 21 -34.43 22.24 23.77
C CYS C 21 -34.65 21.12 22.76
N ALA C 22 -35.68 21.28 21.92
CA ALA C 22 -36.01 20.20 21.00
C ALA C 22 -36.64 20.75 19.73
N TRP C 23 -36.47 20.02 18.64
CA TRP C 23 -37.13 20.36 17.39
C TRP C 23 -38.64 20.21 17.53
N SER C 24 -39.37 21.00 16.75
CA SER C 24 -40.83 20.85 16.71
C SER C 24 -41.23 19.51 16.11
N SER C 25 -40.56 19.10 15.03
CA SER C 25 -40.78 17.81 14.40
C SER C 25 -39.44 17.16 14.13
N GLY C 26 -39.34 15.88 14.41
CA GLY C 26 -38.11 15.14 14.19
C GLY C 26 -37.24 15.08 15.43
N SER C 27 -36.08 14.48 15.25
CA SER C 27 -35.12 14.27 16.32
C SER C 27 -34.04 15.34 16.29
N VAL C 28 -33.33 15.47 17.40
CA VAL C 28 -32.18 16.36 17.48
C VAL C 28 -30.92 15.52 17.31
N THR C 29 -30.51 15.33 16.06
CA THR C 29 -29.31 14.59 15.73
C THR C 29 -28.08 15.42 16.14
N THR C 30 -26.99 14.75 16.49
CA THR C 30 -25.74 15.45 16.81
C THR C 30 -25.18 16.22 15.62
N SER C 31 -25.63 15.93 14.40
CA SER C 31 -25.27 16.72 13.23
C SER C 31 -26.07 18.01 13.13
N ASN C 32 -27.08 18.21 13.98
CA ASN C 32 -27.80 19.48 14.02
C ASN C 32 -27.08 20.52 14.86
N TYR C 33 -26.01 20.15 15.56
CA TYR C 33 -25.14 20.97 16.39
C TYR C 33 -25.85 21.96 17.30
N PRO C 34 -26.47 21.50 18.40
CA PRO C 34 -26.96 22.44 19.42
C PRO C 34 -25.87 23.36 19.95
N SER C 35 -26.26 24.61 20.18
CA SER C 35 -25.38 25.61 20.78
C SER C 35 -26.18 26.37 21.82
N TRP C 36 -25.66 26.42 23.05
CA TRP C 36 -26.32 27.06 24.17
C TRP C 36 -25.64 28.38 24.48
N PHE C 37 -26.47 29.43 24.61
CA PHE C 37 -26.03 30.79 24.85
C PHE C 37 -26.67 31.33 26.12
N GLN C 38 -25.91 32.09 26.91
CA GLN C 38 -26.40 32.72 28.11
C GLN C 38 -26.40 34.24 27.94
N GLN C 39 -27.54 34.86 28.24
CA GLN C 39 -27.69 36.32 28.16
C GLN C 39 -28.14 36.83 29.53
N THR C 40 -27.20 37.40 30.27
CA THR C 40 -27.56 38.17 31.44
C THR C 40 -28.29 39.44 31.01
N PRO C 41 -29.39 39.79 31.66
CA PRO C 41 -30.10 41.04 31.31
C PRO C 41 -29.20 42.26 31.47
N GLY C 42 -29.28 43.16 30.48
CA GLY C 42 -28.36 44.27 30.40
C GLY C 42 -27.01 43.94 29.81
N GLN C 43 -26.83 42.73 29.29
CA GLN C 43 -25.56 42.27 28.75
C GLN C 43 -25.82 41.50 27.45
N PRO C 44 -24.84 41.49 26.53
CA PRO C 44 -25.02 40.69 25.32
C PRO C 44 -24.95 39.21 25.63
N PRO C 45 -25.55 38.37 24.79
CA PRO C 45 -25.44 36.92 25.00
C PRO C 45 -24.02 36.42 24.83
N ARG C 46 -23.68 35.39 25.61
CA ARG C 46 -22.36 34.79 25.59
C ARG C 46 -22.48 33.33 25.21
N GLN C 47 -21.55 32.85 24.37
CA GLN C 47 -21.56 31.46 23.95
C GLN C 47 -21.12 30.56 25.09
N LEU C 48 -22.05 29.75 25.59
CA LEU C 48 -21.69 28.76 26.60
C LEU C 48 -21.14 27.48 25.96
N ILE C 49 -21.94 26.82 25.13
CA ILE C 49 -21.54 25.54 24.55
C ILE C 49 -21.83 25.54 23.06
N TYR C 50 -20.86 25.07 22.28
CA TYR C 50 -21.05 24.78 20.87
C TYR C 50 -20.75 23.30 20.64
N ASN C 51 -21.45 22.72 19.66
CA ASN C 51 -21.25 21.33 19.20
C ASN C 51 -21.51 20.31 20.32
N THR C 52 -22.49 20.64 21.17
CA THR C 52 -23.18 19.77 22.15
C THR C 52 -22.32 19.35 23.34
N ASN C 53 -21.02 19.52 23.28
CA ASN C 53 -20.20 19.12 24.42
C ASN C 53 -18.96 19.95 24.65
N SER C 54 -18.72 21.01 23.87
CA SER C 54 -17.48 21.76 23.91
C SER C 54 -17.73 23.15 24.44
N ARG C 55 -16.73 23.69 25.15
CA ARG C 55 -16.84 24.98 25.83
C ARG C 55 -15.72 25.91 25.41
N PRO C 56 -16.02 27.10 24.90
CA PRO C 56 -14.96 28.06 24.61
C PRO C 56 -14.30 28.57 25.88
N THR C 57 -13.13 29.18 25.72
CA THR C 57 -12.34 29.63 26.86
C THR C 57 -13.06 30.73 27.63
N GLY C 58 -13.03 30.63 28.95
CA GLY C 58 -13.73 31.54 29.82
C GLY C 58 -15.04 31.02 30.36
N VAL C 59 -15.62 30.00 29.73
CA VAL C 59 -16.85 29.39 30.23
C VAL C 59 -16.51 28.53 31.43
N PRO C 60 -17.26 28.63 32.54
CA PRO C 60 -16.96 27.81 33.72
C PRO C 60 -17.21 26.33 33.47
N ARG C 61 -16.60 25.51 34.32
CA ARG C 61 -16.63 24.06 34.12
C ARG C 61 -18.01 23.47 34.38
N ARG C 62 -18.88 24.19 35.09
CA ARG C 62 -20.13 23.62 35.59
C ARG C 62 -21.16 23.42 34.49
N PHE C 63 -21.07 24.17 33.40
CA PHE C 63 -22.00 24.02 32.29
C PHE C 63 -21.60 22.80 31.46
N SER C 64 -22.48 21.81 31.36
CA SER C 64 -22.23 20.65 30.53
C SER C 64 -23.35 20.48 29.54
N GLY C 65 -23.03 19.96 28.36
CA GLY C 65 -24.00 19.73 27.32
C GLY C 65 -24.10 18.25 27.00
N LYS C 66 -25.29 17.83 26.57
CA LYS C 66 -25.50 16.46 26.13
C LYS C 66 -26.71 16.44 25.20
N ILE C 67 -26.93 15.28 24.59
CA ILE C 67 -28.14 15.00 23.85
C ILE C 67 -28.80 13.79 24.48
N SER C 68 -30.00 13.99 25.01
CA SER C 68 -30.74 12.94 25.70
C SER C 68 -32.02 12.65 24.93
N GLY C 69 -32.27 11.37 24.67
CA GLY C 69 -33.44 10.95 23.93
C GLY C 69 -33.49 11.54 22.54
N ASN C 70 -34.38 12.50 22.35
CA ASN C 70 -34.53 13.21 21.09
C ASN C 70 -34.50 14.72 21.32
N LYS C 71 -33.69 15.16 22.28
CA LYS C 71 -33.57 16.58 22.60
C LYS C 71 -32.17 16.86 23.11
N ALA C 72 -31.83 18.14 23.20
CA ALA C 72 -30.54 18.57 23.71
C ALA C 72 -30.69 19.16 25.11
N ALA C 73 -29.74 18.85 25.98
CA ALA C 73 -29.84 19.18 27.40
C ALA C 73 -28.61 19.94 27.85
N LEU C 74 -28.84 21.06 28.52
CA LEU C 74 -27.82 21.82 29.23
C LEU C 74 -27.95 21.55 30.72
N THR C 75 -26.93 20.94 31.31
CA THR C 75 -26.91 20.58 32.71
C THR C 75 -25.98 21.54 33.45
N ILE C 76 -26.53 22.22 34.45
CA ILE C 76 -25.75 23.09 35.34
C ILE C 76 -25.70 22.42 36.70
N THR C 77 -24.50 22.03 37.12
CA THR C 77 -24.27 21.39 38.41
C THR C 77 -23.64 22.40 39.35
N GLY C 78 -24.25 22.58 40.53
CA GLY C 78 -23.79 23.58 41.46
C GLY C 78 -23.98 24.99 40.93
N ALA C 79 -25.20 25.30 40.51
CA ALA C 79 -25.50 26.61 39.94
C ALA C 79 -25.33 27.71 40.98
N GLN C 80 -24.65 28.78 40.58
CA GLN C 80 -24.39 29.92 41.45
C GLN C 80 -25.44 30.99 41.21
N ALA C 81 -25.24 32.16 41.82
CA ALA C 81 -26.14 33.28 41.63
C ALA C 81 -25.88 34.03 40.32
N GLU C 82 -24.81 33.70 39.61
CA GLU C 82 -24.48 34.34 38.34
C GLU C 82 -25.17 33.68 37.15
N ASP C 83 -25.87 32.57 37.37
CA ASP C 83 -26.54 31.86 36.29
C ASP C 83 -27.99 32.29 36.08
N GLU C 84 -28.48 33.26 36.86
CA GLU C 84 -29.83 33.75 36.66
C GLU C 84 -29.88 34.64 35.43
N ALA C 85 -30.22 34.06 34.28
CA ALA C 85 -30.15 34.76 33.00
C ALA C 85 -31.10 34.07 32.03
N ASP C 86 -31.06 34.50 30.76
CA ASP C 86 -31.83 33.86 29.70
C ASP C 86 -30.93 32.87 28.97
N TYR C 87 -31.49 31.70 28.64
CA TYR C 87 -30.71 30.63 28.03
C TYR C 87 -31.35 30.26 26.70
N PHE C 88 -30.57 30.32 25.63
CA PHE C 88 -31.06 30.11 24.27
C PHE C 88 -30.36 28.90 23.64
N CYS C 89 -31.15 28.02 23.05
CA CYS C 89 -30.64 26.86 22.32
C CYS C 89 -30.78 27.10 20.83
N GLY C 90 -29.73 26.79 20.08
CA GLY C 90 -29.74 26.98 18.64
C GLY C 90 -29.29 25.74 17.89
N LEU C 91 -30.12 25.28 16.97
CA LEU C 91 -29.84 24.09 16.18
C LEU C 91 -29.53 24.48 14.74
N TYR C 92 -28.55 23.81 14.14
CA TYR C 92 -28.12 24.11 12.78
C TYR C 92 -28.91 23.21 11.83
N LYS C 93 -30.05 23.71 11.36
CA LYS C 93 -30.76 23.04 10.30
C LYS C 93 -30.02 23.21 8.99
N ARG C 94 -30.17 22.23 8.10
CA ARG C 94 -29.32 22.11 6.92
C ARG C 94 -29.49 23.28 5.97
N SER C 95 -30.72 23.75 5.78
CA SER C 95 -30.99 24.84 4.85
C SER C 95 -31.09 26.20 5.54
N ALA C 96 -31.66 26.24 6.74
CA ALA C 96 -31.91 27.50 7.43
C ALA C 96 -30.81 27.90 8.40
N ASN C 97 -29.74 27.12 8.49
CA ASN C 97 -28.54 27.40 9.31
C ASN C 97 -28.97 27.43 10.78
N ASN C 98 -28.50 28.38 11.57
CA ASN C 98 -28.80 28.40 13.00
C ASN C 98 -30.21 28.91 13.25
N ILE C 99 -30.99 28.13 13.98
CA ILE C 99 -32.33 28.52 14.43
C ILE C 99 -32.32 28.48 15.95
N PHE C 100 -32.66 29.60 16.58
CA PHE C 100 -32.56 29.76 18.02
C PHE C 100 -33.91 29.64 18.69
N GLY C 101 -33.90 29.21 19.95
CA GLY C 101 -35.12 29.01 20.71
C GLY C 101 -35.71 30.29 21.23
N GLY C 102 -36.89 30.14 21.86
CA GLY C 102 -37.55 31.29 22.45
C GLY C 102 -36.80 31.83 23.65
N GLY C 103 -36.24 30.95 24.47
CA GLY C 103 -35.47 31.43 25.62
C GLY C 103 -36.10 30.97 26.93
N THR C 104 -35.26 30.40 27.79
CA THR C 104 -35.65 29.95 29.11
C THR C 104 -34.99 30.83 30.15
N HIS C 105 -35.80 31.45 31.00
CA HIS C 105 -35.30 32.31 32.07
C HIS C 105 -35.05 31.45 33.30
N LEU C 106 -33.79 31.14 33.56
CA LEU C 106 -33.42 30.32 34.71
C LEU C 106 -33.44 31.18 35.96
N THR C 107 -34.20 30.75 36.96
CA THR C 107 -34.34 31.48 38.21
C THR C 107 -33.50 30.80 39.29
N VAL C 108 -32.61 31.56 39.92
CA VAL C 108 -31.79 31.07 41.01
C VAL C 108 -32.37 31.61 42.31
N LEU C 109 -32.95 30.74 43.12
CA LEU C 109 -33.62 31.15 44.34
C LEU C 109 -32.62 31.41 45.46
N GLY D 118 46.35 -11.64 21.49
CA GLY D 118 45.52 -10.75 20.69
C GLY D 118 46.27 -10.09 19.56
N PHE D 119 46.07 -10.59 18.34
CA PHE D 119 46.74 -10.05 17.18
C PHE D 119 46.19 -8.68 16.80
N GLU D 120 47.06 -7.80 16.34
CA GLU D 120 46.72 -6.44 16.00
C GLU D 120 46.62 -6.27 14.48
N TYR D 121 45.92 -5.22 14.08
CA TYR D 121 45.79 -4.84 12.67
C TYR D 121 46.61 -3.57 12.43
N ASN D 122 47.58 -3.67 11.52
CA ASN D 122 48.42 -2.54 11.18
C ASN D 122 47.73 -1.66 10.14
N LYS D 123 47.79 -0.35 10.35
CA LYS D 123 47.09 0.65 9.55
C LYS D 123 48.09 1.29 8.61
N VAL D 124 48.35 0.64 7.48
CA VAL D 124 49.37 1.15 6.57
C VAL D 124 48.74 2.17 5.62
N ARG D 125 49.42 3.30 5.44
CA ARG D 125 49.01 4.40 4.58
C ARG D 125 49.29 4.06 3.12
N PRO D 126 48.60 4.73 2.18
CA PRO D 126 48.91 4.50 0.75
C PRO D 126 50.31 4.96 0.38
N HIS D 127 50.91 4.25 -0.57
CA HIS D 127 52.26 4.59 -1.02
C HIS D 127 52.26 5.85 -1.87
N THR D 128 51.30 5.98 -2.80
CA THR D 128 51.24 7.15 -3.66
C THR D 128 50.79 8.38 -2.88
N GLY D 129 49.71 8.25 -2.11
CA GLY D 129 49.14 9.37 -1.40
C GLY D 129 48.16 10.15 -2.23
N THR D 130 47.38 11.01 -1.53
CA THR D 130 46.24 11.84 -1.96
C THR D 130 45.42 11.19 -3.08
N PRO D 131 44.76 10.07 -2.80
CA PRO D 131 44.06 9.34 -3.87
C PRO D 131 42.84 10.09 -4.38
N THR D 132 42.53 9.86 -5.66
CA THR D 132 41.42 10.48 -6.34
C THR D 132 40.66 9.41 -7.10
N LEU D 133 39.34 9.57 -7.18
CA LEU D 133 38.52 8.62 -7.92
C LEU D 133 38.87 8.63 -9.40
N GLY D 134 39.00 7.44 -9.99
CA GLY D 134 39.43 7.29 -11.35
C GLY D 134 40.93 7.18 -11.54
N ASN D 135 41.71 7.32 -10.48
CA ASN D 135 43.16 7.25 -10.53
C ASN D 135 43.65 6.04 -9.76
N LYS D 136 44.90 5.67 -10.02
CA LYS D 136 45.48 4.48 -9.40
C LYS D 136 45.79 4.74 -7.93
N LEU D 137 45.64 3.69 -7.12
CA LEU D 137 45.96 3.71 -5.69
C LEU D 137 46.99 2.63 -5.42
N THR D 138 47.99 2.97 -4.61
CA THR D 138 49.13 2.09 -4.38
C THR D 138 49.28 1.83 -2.89
N PHE D 139 49.46 0.57 -2.51
CA PHE D 139 49.65 0.17 -1.13
C PHE D 139 50.96 -0.59 -1.00
N GLY D 140 51.67 -0.36 0.11
CA GLY D 140 52.87 -1.11 0.42
C GLY D 140 52.69 -1.97 1.66
N ILE D 141 53.49 -3.01 1.80
CA ILE D 141 53.40 -3.89 2.96
C ILE D 141 54.68 -3.77 3.78
N PRO D 142 54.68 -3.03 4.88
CA PRO D 142 55.87 -2.92 5.73
C PRO D 142 55.99 -4.14 6.63
N GLN D 143 57.05 -4.15 7.43
CA GLN D 143 57.34 -5.25 8.35
C GLN D 143 57.06 -4.79 9.77
N TYR D 144 56.00 -5.32 10.37
CA TYR D 144 55.70 -5.08 11.77
C TYR D 144 55.34 -6.34 12.55
N GLY D 145 54.88 -7.40 11.89
CA GLY D 145 54.56 -8.64 12.56
C GLY D 145 55.33 -9.82 11.97
N ASP D 146 54.79 -11.02 12.12
CA ASP D 146 55.42 -12.22 11.60
C ASP D 146 54.78 -12.69 10.29
N PHE D 147 53.49 -12.97 10.31
CA PHE D 147 52.75 -13.40 9.13
C PHE D 147 51.59 -12.45 8.88
N PHE D 148 51.28 -12.21 7.61
CA PHE D 148 50.10 -11.43 7.23
C PHE D 148 49.14 -12.37 6.52
N HIS D 149 47.89 -12.41 7.00
CA HIS D 149 46.90 -13.35 6.48
C HIS D 149 45.91 -12.67 5.54
N ASP D 150 45.22 -11.65 6.02
CA ASP D 150 44.21 -10.95 5.24
C ASP D 150 44.37 -9.45 5.42
N MET D 151 43.88 -8.69 4.45
CA MET D 151 43.98 -7.24 4.47
C MET D 151 42.70 -6.62 3.93
N VAL D 152 42.37 -5.45 4.45
CA VAL D 152 41.10 -4.77 4.15
C VAL D 152 41.39 -3.31 3.82
N GLY D 153 40.87 -2.84 2.69
CA GLY D 153 40.98 -1.42 2.38
C GLY D 153 39.84 -0.62 2.99
N HIS D 154 40.18 0.38 3.80
CA HIS D 154 39.20 1.24 4.44
C HIS D 154 39.23 2.62 3.81
N HIS D 155 38.07 3.11 3.40
CA HIS D 155 37.92 4.43 2.82
C HIS D 155 36.69 5.10 3.42
N ILE D 156 36.72 6.43 3.50
CA ILE D 156 35.57 7.21 3.93
C ILE D 156 35.26 8.18 2.80
N LEU D 157 34.21 7.87 2.03
CA LEU D 157 33.77 8.76 0.97
C LEU D 157 33.08 9.98 1.57
N GLY D 158 33.37 11.13 1.00
CA GLY D 158 32.79 12.38 1.44
C GLY D 158 31.34 12.53 1.01
N ALA D 159 30.81 13.72 1.26
CA ALA D 159 29.41 14.00 1.02
C ALA D 159 29.09 14.07 -0.48
N CYS D 160 27.83 13.81 -0.80
CA CYS D 160 27.34 13.90 -2.16
C CYS D 160 26.15 14.85 -2.21
N HIS D 161 26.20 15.83 -3.10
CA HIS D 161 25.06 16.70 -3.34
C HIS D 161 25.17 17.27 -4.75
N SER D 162 24.11 17.14 -5.53
CA SER D 162 24.11 17.67 -6.89
C SER D 162 23.99 19.19 -6.87
N SER D 163 24.43 19.81 -7.96
CA SER D 163 24.42 21.26 -8.06
C SER D 163 23.00 21.79 -8.15
N TRP D 164 22.80 23.00 -7.60
CA TRP D 164 21.51 23.66 -7.69
C TRP D 164 21.22 24.05 -9.13
N GLN D 165 20.00 23.74 -9.59
CA GLN D 165 19.63 24.02 -10.97
C GLN D 165 18.43 24.96 -11.02
N ASP D 166 17.93 25.23 -12.22
CA ASP D 166 16.86 26.19 -12.44
C ASP D 166 15.58 25.44 -12.82
N ALA D 167 14.47 25.85 -12.22
CA ALA D 167 13.17 25.28 -12.59
C ALA D 167 12.78 25.79 -13.98
N PRO D 168 12.42 24.91 -14.90
CA PRO D 168 12.15 25.33 -16.28
C PRO D 168 10.84 26.11 -16.41
N ILE D 169 10.80 26.95 -17.43
CA ILE D 169 9.58 27.67 -17.79
C ILE D 169 8.68 26.70 -18.55
N GLN D 170 7.36 26.87 -18.40
CA GLN D 170 6.41 25.95 -19.03
C GLN D 170 6.47 26.07 -20.55
N GLY D 171 6.43 24.92 -21.22
CA GLY D 171 6.59 24.85 -22.65
C GLY D 171 7.99 24.57 -23.12
N THR D 172 8.98 24.64 -22.22
CA THR D 172 10.37 24.43 -22.60
C THR D 172 10.73 22.96 -22.52
N SER D 173 11.26 22.41 -23.61
CA SER D 173 11.73 21.04 -23.66
C SER D 173 13.25 21.07 -23.75
N GLN D 174 13.91 20.42 -22.79
CA GLN D 174 15.36 20.50 -22.65
C GLN D 174 15.98 19.12 -22.85
N MET D 175 17.12 19.09 -23.53
CA MET D 175 17.84 17.85 -23.75
C MET D 175 18.37 17.32 -22.42
N GLY D 176 18.11 16.04 -22.16
CA GLY D 176 18.45 15.47 -20.86
C GLY D 176 19.52 14.39 -20.90
N ALA D 177 19.41 13.42 -20.01
CA ALA D 177 20.40 12.36 -19.89
C ALA D 177 20.02 11.14 -20.71
N HIS D 178 21.05 10.49 -21.25
CA HIS D 178 20.93 9.20 -21.97
C HIS D 178 20.00 9.31 -23.18
N GLY D 179 20.09 10.43 -23.89
CA GLY D 179 19.30 10.61 -25.11
C GLY D 179 17.82 10.71 -24.90
N GLN D 180 17.39 11.43 -23.87
CA GLN D 180 15.97 11.64 -23.59
C GLN D 180 15.68 13.14 -23.55
N LEU D 181 14.65 13.55 -24.27
CA LEU D 181 14.23 14.95 -24.32
C LEU D 181 13.23 15.18 -23.20
N GLN D 182 13.68 15.77 -22.10
CA GLN D 182 12.81 15.99 -20.95
C GLN D 182 11.94 17.21 -21.22
N THR D 183 10.62 17.01 -21.18
CA THR D 183 9.67 18.04 -21.56
C THR D 183 8.86 18.48 -20.36
N PHE D 184 8.73 19.80 -20.20
CA PHE D 184 7.76 20.40 -19.29
C PHE D 184 6.70 21.04 -20.18
N PRO D 185 5.72 20.28 -20.66
CA PRO D 185 4.84 20.77 -21.73
C PRO D 185 3.81 21.77 -21.26
N ARG D 186 3.15 22.39 -22.22
CA ARG D 186 2.13 23.40 -21.94
C ARG D 186 0.86 22.75 -21.44
N ASN D 187 -0.01 23.57 -20.86
CA ASN D 187 -1.33 23.10 -20.44
C ASN D 187 -2.16 22.73 -21.67
N GLY D 188 -2.91 21.64 -21.58
CA GLY D 188 -3.72 21.19 -22.68
C GLY D 188 -2.99 20.36 -23.72
N TYR D 189 -1.72 20.03 -23.51
CA TYR D 189 -0.96 19.22 -24.44
C TYR D 189 -0.47 17.96 -23.74
N ASP D 190 -0.04 16.99 -24.54
CA ASP D 190 0.42 15.72 -23.99
C ASP D 190 1.85 15.88 -23.46
N TRP D 191 2.46 14.74 -23.09
CA TRP D 191 3.88 14.76 -22.70
C TRP D 191 4.75 15.18 -23.87
N ASP D 192 4.44 14.70 -25.07
CA ASP D 192 4.93 15.35 -26.27
C ASP D 192 4.32 16.73 -26.38
N ASN D 193 5.17 17.75 -26.51
CA ASN D 193 4.69 19.12 -26.45
C ASN D 193 3.89 19.54 -27.68
N GLN D 194 3.88 18.73 -28.73
CA GLN D 194 3.16 19.05 -29.96
C GLN D 194 1.87 18.24 -30.13
N THR D 195 1.47 17.47 -29.12
CA THR D 195 0.28 16.64 -29.20
C THR D 195 -0.80 17.19 -28.29
N PRO D 196 -1.95 17.61 -28.82
CA PRO D 196 -3.03 18.13 -27.95
C PRO D 196 -3.60 17.04 -27.04
N LEU D 197 -3.97 17.46 -25.83
CA LEU D 197 -4.56 16.57 -24.85
C LEU D 197 -5.43 17.42 -23.93
N GLU D 198 -6.75 17.40 -24.18
CA GLU D 198 -7.66 18.33 -23.51
C GLU D 198 -7.75 18.04 -22.02
N GLY D 199 -7.69 19.11 -21.22
CA GLY D 199 -7.83 19.02 -19.79
C GLY D 199 -6.52 18.90 -19.02
N ALA D 200 -5.40 18.69 -19.71
CA ALA D 200 -4.14 18.47 -19.03
C ALA D 200 -3.55 19.77 -18.53
N VAL D 201 -3.33 19.86 -17.21
CA VAL D 201 -2.71 21.00 -16.56
C VAL D 201 -1.47 20.50 -15.85
N TYR D 202 -0.36 21.22 -16.04
CA TYR D 202 0.95 20.75 -15.59
C TYR D 202 1.51 21.68 -14.51
N THR D 203 2.08 21.08 -13.48
CA THR D 203 2.69 21.79 -12.37
C THR D 203 4.04 21.13 -12.12
N LEU D 204 4.98 21.87 -11.54
CA LEU D 204 6.25 21.29 -11.13
C LEU D 204 6.20 21.00 -9.63
N VAL D 205 6.47 19.75 -9.26
CA VAL D 205 6.45 19.34 -7.86
C VAL D 205 7.77 18.68 -7.52
N ASP D 206 8.17 18.81 -6.27
CA ASP D 206 9.32 18.10 -5.73
C ASP D 206 8.93 16.63 -5.60
N PRO D 207 9.92 15.70 -5.57
CA PRO D 207 9.58 14.26 -5.40
C PRO D 207 8.82 13.92 -4.13
N PHE D 208 8.79 14.82 -3.15
CA PHE D 208 7.97 14.67 -1.96
C PHE D 208 6.63 15.38 -2.07
N GLY D 209 6.33 15.98 -3.21
CA GLY D 209 5.06 16.64 -3.43
C GLY D 209 5.03 18.12 -3.18
N ARG D 210 6.16 18.72 -2.84
CA ARG D 210 6.21 20.15 -2.55
C ARG D 210 6.25 20.95 -3.86
N PRO D 211 5.49 22.04 -3.97
CA PRO D 211 5.50 22.83 -5.21
C PRO D 211 6.83 23.56 -5.40
N ILE D 212 7.11 23.89 -6.66
CA ILE D 212 8.40 24.45 -7.05
C ILE D 212 8.29 25.88 -7.56
N VAL D 213 7.11 26.33 -8.00
CA VAL D 213 6.89 27.64 -8.62
C VAL D 213 7.84 27.83 -9.79
N PRO D 214 7.53 27.24 -10.95
CA PRO D 214 8.49 27.16 -12.06
C PRO D 214 8.98 28.52 -12.54
N GLY D 215 10.25 28.55 -12.95
CA GLY D 215 10.94 29.77 -13.31
C GLY D 215 11.84 30.31 -12.22
N THR D 216 11.67 29.85 -10.98
CA THR D 216 12.47 30.33 -9.87
C THR D 216 13.86 29.72 -9.93
N LYS D 217 14.88 30.58 -9.93
CA LYS D 217 16.27 30.13 -9.99
C LYS D 217 16.69 29.52 -8.66
N ASN D 218 17.49 28.46 -8.75
CA ASN D 218 18.09 27.76 -7.60
C ASN D 218 17.01 27.22 -6.66
N ALA D 219 16.15 26.38 -7.20
CA ALA D 219 15.14 25.67 -6.44
C ALA D 219 15.18 24.16 -6.67
N TYR D 220 15.48 23.75 -7.90
CA TYR D 220 15.58 22.34 -8.25
C TYR D 220 17.00 21.83 -8.03
N ARG D 221 17.12 20.82 -7.16
CA ARG D 221 18.38 20.15 -6.90
C ARG D 221 18.16 18.65 -7.02
N ASN D 222 19.00 17.99 -7.81
CA ASN D 222 18.86 16.56 -8.04
C ASN D 222 19.25 15.76 -6.80
N LEU D 223 18.50 14.70 -6.54
CA LEU D 223 18.87 13.72 -5.54
C LEU D 223 19.90 12.76 -6.14
N VAL D 224 20.73 12.18 -5.29
CA VAL D 224 21.87 11.39 -5.73
C VAL D 224 21.72 9.97 -5.23
N TYR D 225 22.04 9.01 -6.10
CA TYR D 225 22.14 7.61 -5.70
C TYR D 225 23.49 7.36 -5.04
N TYR D 226 23.71 6.12 -4.67
CA TYR D 226 25.00 5.46 -4.81
C TYR D 226 24.76 4.24 -5.67
N CYS D 227 25.81 3.79 -6.37
CA CYS D 227 25.69 2.56 -7.13
C CYS D 227 25.49 1.40 -6.17
N GLU D 228 24.76 0.38 -6.62
CA GLU D 228 24.58 -0.81 -5.79
C GLU D 228 25.91 -1.52 -5.62
N TYR D 229 26.24 -1.86 -4.37
CA TYR D 229 27.51 -2.41 -3.93
C TYR D 229 28.68 -1.50 -4.32
N PRO D 230 28.82 -0.32 -3.68
CA PRO D 230 29.94 0.57 -4.03
C PRO D 230 31.31 -0.02 -3.72
N GLY D 231 31.42 -0.85 -2.69
CA GLY D 231 32.72 -1.42 -2.33
C GLY D 231 33.26 -2.36 -3.39
N GLU D 232 32.38 -3.01 -4.14
CA GLU D 232 32.83 -3.86 -5.23
C GLU D 232 33.27 -3.03 -6.43
N ARG D 233 32.53 -1.96 -6.76
CA ARG D 233 32.88 -1.15 -7.92
C ARG D 233 34.09 -0.27 -7.67
N LEU D 234 34.37 0.07 -6.40
CA LEU D 234 35.53 0.93 -6.12
C LEU D 234 36.84 0.24 -6.48
N TYR D 235 36.97 -1.04 -6.15
CA TYR D 235 38.18 -1.79 -6.46
C TYR D 235 37.98 -2.45 -7.83
N GLU D 236 38.09 -1.63 -8.87
CA GLU D 236 37.77 -2.08 -10.23
C GLU D 236 38.80 -3.06 -10.77
N ASN D 237 40.06 -2.92 -10.36
CA ASN D 237 41.11 -3.83 -10.80
C ASN D 237 42.20 -3.86 -9.74
N VAL D 238 42.39 -5.01 -9.11
CA VAL D 238 43.34 -5.17 -8.01
C VAL D 238 44.39 -6.17 -8.42
N ARG D 239 45.66 -5.78 -8.33
CA ARG D 239 46.77 -6.67 -8.64
C ARG D 239 47.83 -6.58 -7.56
N PHE D 240 48.57 -7.68 -7.40
CA PHE D 240 49.63 -7.79 -6.41
C PHE D 240 50.95 -8.07 -7.13
N ASP D 241 51.97 -7.25 -6.84
CA ASP D 241 53.23 -7.29 -7.56
C ASP D 241 54.38 -7.55 -6.60
N VAL D 242 55.33 -8.38 -7.04
CA VAL D 242 56.57 -8.63 -6.31
C VAL D 242 57.69 -8.37 -7.31
N ASN D 243 58.21 -7.13 -7.31
CA ASN D 243 59.16 -6.62 -8.31
C ASN D 243 58.60 -6.82 -9.72
N GLY D 244 57.39 -6.31 -9.94
CA GLY D 244 56.68 -6.63 -11.17
C GLY D 244 56.18 -8.07 -11.11
N ASN D 245 55.82 -8.58 -12.28
CA ASN D 245 55.40 -9.97 -12.48
C ASN D 245 54.20 -10.32 -11.58
N SER D 246 53.08 -9.68 -11.89
CA SER D 246 51.87 -9.71 -11.08
C SER D 246 51.36 -11.13 -10.84
N LEU D 247 51.45 -11.59 -9.58
CA LEU D 247 51.06 -12.96 -9.26
C LEU D 247 49.55 -13.12 -9.29
N ASP D 248 48.82 -12.18 -8.70
CA ASP D 248 47.36 -12.23 -8.68
C ASP D 248 46.81 -10.92 -9.21
N GLU D 249 45.76 -11.01 -10.02
CA GLU D 249 45.10 -9.85 -10.59
C GLU D 249 43.65 -10.20 -10.87
N TYR D 250 42.74 -9.39 -10.33
CA TYR D 250 41.31 -9.64 -10.48
C TYR D 250 40.61 -8.31 -10.67
N SER D 251 39.31 -8.38 -10.93
CA SER D 251 38.51 -7.18 -11.15
C SER D 251 37.29 -7.16 -10.24
N SER D 252 36.37 -6.21 -10.48
CA SER D 252 35.16 -6.13 -9.68
C SER D 252 34.21 -7.28 -9.97
N ASP D 253 34.27 -7.84 -11.19
CA ASP D 253 33.38 -8.92 -11.56
C ASP D 253 33.71 -10.21 -10.81
N VAL D 254 35.00 -10.44 -10.54
CA VAL D 254 35.39 -11.58 -9.70
C VAL D 254 34.86 -11.39 -8.29
N THR D 255 34.90 -10.15 -7.78
CA THR D 255 34.41 -9.86 -6.45
C THR D 255 32.90 -10.09 -6.35
N THR D 256 32.15 -9.64 -7.36
CA THR D 256 30.70 -9.86 -7.29
C THR D 256 30.34 -11.33 -7.53
N LEU D 257 31.17 -12.06 -8.30
CA LEU D 257 30.94 -13.49 -8.46
C LEU D 257 31.16 -14.24 -7.15
N VAL D 258 32.25 -13.94 -6.45
CA VAL D 258 32.51 -14.65 -5.20
C VAL D 258 31.56 -14.17 -4.11
N ARG D 259 30.99 -12.97 -4.25
CA ARG D 259 29.90 -12.58 -3.33
C ARG D 259 28.65 -13.40 -3.61
N LYS D 260 28.27 -13.54 -4.88
CA LYS D 260 27.07 -14.29 -5.23
C LYS D 260 27.17 -15.76 -4.87
N PHE D 261 28.38 -16.33 -4.94
CA PHE D 261 28.54 -17.76 -4.74
C PHE D 261 29.04 -18.14 -3.36
N CYS D 262 30.14 -17.51 -2.90
CA CYS D 262 30.85 -17.98 -1.72
C CYS D 262 30.38 -17.36 -0.41
N ILE D 263 29.91 -16.12 -0.41
CA ILE D 263 29.54 -15.44 0.83
C ILE D 263 28.20 -15.99 1.31
N PRO D 264 28.13 -16.54 2.52
CA PRO D 264 26.88 -17.16 2.99
C PRO D 264 25.81 -16.12 3.30
N GLY D 265 24.58 -16.63 3.43
CA GLY D 265 23.45 -15.74 3.69
C GLY D 265 23.42 -15.19 5.09
N ASP D 266 24.06 -15.87 6.05
CA ASP D 266 24.16 -15.35 7.41
C ASP D 266 25.04 -14.12 7.45
N LYS D 267 26.10 -14.10 6.65
CA LYS D 267 27.02 -12.98 6.57
C LYS D 267 26.67 -12.00 5.45
N MET D 268 25.49 -12.15 4.85
CA MET D 268 25.10 -11.26 3.76
C MET D 268 24.90 -9.84 4.25
N THR D 269 24.28 -9.67 5.43
CA THR D 269 24.12 -8.33 5.98
C THR D 269 25.45 -7.72 6.39
N GLY D 270 26.40 -8.55 6.82
CA GLY D 270 27.73 -8.04 7.13
C GLY D 270 28.46 -7.53 5.91
N TYR D 271 28.40 -8.28 4.81
CA TYR D 271 29.03 -7.84 3.57
C TYR D 271 28.33 -6.61 3.01
N LYS D 272 27.00 -6.55 3.15
CA LYS D 272 26.26 -5.39 2.69
C LYS D 272 26.59 -4.15 3.53
N HIS D 273 26.90 -4.34 4.81
CA HIS D 273 27.33 -3.19 5.62
C HIS D 273 28.78 -2.80 5.32
N LEU D 274 29.63 -3.77 4.97
CA LEU D 274 31.02 -3.45 4.69
C LEU D 274 31.18 -2.68 3.39
N VAL D 275 30.48 -3.09 2.34
CA VAL D 275 30.67 -2.48 1.03
C VAL D 275 29.69 -1.32 0.87
N GLY D 276 28.97 -0.97 1.92
CA GLY D 276 28.06 0.15 1.87
C GLY D 276 26.81 -0.08 1.07
N GLN D 277 26.13 -1.20 1.28
CA GLN D 277 24.84 -1.46 0.67
C GLN D 277 23.74 -1.29 1.71
N GLU D 278 22.63 -0.68 1.28
CA GLU D 278 21.46 -0.53 2.13
C GLU D 278 20.90 -1.88 2.56
N VAL D 279 20.40 -1.94 3.78
CA VAL D 279 19.73 -3.12 4.31
C VAL D 279 18.30 -2.76 4.65
N SER D 280 17.38 -3.67 4.40
CA SER D 280 15.96 -3.39 4.59
C SER D 280 15.61 -3.41 6.06
N VAL D 281 15.26 -2.25 6.60
CA VAL D 281 14.76 -2.13 7.96
C VAL D 281 13.28 -2.52 7.96
N GLU D 282 12.91 -3.43 8.84
CA GLU D 282 11.55 -3.95 8.90
C GLU D 282 10.78 -3.22 9.98
N GLY D 283 9.65 -2.62 9.59
CA GLY D 283 8.75 -1.98 10.52
C GLY D 283 7.36 -2.59 10.43
N THR D 284 6.51 -2.17 11.36
CA THR D 284 5.15 -2.70 11.45
C THR D 284 4.16 -1.55 11.40
N SER D 285 2.95 -1.87 10.96
CA SER D 285 1.92 -0.85 10.80
C SER D 285 1.05 -0.72 12.04
N GLY D 286 0.35 -1.80 12.40
CA GLY D 286 -0.53 -1.78 13.55
C GLY D 286 -1.66 -2.78 13.41
N PRO D 287 -2.59 -2.77 14.37
CA PRO D 287 -3.72 -3.70 14.32
C PRO D 287 -4.63 -3.43 13.13
N LEU D 288 -5.16 -4.51 12.55
CA LEU D 288 -6.01 -4.44 11.38
C LEU D 288 -7.15 -5.45 11.52
N LEU D 289 -8.16 -5.30 10.66
CA LEU D 289 -9.40 -6.08 10.82
C LEU D 289 -9.18 -7.55 10.45
N CYS D 290 -8.86 -7.80 9.18
CA CYS D 290 -8.72 -9.12 8.57
C CYS D 290 -9.94 -10.01 8.71
N ASN D 291 -9.77 -11.29 8.41
CA ASN D 291 -10.83 -12.28 8.44
C ASN D 291 -10.19 -13.66 8.57
N ILE D 292 -10.99 -14.64 8.95
CA ILE D 292 -10.56 -16.03 8.98
C ILE D 292 -11.62 -16.86 8.24
N HIS D 293 -11.20 -17.52 7.17
CA HIS D 293 -12.10 -18.34 6.37
C HIS D 293 -11.66 -19.79 6.47
N ASP D 294 -12.49 -20.61 7.11
CA ASP D 294 -12.20 -22.03 7.31
C ASP D 294 -13.31 -22.86 6.68
N LEU D 295 -12.91 -23.92 5.99
CA LEU D 295 -13.86 -24.83 5.36
C LEU D 295 -13.23 -26.20 5.14
N LEU D 351 -11.79 -11.34 11.81
CA LEU D 351 -11.96 -12.06 13.06
C LEU D 351 -10.78 -11.81 14.00
N ASP D 352 -9.59 -12.20 13.57
CA ASP D 352 -8.38 -12.08 14.37
C ASP D 352 -7.63 -10.79 14.04
N ILE D 353 -6.90 -10.27 15.02
CA ILE D 353 -6.20 -9.01 14.85
C ILE D 353 -4.78 -9.28 14.34
N ARG D 354 -4.41 -8.63 13.24
CA ARG D 354 -3.16 -8.95 12.57
C ARG D 354 -2.42 -7.66 12.19
N ARG D 355 -1.12 -7.64 12.46
CA ARG D 355 -0.26 -6.53 12.10
C ARG D 355 0.25 -6.69 10.67
N ASN D 356 0.62 -5.56 10.06
CA ASN D 356 1.15 -5.53 8.70
C ASN D 356 2.62 -5.12 8.76
N VAL D 357 3.47 -5.89 8.09
CA VAL D 357 4.92 -5.69 8.15
C VAL D 357 5.39 -5.10 6.82
N HIS D 358 6.11 -3.98 6.90
CA HIS D 358 6.66 -3.30 5.75
C HIS D 358 8.18 -3.25 5.86
N TYR D 359 8.83 -3.05 4.72
CA TYR D 359 10.28 -2.94 4.65
C TYR D 359 10.66 -1.62 4.01
N SER D 360 11.69 -0.97 4.55
CA SER D 360 12.17 0.29 4.02
C SER D 360 13.69 0.27 3.97
N CYS D 361 14.28 1.36 3.47
CA CYS D 361 15.71 1.47 3.31
C CYS D 361 16.15 2.92 3.47
N ASN D 362 17.19 3.12 4.27
CA ASN D 362 17.77 4.44 4.50
C ASN D 362 19.23 4.52 4.08
N GLY D 363 19.72 3.55 3.31
CA GLY D 363 21.13 3.44 3.03
C GLY D 363 21.59 4.33 1.90
N PRO D 364 22.79 4.05 1.38
CA PRO D 364 23.34 4.87 0.29
C PRO D 364 22.52 4.82 -0.99
N GLN D 365 21.92 3.67 -1.31
CA GLN D 365 21.15 3.53 -2.55
C GLN D 365 19.82 4.25 -2.51
N THR D 366 19.39 4.68 -1.34
CA THR D 366 18.23 5.56 -1.24
C THR D 366 18.59 6.90 -1.86
N PRO D 367 17.82 7.41 -2.81
CA PRO D 367 18.11 8.72 -3.39
C PRO D 367 17.94 9.81 -2.36
N LYS D 368 19.02 10.50 -2.01
CA LYS D 368 19.00 11.50 -0.96
C LYS D 368 19.47 12.85 -1.51
N TYR D 369 19.01 13.92 -0.86
CA TYR D 369 19.53 15.24 -1.19
C TYR D 369 20.99 15.39 -0.80
N TYR D 370 21.38 14.79 0.32
CA TYR D 370 22.73 14.93 0.86
C TYR D 370 23.14 13.56 1.39
N GLN D 371 24.03 12.88 0.69
CA GLN D 371 24.51 11.58 1.13
C GLN D 371 25.54 11.76 2.23
N PRO D 372 25.42 11.07 3.35
CA PRO D 372 26.41 11.19 4.43
C PRO D 372 27.74 10.58 4.02
N PRO D 373 28.83 10.92 4.72
CA PRO D 373 30.11 10.24 4.46
C PRO D 373 30.00 8.75 4.72
N LEU D 374 30.50 7.97 3.77
CA LEU D 374 30.22 6.54 3.69
C LEU D 374 31.47 5.74 4.02
N ALA D 375 31.31 4.66 4.77
CA ALA D 375 32.42 3.85 5.24
C ALA D 375 32.55 2.59 4.39
N LEU D 376 33.54 2.57 3.51
CA LEU D 376 33.82 1.39 2.71
C LEU D 376 34.92 0.56 3.37
N TRP D 377 34.62 -0.71 3.61
CA TRP D 377 35.59 -1.67 4.15
C TRP D 377 35.63 -2.84 3.16
N ILE D 378 36.47 -2.72 2.14
CA ILE D 378 36.51 -3.69 1.07
C ILE D 378 37.54 -4.76 1.41
N LYS D 379 37.10 -6.01 1.44
CA LYS D 379 38.00 -7.13 1.69
C LYS D 379 38.85 -7.42 0.46
N LEU D 380 40.11 -7.74 0.69
CA LEU D 380 41.04 -8.10 -0.38
C LEU D 380 41.18 -9.62 -0.40
N ARG D 381 40.92 -10.22 -1.56
CA ARG D 381 40.93 -11.68 -1.70
C ARG D 381 42.12 -12.10 -2.55
N PHE D 382 42.93 -12.99 -2.00
CA PHE D 382 44.06 -13.57 -2.72
C PHE D 382 44.11 -15.06 -2.42
N TRP D 383 45.15 -15.72 -2.91
CA TRP D 383 45.28 -17.16 -2.69
C TRP D 383 45.70 -17.48 -1.27
N PHE D 384 46.39 -16.56 -0.60
CA PHE D 384 46.91 -16.79 0.74
C PHE D 384 46.02 -16.18 1.83
N ASN D 385 44.82 -15.71 1.48
CA ASN D 385 43.91 -15.11 2.44
C ASN D 385 42.87 -16.10 2.96
N GLU D 386 42.97 -17.38 2.61
CA GLU D 386 41.97 -18.37 2.98
C GLU D 386 42.39 -19.18 4.20
N ASN D 387 43.55 -19.84 4.14
CA ASN D 387 44.04 -20.68 5.21
C ASN D 387 45.19 -19.99 5.93
N VAL D 388 45.15 -20.03 7.27
CA VAL D 388 46.23 -19.43 8.05
C VAL D 388 47.52 -20.23 7.92
N ASN D 389 47.41 -21.52 7.61
CA ASN D 389 48.60 -22.34 7.37
C ASN D 389 49.25 -22.03 6.03
N LEU D 390 48.49 -21.47 5.08
CA LEU D 390 49.01 -21.12 3.77
C LEU D 390 49.35 -19.65 3.65
N ALA D 391 49.35 -18.91 4.75
CA ALA D 391 49.74 -17.51 4.74
C ALA D 391 51.24 -17.40 4.47
N ILE D 392 51.62 -16.58 3.50
CA ILE D 392 53.03 -16.49 3.10
C ILE D 392 53.81 -15.75 4.17
N PRO D 393 55.06 -16.13 4.44
CA PRO D 393 55.84 -15.42 5.46
C PRO D 393 56.26 -14.04 5.00
N SER D 394 56.46 -13.15 5.97
CA SER D 394 56.99 -11.82 5.70
C SER D 394 58.51 -11.77 5.71
N VAL D 395 59.18 -12.90 5.96
CA VAL D 395 60.63 -12.95 6.01
C VAL D 395 61.23 -13.73 4.86
N SER D 396 60.44 -14.54 4.14
CA SER D 396 60.96 -15.31 3.01
C SER D 396 61.38 -14.39 1.87
N ILE D 397 60.62 -13.34 1.62
CA ILE D 397 60.96 -12.34 0.62
C ILE D 397 60.98 -10.98 1.29
N PRO D 398 61.75 -10.01 0.80
CA PRO D 398 61.76 -8.68 1.44
C PRO D 398 60.41 -7.99 1.33
N PHE D 399 60.09 -7.19 2.35
CA PHE D 399 58.80 -6.50 2.39
C PHE D 399 58.76 -5.29 1.48
N GLY D 400 59.91 -4.82 1.01
CA GLY D 400 59.93 -3.65 0.13
C GLY D 400 59.33 -3.93 -1.23
N GLU D 401 59.56 -5.13 -1.76
CA GLU D 401 59.17 -5.44 -3.13
C GLU D 401 57.70 -5.82 -3.28
N ARG D 402 56.97 -5.99 -2.17
CA ARG D 402 55.57 -6.37 -2.23
C ARG D 402 54.70 -5.13 -2.33
N PHE D 403 53.96 -5.00 -3.43
CA PHE D 403 53.15 -3.82 -3.70
C PHE D 403 51.75 -4.24 -4.16
N ILE D 404 50.77 -3.39 -3.90
CA ILE D 404 49.38 -3.62 -4.30
C ILE D 404 48.93 -2.44 -5.14
N THR D 405 48.42 -2.72 -6.33
CA THR D 405 47.95 -1.68 -7.25
C THR D 405 46.47 -1.85 -7.49
N ILE D 406 45.69 -0.79 -7.22
CA ILE D 406 44.24 -0.81 -7.38
C ILE D 406 43.86 0.32 -8.33
N LYS D 407 42.94 0.02 -9.24
CA LYS D 407 42.38 1.02 -10.15
C LYS D 407 41.04 1.43 -9.55
N LEU D 408 41.00 2.61 -8.96
CA LEU D 408 39.75 3.12 -8.40
C LEU D 408 38.82 3.55 -9.52
N ALA D 409 37.52 3.40 -9.28
CA ALA D 409 36.53 3.68 -10.31
C ALA D 409 36.37 5.19 -10.52
N SER D 410 35.74 5.53 -11.64
CA SER D 410 35.48 6.92 -11.97
C SER D 410 34.38 7.48 -11.07
N GLN D 411 34.28 8.81 -11.05
CA GLN D 411 33.24 9.47 -10.25
C GLN D 411 31.85 9.15 -10.77
N LYS D 412 31.67 9.18 -12.09
CA LYS D 412 30.37 8.85 -12.69
C LYS D 412 30.03 7.37 -12.58
N ASP D 413 31.01 6.53 -12.26
CA ASP D 413 30.79 5.09 -12.11
C ASP D 413 30.33 4.69 -10.72
N LEU D 414 30.31 5.62 -9.77
CA LEU D 414 29.94 5.32 -8.38
C LEU D 414 28.67 6.01 -7.92
N VAL D 415 28.47 7.27 -8.32
CA VAL D 415 27.33 8.07 -7.85
C VAL D 415 26.48 8.45 -9.05
N ASN D 416 25.20 8.12 -8.99
CA ASN D 416 24.23 8.44 -10.02
C ASN D 416 23.28 9.49 -9.47
N GLU D 417 22.43 10.03 -10.34
CA GLU D 417 21.49 11.08 -9.96
C GLU D 417 20.06 10.57 -10.07
N PHE D 418 19.21 11.05 -9.17
CA PHE D 418 17.77 10.85 -9.19
C PHE D 418 17.08 12.14 -9.62
N PRO D 419 15.99 12.06 -10.37
CA PRO D 419 15.26 13.28 -10.76
C PRO D 419 14.67 13.98 -9.55
N GLY D 420 15.16 15.19 -9.29
CA GLY D 420 14.68 16.02 -8.22
C GLY D 420 13.52 16.93 -8.60
N LEU D 421 12.91 16.71 -9.75
CA LEU D 421 11.77 17.49 -10.19
C LEU D 421 10.83 16.58 -10.96
N PHE D 422 9.54 16.71 -10.69
CA PHE D 422 8.53 15.90 -11.35
C PHE D 422 7.46 16.80 -11.94
N VAL D 423 7.20 16.62 -13.23
CA VAL D 423 6.07 17.29 -13.88
C VAL D 423 4.81 16.53 -13.50
N ARG D 424 3.96 17.18 -12.70
CA ARG D 424 2.70 16.63 -12.24
C ARG D 424 1.61 17.05 -13.21
N GLN D 425 0.97 16.08 -13.83
CA GLN D 425 -0.07 16.32 -14.83
C GLN D 425 -1.42 15.95 -14.22
N SER D 426 -2.22 16.96 -13.94
CA SER D 426 -3.64 16.72 -13.71
C SER D 426 -4.34 16.66 -15.06
N ARG D 427 -5.36 15.82 -15.14
CA ARG D 427 -6.12 15.75 -16.39
C ARG D 427 -7.57 15.47 -16.07
N PHE D 428 -8.44 16.42 -16.39
CA PHE D 428 -9.87 16.27 -16.18
C PHE D 428 -10.46 15.68 -17.46
N ILE D 429 -10.80 14.40 -17.42
CA ILE D 429 -11.47 13.74 -18.53
C ILE D 429 -12.97 13.93 -18.32
N ALA D 430 -13.55 14.86 -19.08
CA ALA D 430 -14.96 15.20 -18.90
C ALA D 430 -15.86 14.06 -19.34
N GLY D 431 -17.00 13.95 -18.68
CA GLY D 431 -17.98 12.93 -18.97
C GLY D 431 -18.58 12.40 -17.68
N ARG D 432 -19.30 11.29 -17.81
CA ARG D 432 -19.91 10.61 -16.66
C ARG D 432 -19.39 9.17 -16.60
N PRO D 433 -18.45 8.85 -15.69
CA PRO D 433 -17.84 9.69 -14.65
C PRO D 433 -16.79 10.67 -15.19
N SER D 434 -16.51 11.72 -14.42
CA SER D 434 -15.54 12.74 -14.80
C SER D 434 -14.23 12.45 -14.10
N ARG D 435 -13.38 11.65 -14.74
CA ARG D 435 -12.14 11.20 -14.14
C ARG D 435 -11.13 12.34 -14.03
N ARG D 436 -10.28 12.26 -13.01
CA ARG D 436 -9.18 13.21 -12.80
C ARG D 436 -7.90 12.40 -12.60
N ASN D 437 -7.26 12.03 -13.72
CA ASN D 437 -6.04 11.26 -13.65
C ASN D 437 -4.86 12.19 -13.44
N ILE D 438 -4.11 11.98 -12.37
CA ILE D 438 -2.94 12.78 -12.04
C ILE D 438 -1.73 11.86 -12.10
N ARG D 439 -0.81 12.16 -13.01
CA ARG D 439 0.39 11.35 -13.21
C ARG D 439 1.62 12.22 -12.99
N PHE D 440 2.78 11.57 -12.91
CA PHE D 440 4.03 12.27 -12.67
C PHE D 440 5.08 11.76 -13.64
N LYS D 441 5.74 12.68 -14.35
CA LYS D 441 6.84 12.32 -15.23
C LYS D 441 8.11 13.00 -14.74
N PRO D 442 9.20 12.28 -14.56
CA PRO D 442 10.41 12.90 -14.02
C PRO D 442 11.04 13.91 -14.97
N TRP D 443 11.62 14.95 -14.39
CA TRP D 443 12.39 15.95 -15.12
C TRP D 443 13.85 15.75 -14.74
N PHE D 444 14.59 15.06 -15.61
CA PHE D 444 15.95 14.64 -15.33
C PHE D 444 16.92 15.46 -16.17
N ILE D 445 17.55 16.45 -15.54
CA ILE D 445 18.62 17.22 -16.18
C ILE D 445 19.89 17.02 -15.36
N PRO D 446 20.98 16.54 -15.97
CA PRO D 446 22.18 16.23 -15.18
C PRO D 446 22.84 17.49 -14.64
N GLY D 447 23.29 17.39 -13.39
CA GLY D 447 24.04 18.44 -12.74
C GLY D 447 25.50 18.08 -12.56
N VAL D 448 26.17 18.86 -11.73
CA VAL D 448 27.58 18.66 -11.42
C VAL D 448 27.66 18.12 -10.00
N ILE D 449 28.03 16.85 -9.87
CA ILE D 449 28.26 16.27 -8.55
C ILE D 449 29.55 16.84 -7.97
N ASN D 450 29.50 17.25 -6.71
CA ASN D 450 30.70 17.74 -6.04
C ASN D 450 31.72 16.61 -5.92
N GLU D 451 33.00 16.98 -5.94
CA GLU D 451 34.05 15.97 -5.93
C GLU D 451 34.13 15.30 -4.56
N ILE D 452 33.97 13.98 -4.56
CA ILE D 452 34.11 13.18 -3.34
C ILE D 452 35.59 12.90 -3.11
N SER D 453 36.10 13.41 -1.98
CA SER D 453 37.48 13.23 -1.59
C SER D 453 37.59 12.00 -0.69
N LEU D 454 38.52 11.11 -1.04
CA LEU D 454 38.74 9.88 -0.28
C LEU D 454 39.47 10.22 1.00
N THR D 455 38.83 9.95 2.13
CA THR D 455 39.33 10.33 3.45
C THR D 455 39.59 9.06 4.24
N ASN D 456 40.64 9.10 5.07
CA ASN D 456 41.05 7.98 5.94
C ASN D 456 41.34 6.72 5.12
N ASN D 457 42.02 6.90 4.00
CA ASN D 457 42.41 5.77 3.15
C ASN D 457 43.47 4.96 3.86
N GLU D 458 43.10 3.81 4.41
CA GLU D 458 44.02 2.98 5.15
C GLU D 458 43.92 1.55 4.63
N LEU D 459 44.95 0.76 4.90
CA LEU D 459 44.90 -0.67 4.65
C LEU D 459 45.18 -1.39 5.96
N TYR D 460 44.27 -2.25 6.37
CA TYR D 460 44.37 -3.00 7.60
C TYR D 460 44.99 -4.36 7.29
N ILE D 461 46.15 -4.64 7.87
CA ILE D 461 46.87 -5.88 7.63
C ILE D 461 46.98 -6.62 8.96
N ASN D 462 46.55 -7.89 8.98
CA ASN D 462 46.59 -8.72 10.17
C ASN D 462 47.98 -9.32 10.28
N ASN D 463 48.91 -8.55 10.88
CA ASN D 463 50.29 -9.01 11.09
C ASN D 463 50.37 -9.65 12.47
N LEU D 464 49.93 -10.90 12.55
CA LEU D 464 49.99 -11.63 13.81
C LEU D 464 51.39 -12.17 14.06
N PHE D 465 51.68 -12.47 15.33
CA PHE D 465 52.94 -13.08 15.71
C PHE D 465 52.84 -14.60 15.63
N VAL D 466 53.99 -15.26 15.62
CA VAL D 466 54.05 -16.71 15.59
C VAL D 466 53.71 -17.27 16.96
N LEU D 482 49.62 -27.20 -3.71
CA LEU D 482 49.77 -26.75 -2.33
C LEU D 482 48.90 -25.54 -2.05
N ILE D 483 49.08 -24.48 -2.85
CA ILE D 483 48.30 -23.26 -2.73
C ILE D 483 47.23 -23.27 -3.81
N ARG D 484 46.22 -22.41 -3.63
CA ARG D 484 45.05 -22.36 -4.52
C ARG D 484 44.96 -20.97 -5.12
N VAL D 485 45.65 -20.75 -6.23
CA VAL D 485 45.64 -19.48 -6.93
C VAL D 485 44.44 -19.46 -7.89
N HIS D 486 43.62 -18.43 -7.78
CA HIS D 486 42.44 -18.28 -8.64
C HIS D 486 42.82 -17.49 -9.89
N LYS D 487 42.66 -18.11 -11.05
CA LYS D 487 43.00 -17.51 -12.34
C LYS D 487 41.74 -16.96 -12.98
N THR D 488 41.72 -15.65 -13.21
CA THR D 488 40.55 -14.96 -13.73
C THR D 488 40.87 -14.31 -15.07
N GLN D 489 39.86 -14.23 -15.93
CA GLN D 489 40.00 -13.55 -17.21
C GLN D 489 38.64 -12.98 -17.62
N VAL D 490 38.68 -11.95 -18.45
CA VAL D 490 37.48 -11.25 -18.92
C VAL D 490 37.51 -11.22 -20.44
N THR D 491 36.41 -11.65 -21.06
CA THR D 491 36.31 -11.66 -22.51
C THR D 491 35.05 -10.95 -22.96
N HIS D 492 35.10 -10.37 -24.16
CA HIS D 492 33.97 -9.68 -24.77
C HIS D 492 33.53 -10.45 -26.00
N THR D 493 32.22 -10.69 -26.12
CA THR D 493 31.67 -11.57 -27.13
C THR D 493 30.54 -10.87 -27.89
N ASN D 494 30.48 -11.11 -29.21
CA ASN D 494 29.46 -10.51 -30.05
C ASN D 494 28.92 -11.45 -31.12
N ASN D 495 29.15 -12.76 -31.01
CA ASN D 495 28.69 -13.69 -32.02
C ASN D 495 27.22 -14.03 -31.82
N ASN D 496 26.61 -14.64 -32.84
CA ASN D 496 25.19 -14.94 -32.84
C ASN D 496 24.99 -16.45 -32.97
N HIS D 497 24.27 -17.03 -32.00
CA HIS D 497 23.73 -18.39 -31.99
C HIS D 497 24.80 -19.47 -31.81
N HIS D 498 26.08 -19.08 -31.87
CA HIS D 498 27.20 -19.97 -31.59
C HIS D 498 28.41 -19.10 -31.31
N ASP D 499 28.91 -19.13 -30.07
CA ASP D 499 30.00 -18.25 -29.65
C ASP D 499 31.07 -19.10 -28.97
N GLU D 500 31.96 -19.70 -29.77
CA GLU D 500 33.02 -20.53 -29.26
C GLU D 500 34.25 -19.66 -28.98
N LYS D 501 34.70 -19.68 -27.73
CA LYS D 501 35.86 -18.89 -27.29
C LYS D 501 36.88 -19.82 -26.68
N LEU D 502 38.12 -19.73 -27.15
CA LEU D 502 39.21 -20.55 -26.68
C LEU D 502 40.21 -19.68 -25.91
N MET D 503 40.76 -20.24 -24.83
CA MET D 503 41.72 -19.54 -23.99
C MET D 503 42.97 -20.39 -23.83
N SER D 504 44.11 -19.73 -23.62
CA SER D 504 45.38 -20.40 -23.44
C SER D 504 46.07 -20.03 -22.14
N ALA D 505 45.49 -19.12 -21.35
CA ALA D 505 46.11 -18.73 -20.09
C ALA D 505 45.95 -19.80 -19.01
N LEU D 506 44.87 -20.57 -19.07
CA LEU D 506 44.60 -21.60 -18.06
C LEU D 506 45.44 -22.83 -18.37
N LYS D 507 46.47 -23.07 -17.57
CA LYS D 507 47.33 -24.23 -17.69
C LYS D 507 47.31 -25.12 -16.46
N TRP D 508 47.12 -24.55 -15.28
CA TRP D 508 47.05 -25.31 -14.05
C TRP D 508 45.73 -26.08 -13.98
N PRO D 509 45.69 -27.17 -13.20
CA PRO D 509 44.42 -27.91 -13.02
C PRO D 509 43.34 -27.04 -12.40
N ILE D 510 42.10 -27.27 -12.83
CA ILE D 510 40.97 -26.39 -12.56
C ILE D 510 39.94 -27.14 -11.74
N GLU D 511 39.60 -26.59 -10.57
CA GLU D 511 38.55 -27.09 -9.70
C GLU D 511 37.24 -26.42 -10.12
N TYR D 512 36.23 -26.42 -9.24
CA TYR D 512 34.94 -25.73 -9.46
C TYR D 512 35.14 -24.30 -9.95
N MET D 513 34.35 -23.93 -10.95
CA MET D 513 34.58 -22.71 -11.72
C MET D 513 33.29 -21.92 -11.85
N PHE D 514 33.26 -20.71 -11.31
CA PHE D 514 32.12 -19.81 -11.47
C PHE D 514 32.30 -19.01 -12.74
N ILE D 515 31.26 -18.97 -13.57
CA ILE D 515 31.26 -18.18 -14.79
C ILE D 515 29.99 -17.33 -14.82
N GLY D 516 30.14 -16.08 -15.22
CA GLY D 516 29.01 -15.18 -15.34
C GLY D 516 29.05 -14.40 -16.64
N LEU D 517 27.94 -14.38 -17.37
CA LEU D 517 27.87 -13.69 -18.65
C LEU D 517 27.04 -12.44 -18.44
N LYS D 518 27.70 -11.34 -18.14
CA LYS D 518 27.04 -10.06 -17.91
C LYS D 518 26.85 -9.34 -19.23
N PRO D 519 25.65 -8.83 -19.53
CA PRO D 519 25.49 -8.00 -20.73
C PRO D 519 26.34 -6.75 -20.64
N THR D 520 26.88 -6.34 -21.80
CA THR D 520 27.69 -5.12 -21.85
C THR D 520 26.86 -3.88 -21.54
N TRP D 521 25.55 -3.92 -21.84
CA TRP D 521 24.65 -2.82 -21.53
C TRP D 521 24.49 -2.62 -20.02
N ASN D 522 24.79 -3.63 -19.20
CA ASN D 522 24.68 -3.48 -17.76
C ASN D 522 25.68 -2.45 -17.22
N ILE D 523 26.92 -2.49 -17.72
CA ILE D 523 27.96 -1.56 -17.29
C ILE D 523 28.15 -0.42 -18.29
N SER D 524 27.29 -0.33 -19.29
CA SER D 524 27.43 0.72 -20.30
C SER D 524 27.00 2.06 -19.72
N ASP D 525 27.61 3.14 -20.23
CA ASP D 525 27.27 4.49 -19.79
C ASP D 525 25.87 4.88 -20.25
N GLN D 526 25.41 4.34 -21.38
CA GLN D 526 24.11 4.70 -21.92
C GLN D 526 22.95 4.12 -21.12
N ASN D 527 23.22 3.18 -20.22
CA ASN D 527 22.18 2.60 -19.38
C ASN D 527 21.76 3.60 -18.32
N PRO D 528 20.49 4.01 -18.26
CA PRO D 528 20.03 4.81 -17.11
C PRO D 528 20.12 4.08 -15.80
N HIS D 529 19.93 2.76 -15.81
CA HIS D 529 20.03 1.92 -14.61
C HIS D 529 21.36 1.19 -14.55
N GLN D 530 22.43 1.85 -14.99
CA GLN D 530 23.76 1.25 -14.96
C GLN D 530 24.22 0.97 -13.53
N HIS D 531 23.98 1.92 -12.63
CA HIS D 531 24.46 1.78 -11.25
C HIS D 531 23.68 0.71 -10.51
N ARG D 532 22.37 0.59 -10.77
CA ARG D 532 21.55 -0.40 -10.10
C ARG D 532 21.78 -1.80 -10.63
N ASP D 533 22.00 -1.95 -11.94
CA ASP D 533 22.04 -3.25 -12.59
C ASP D 533 23.43 -3.66 -13.03
N TRP D 534 24.49 -3.11 -12.43
CA TRP D 534 25.84 -3.49 -12.83
C TRP D 534 26.20 -4.89 -12.34
N HIS D 535 25.76 -5.25 -11.14
CA HIS D 535 26.14 -6.53 -10.52
C HIS D 535 25.12 -7.63 -10.83
N LYS D 536 24.76 -7.75 -12.10
CA LYS D 536 23.69 -8.66 -12.50
C LYS D 536 24.07 -9.30 -13.83
N PHE D 537 24.21 -10.63 -13.82
CA PHE D 537 24.67 -11.37 -14.99
C PHE D 537 23.51 -11.82 -15.87
N GLY D 538 22.38 -11.11 -15.82
CA GLY D 538 21.26 -11.43 -16.68
C GLY D 538 20.70 -10.18 -17.32
N HIS D 539 19.80 -10.40 -18.28
CA HIS D 539 19.16 -9.29 -18.97
C HIS D 539 18.15 -8.64 -18.03
N VAL D 540 18.39 -7.37 -17.70
CA VAL D 540 17.59 -6.67 -16.69
C VAL D 540 16.45 -5.92 -17.37
N VAL D 541 15.24 -6.11 -16.87
CA VAL D 541 14.07 -5.34 -17.26
C VAL D 541 13.43 -4.81 -15.98
N ASN D 542 12.45 -3.93 -16.14
CA ASN D 542 11.83 -3.23 -15.01
C ASN D 542 10.32 -3.42 -15.05
N ALA D 543 9.78 -4.10 -14.04
CA ALA D 543 8.33 -4.15 -13.87
C ALA D 543 7.90 -3.01 -12.95
N ILE D 544 6.94 -2.22 -13.38
CA ILE D 544 6.61 -0.97 -12.72
C ILE D 544 5.21 -1.07 -12.12
N MET D 545 5.13 -1.01 -10.79
CA MET D 545 3.91 -0.60 -10.12
C MET D 545 3.69 0.89 -10.34
N GLN D 546 2.46 1.25 -10.70
CA GLN D 546 1.99 2.62 -10.69
C GLN D 546 0.73 2.64 -9.83
N PRO D 547 0.88 2.53 -8.51
CA PRO D 547 -0.30 2.33 -7.65
C PRO D 547 -1.13 3.59 -7.48
N THR D 548 -2.26 3.64 -8.15
CA THR D 548 -3.14 4.79 -8.09
C THR D 548 -4.00 4.74 -6.84
N HIS D 549 -4.58 5.89 -6.48
CA HIS D 549 -5.49 6.01 -5.35
C HIS D 549 -6.87 6.31 -5.93
N HIS D 550 -7.59 5.25 -6.30
CA HIS D 550 -8.88 5.40 -6.97
C HIS D 550 -9.97 5.71 -5.95
N ALA D 551 -10.80 6.71 -6.25
CA ALA D 551 -11.92 7.08 -5.40
C ALA D 551 -13.03 7.65 -6.26
N GLU D 552 -14.23 7.11 -6.12
CA GLU D 552 -15.38 7.47 -6.94
C GLU D 552 -16.42 8.14 -6.07
N ILE D 553 -16.85 9.34 -6.47
CA ILE D 553 -17.70 10.20 -5.68
C ILE D 553 -18.94 10.55 -6.49
N SER D 554 -20.11 10.46 -5.86
CA SER D 554 -21.38 10.84 -6.48
C SER D 554 -21.92 12.10 -5.83
N PHE D 555 -22.55 12.96 -6.63
CA PHE D 555 -23.00 14.27 -6.18
C PHE D 555 -24.51 14.37 -6.06
N GLN D 556 -25.25 13.72 -6.95
CA GLN D 556 -26.63 14.11 -7.21
C GLN D 556 -27.58 13.62 -6.12
N ASP D 557 -27.28 12.47 -5.49
CA ASP D 557 -28.12 11.71 -4.57
C ASP D 557 -29.39 11.19 -5.25
N ARG D 558 -29.49 11.25 -6.58
CA ARG D 558 -30.63 10.75 -7.32
C ARG D 558 -30.27 9.70 -8.36
N ASP D 559 -29.26 9.96 -9.18
CA ASP D 559 -28.89 9.02 -10.25
C ASP D 559 -28.12 7.84 -9.70
N THR D 560 -27.04 8.11 -8.95
CA THR D 560 -26.37 7.22 -8.01
C THR D 560 -26.05 5.81 -8.50
N ALA D 561 -25.85 5.62 -9.79
CA ALA D 561 -25.44 4.32 -10.30
C ALA D 561 -24.06 4.37 -10.93
N LEU D 562 -23.85 5.23 -11.89
CA LEU D 562 -22.52 5.56 -12.35
C LEU D 562 -22.03 6.78 -11.56
N PRO D 563 -20.83 6.75 -11.01
CA PRO D 563 -20.37 7.85 -10.15
C PRO D 563 -20.24 9.14 -10.92
N ASP D 564 -20.49 10.26 -10.22
CA ASP D 564 -20.43 11.55 -10.87
C ASP D 564 -19.01 12.06 -11.09
N ALA D 565 -18.03 11.53 -10.36
CA ALA D 565 -16.64 11.86 -10.59
C ALA D 565 -15.76 10.74 -10.06
N CYS D 566 -14.53 10.68 -10.57
CA CYS D 566 -13.56 9.69 -10.12
C CYS D 566 -12.23 10.37 -9.82
N SER D 567 -11.21 9.59 -9.52
CA SER D 567 -9.88 10.10 -9.21
C SER D 567 -8.87 8.98 -9.42
N SER D 568 -7.70 9.32 -9.93
CA SER D 568 -6.66 8.34 -10.25
C SER D 568 -5.29 8.85 -9.81
N ILE D 569 -5.18 9.30 -8.56
CA ILE D 569 -3.95 9.90 -8.05
C ILE D 569 -2.85 8.86 -7.97
N SER D 570 -1.86 8.97 -8.84
CA SER D 570 -0.71 8.08 -8.82
C SER D 570 0.35 8.61 -7.85
N ASP D 571 1.24 7.71 -7.43
CA ASP D 571 2.38 8.11 -6.64
C ASP D 571 3.42 8.79 -7.52
N ILE D 572 4.25 9.63 -6.90
CA ILE D 572 5.27 10.37 -7.65
C ILE D 572 6.33 9.42 -8.20
N SER D 573 6.83 8.53 -7.35
CA SER D 573 7.88 7.61 -7.77
C SER D 573 7.27 6.23 -7.96
N PRO D 574 7.18 5.72 -9.19
CA PRO D 574 6.63 4.38 -9.40
C PRO D 574 7.62 3.31 -8.93
N VAL D 575 7.08 2.15 -8.58
CA VAL D 575 7.90 1.09 -8.00
C VAL D 575 8.50 0.25 -9.12
N THR D 576 9.82 0.13 -9.13
CA THR D 576 10.55 -0.56 -10.19
C THR D 576 11.18 -1.83 -9.63
N TYR D 577 10.69 -2.98 -10.09
CA TYR D 577 11.31 -4.26 -9.77
C TYR D 577 12.28 -4.63 -10.88
N PRO D 578 13.56 -4.85 -10.57
CA PRO D 578 14.51 -5.32 -11.58
C PRO D 578 14.46 -6.83 -11.73
N ILE D 579 14.11 -7.29 -12.93
CA ILE D 579 14.05 -8.71 -13.25
C ILE D 579 15.29 -9.05 -14.07
N THR D 580 16.01 -10.08 -13.65
CA THR D 580 17.15 -10.60 -14.39
C THR D 580 16.70 -11.85 -15.14
N LEU D 581 16.19 -11.64 -16.35
CA LEU D 581 15.89 -12.74 -17.24
C LEU D 581 17.19 -13.44 -17.64
N PRO D 582 17.15 -14.75 -17.89
CA PRO D 582 18.38 -15.48 -18.22
C PRO D 582 18.98 -15.01 -19.54
N ILE D 583 20.31 -15.07 -19.60
CA ILE D 583 21.06 -14.58 -20.75
C ILE D 583 21.60 -15.73 -21.61
N ILE D 584 21.62 -16.95 -21.09
CA ILE D 584 22.16 -18.11 -21.77
C ILE D 584 21.06 -19.16 -21.86
N LYS D 585 20.92 -19.78 -23.03
CA LYS D 585 20.02 -20.92 -23.17
C LYS D 585 20.72 -22.25 -22.93
N ASN D 586 21.78 -22.54 -23.69
CA ASN D 586 22.53 -23.78 -23.53
C ASN D 586 24.01 -23.43 -23.39
N ILE D 587 24.55 -23.58 -22.18
CA ILE D 587 25.98 -23.39 -21.97
C ILE D 587 26.71 -24.69 -22.32
N SER D 588 27.96 -24.55 -22.76
CA SER D 588 28.76 -25.70 -23.12
C SER D 588 30.24 -25.38 -22.94
N VAL D 589 30.97 -26.33 -22.34
CA VAL D 589 32.41 -26.22 -22.13
C VAL D 589 33.03 -27.49 -22.68
N THR D 590 33.72 -27.37 -23.81
CA THR D 590 34.31 -28.53 -24.48
C THR D 590 35.80 -28.60 -24.19
N ALA D 591 36.28 -29.79 -23.84
CA ALA D 591 37.67 -29.99 -23.47
C ALA D 591 38.52 -30.17 -24.72
N HIS D 592 39.77 -30.62 -24.53
CA HIS D 592 40.69 -30.79 -25.65
C HIS D 592 40.28 -31.96 -26.53
N GLY D 593 39.97 -33.11 -25.93
CA GLY D 593 39.64 -34.29 -26.69
C GLY D 593 38.26 -34.84 -26.45
N ILE D 594 37.72 -34.63 -25.26
CA ILE D 594 36.41 -35.16 -24.91
C ILE D 594 35.37 -34.04 -24.99
N ASN D 595 34.10 -34.44 -24.96
CA ASN D 595 33.01 -33.47 -25.12
C ASN D 595 32.89 -32.57 -23.89
N LEU D 596 33.07 -33.14 -22.69
CA LEU D 596 32.98 -32.46 -21.41
C LEU D 596 31.57 -31.87 -21.28
N ILE D 597 31.40 -30.57 -21.13
CA ILE D 597 30.09 -29.96 -20.97
C ILE D 597 29.56 -29.60 -22.36
N ASP D 598 28.42 -30.19 -22.73
CA ASP D 598 27.86 -30.03 -24.07
C ASP D 598 26.39 -29.68 -23.97
N LYS D 599 26.08 -28.40 -24.22
CA LYS D 599 24.71 -27.89 -24.36
C LYS D 599 23.87 -28.13 -23.10
N PHE D 600 24.49 -27.98 -21.94
CA PHE D 600 23.71 -27.99 -20.70
C PHE D 600 22.90 -26.71 -20.58
N PRO D 601 21.64 -26.80 -20.16
CA PRO D 601 20.84 -25.58 -19.98
C PRO D 601 21.37 -24.73 -18.84
N SER D 602 21.08 -23.43 -18.91
CA SER D 602 21.61 -22.50 -17.92
C SER D 602 20.98 -22.71 -16.56
N LYS D 603 19.74 -23.20 -16.51
CA LYS D 603 19.12 -23.50 -15.23
C LYS D 603 19.78 -24.70 -14.57
N PHE D 604 20.35 -25.61 -15.35
CA PHE D 604 21.07 -26.74 -14.78
C PHE D 604 22.36 -26.29 -14.11
N CYS D 605 23.14 -25.45 -14.79
CA CYS D 605 24.43 -25.01 -14.26
C CYS D 605 24.32 -23.83 -13.30
N SER D 606 23.18 -23.16 -13.25
CA SER D 606 22.99 -22.00 -12.38
C SER D 606 22.26 -22.33 -11.10
N SER D 607 21.44 -23.38 -11.09
CA SER D 607 20.64 -23.72 -9.93
C SER D 607 21.00 -25.08 -9.35
N TYR D 608 21.05 -26.13 -10.16
CA TYR D 608 21.26 -27.47 -9.60
C TYR D 608 22.68 -27.69 -9.11
N ILE D 609 23.67 -27.27 -9.91
CA ILE D 609 25.07 -27.46 -9.51
C ILE D 609 25.44 -26.68 -8.25
N PRO D 610 25.05 -25.40 -8.08
CA PRO D 610 25.22 -24.81 -6.73
C PRO D 610 24.42 -25.50 -5.64
N PHE D 611 23.28 -26.11 -5.98
CA PHE D 611 22.44 -26.74 -4.96
C PHE D 611 23.07 -28.04 -4.45
N HIS D 612 23.69 -28.82 -5.34
CA HIS D 612 24.19 -30.12 -4.95
C HIS D 612 25.68 -30.10 -4.62
N TYR D 613 26.47 -29.36 -5.37
CA TYR D 613 27.92 -29.32 -5.20
C TYR D 613 28.33 -28.06 -4.46
N GLY D 614 29.21 -28.23 -3.47
CA GLY D 614 29.73 -27.09 -2.75
C GLY D 614 29.57 -27.15 -1.24
N GLY D 615 28.45 -27.72 -0.79
CA GLY D 615 28.18 -27.75 0.63
C GLY D 615 27.70 -26.40 1.14
N ASN D 616 27.89 -26.17 2.44
CA ASN D 616 27.38 -24.96 3.08
C ASN D 616 28.13 -23.72 2.62
N ALA D 617 29.37 -23.86 2.16
CA ALA D 617 30.19 -22.69 1.88
C ALA D 617 29.82 -22.02 0.57
N ILE D 618 29.12 -22.72 -0.32
CA ILE D 618 28.72 -22.17 -1.62
C ILE D 618 27.21 -22.10 -1.66
N LYS D 619 26.68 -20.89 -1.85
CA LYS D 619 25.24 -20.67 -1.95
C LYS D 619 24.82 -20.56 -3.40
N THR D 620 23.51 -20.63 -3.62
CA THR D 620 22.98 -20.47 -4.98
C THR D 620 22.72 -19.00 -5.25
N PRO D 621 23.28 -18.44 -6.32
CA PRO D 621 23.01 -17.03 -6.64
C PRO D 621 21.57 -16.83 -7.07
N ASP D 622 21.04 -15.65 -6.76
CA ASP D 622 19.68 -15.32 -7.17
C ASP D 622 19.59 -15.06 -8.67
N ASP D 623 20.65 -14.53 -9.27
CA ASP D 623 20.63 -14.19 -10.69
C ASP D 623 20.88 -15.43 -11.53
N PRO D 624 19.99 -15.78 -12.46
CA PRO D 624 20.17 -17.03 -13.22
C PRO D 624 21.31 -16.97 -14.23
N GLY D 625 21.80 -15.78 -14.57
CA GLY D 625 22.91 -15.69 -15.49
C GLY D 625 24.20 -16.23 -14.92
N ALA D 626 24.47 -15.95 -13.64
CA ALA D 626 25.63 -16.52 -12.98
C ALA D 626 25.45 -18.02 -12.79
N MET D 627 26.49 -18.78 -13.11
CA MET D 627 26.41 -20.23 -13.05
C MET D 627 27.78 -20.79 -12.72
N MET D 628 27.86 -22.11 -12.56
CA MET D 628 29.13 -22.74 -12.26
C MET D 628 29.25 -24.05 -13.03
N ILE D 629 30.49 -24.40 -13.34
CA ILE D 629 30.87 -25.67 -13.94
C ILE D 629 31.75 -26.39 -12.92
N THR D 630 31.36 -27.61 -12.55
CA THR D 630 32.06 -28.35 -11.52
C THR D 630 33.04 -29.34 -12.12
N PHE D 631 34.12 -29.60 -11.39
CA PHE D 631 35.14 -30.55 -11.79
C PHE D 631 35.53 -31.54 -10.71
N ALA D 632 35.09 -31.33 -9.47
CA ALA D 632 35.44 -32.20 -8.36
C ALA D 632 34.20 -32.54 -7.56
N LEU D 633 34.23 -33.71 -6.90
CA LEU D 633 33.10 -34.12 -6.06
C LEU D 633 33.00 -33.29 -4.79
N LYS D 634 34.15 -32.89 -4.23
CA LYS D 634 34.20 -32.18 -2.94
C LYS D 634 34.87 -30.83 -3.17
N PRO D 635 34.09 -29.78 -3.49
CA PRO D 635 34.69 -28.46 -3.72
C PRO D 635 35.29 -27.84 -2.46
N ARG D 636 34.51 -27.77 -1.40
CA ARG D 636 34.94 -27.18 -0.13
C ARG D 636 34.75 -28.14 1.04
N GLU D 637 34.22 -29.35 0.79
CA GLU D 637 33.94 -30.29 1.88
C GLU D 637 35.23 -30.80 2.53
N GLU D 638 36.34 -30.78 1.80
CA GLU D 638 37.63 -31.19 2.35
C GLU D 638 38.74 -30.46 1.62
N TYR D 639 39.91 -30.40 2.26
CA TYR D 639 41.09 -29.77 1.69
C TYR D 639 41.97 -30.86 1.07
N GLN D 640 41.52 -31.33 -0.11
CA GLN D 640 42.20 -32.38 -0.86
C GLN D 640 41.65 -32.40 -2.28
N PRO D 641 42.51 -32.45 -3.31
CA PRO D 641 42.00 -32.47 -4.70
C PRO D 641 41.30 -33.78 -5.03
N SER D 642 39.99 -33.69 -5.32
CA SER D 642 39.17 -34.85 -5.65
C SER D 642 38.78 -34.88 -7.12
N GLY D 643 39.47 -34.10 -7.96
CA GLY D 643 39.18 -34.08 -9.38
C GLY D 643 39.47 -32.74 -10.01
N HIS D 644 40.13 -32.75 -11.17
CA HIS D 644 40.51 -31.54 -11.87
C HIS D 644 40.74 -31.88 -13.34
N ILE D 645 41.33 -30.95 -14.07
CA ILE D 645 41.65 -31.15 -15.48
C ILE D 645 43.11 -31.50 -15.65
N PHE D 653 39.74 -26.79 -23.65
CA PHE D 653 39.01 -25.90 -22.77
C PHE D 653 38.41 -24.73 -23.55
N TYR D 654 37.11 -24.83 -23.84
CA TYR D 654 36.39 -23.82 -24.60
C TYR D 654 35.21 -23.31 -23.79
N ILE D 655 34.68 -22.18 -24.21
CA ILE D 655 33.45 -21.63 -23.62
C ILE D 655 32.50 -21.31 -24.77
N SER D 656 31.29 -21.87 -24.72
CA SER D 656 30.32 -21.63 -25.78
C SER D 656 28.92 -21.66 -25.21
N TRP D 657 28.10 -20.71 -25.65
CA TRP D 657 26.69 -20.64 -25.28
C TRP D 657 25.85 -20.40 -26.52
N ASP D 658 24.67 -21.03 -26.57
CA ASP D 658 23.72 -20.83 -27.66
C ASP D 658 22.62 -19.87 -27.19
N THR D 659 22.98 -18.60 -27.08
CA THR D 659 22.08 -17.60 -26.54
C THR D 659 21.12 -17.09 -27.61
N ASP D 660 20.20 -16.23 -27.19
CA ASP D 660 19.24 -15.58 -28.09
C ASP D 660 19.20 -14.07 -27.89
N TYR D 661 20.08 -13.51 -27.07
CA TYR D 661 20.15 -12.07 -26.84
C TYR D 661 21.27 -11.39 -27.61
N VAL D 662 22.43 -12.04 -27.71
CA VAL D 662 23.61 -11.41 -28.28
C VAL D 662 23.46 -11.32 -29.79
N GLY D 663 23.62 -10.12 -30.34
CA GLY D 663 23.51 -9.91 -31.76
C GLY D 663 24.50 -8.88 -32.28
N SER D 664 24.10 -8.14 -33.32
CA SER D 664 24.99 -7.11 -33.87
C SER D 664 25.10 -5.92 -32.93
N ILE D 665 23.99 -5.45 -32.37
CA ILE D 665 24.00 -4.31 -31.47
C ILE D 665 24.02 -4.72 -30.01
N THR D 666 23.68 -5.96 -29.69
CA THR D 666 23.69 -6.48 -28.32
C THR D 666 24.87 -7.43 -28.18
N THR D 667 25.75 -7.15 -27.23
CA THR D 667 26.95 -7.94 -26.99
C THR D 667 26.91 -8.47 -25.57
N ALA D 668 28.00 -9.12 -25.16
CA ALA D 668 28.06 -9.73 -23.84
C ALA D 668 29.50 -9.77 -23.35
N ASP D 669 29.67 -10.02 -22.05
CA ASP D 669 30.96 -10.02 -21.40
C ASP D 669 31.04 -11.20 -20.44
N LEU D 670 31.93 -12.13 -20.74
CA LEU D 670 32.15 -13.32 -19.92
C LEU D 670 33.22 -13.03 -18.89
N VAL D 671 32.92 -13.34 -17.61
CA VAL D 671 33.89 -13.24 -16.54
C VAL D 671 33.92 -14.58 -15.80
N VAL D 672 35.11 -14.98 -15.36
CA VAL D 672 35.33 -16.31 -14.79
C VAL D 672 36.03 -16.17 -13.44
N SER D 673 35.95 -17.26 -12.67
CA SER D 673 36.67 -17.38 -11.41
C SER D 673 36.84 -18.88 -11.15
N ALA D 674 38.04 -19.39 -11.36
CA ALA D 674 38.32 -20.82 -11.23
C ALA D 674 39.27 -21.04 -10.06
N SER D 675 38.94 -22.01 -9.21
CA SER D 675 39.74 -22.31 -8.02
C SER D 675 40.91 -23.24 -8.37
N ALA D 676 41.82 -22.73 -9.18
CA ALA D 676 42.94 -23.51 -9.67
C ALA D 676 43.96 -23.74 -8.56
N ILE D 677 44.89 -24.67 -8.81
CA ILE D 677 45.87 -25.10 -7.83
C ILE D 677 47.26 -24.76 -8.35
N ASN D 678 48.07 -24.11 -7.51
CA ASN D 678 49.42 -23.73 -7.87
C ASN D 678 50.40 -24.25 -6.82
N PHE D 679 51.68 -24.24 -7.18
CA PHE D 679 52.76 -24.67 -6.30
C PHE D 679 53.65 -23.49 -5.96
N LEU D 680 53.95 -23.32 -4.68
CA LEU D 680 54.79 -22.23 -4.19
C LEU D 680 55.95 -22.82 -3.42
N LEU D 681 57.16 -22.33 -3.71
CA LEU D 681 58.35 -22.77 -3.01
C LEU D 681 59.29 -21.60 -2.73
N GLU E 1 -51.60 -9.96 -0.66
CA GLU E 1 -51.58 -9.39 0.68
C GLU E 1 -51.22 -7.91 0.64
N VAL E 2 -50.10 -7.59 -0.01
CA VAL E 2 -49.65 -6.21 -0.09
C VAL E 2 -50.48 -5.46 -1.11
N LYS E 3 -50.97 -4.27 -0.73
CA LYS E 3 -51.85 -3.49 -1.57
C LYS E 3 -51.49 -2.00 -1.47
N LEU E 4 -51.78 -1.27 -2.54
CA LEU E 4 -51.67 0.18 -2.60
C LEU E 4 -52.96 0.79 -3.15
N VAL E 5 -54.10 0.41 -2.57
CA VAL E 5 -55.39 0.92 -3.04
C VAL E 5 -55.50 2.40 -2.70
N GLU E 6 -56.04 3.18 -3.64
CA GLU E 6 -56.15 4.62 -3.49
C GLU E 6 -57.56 5.08 -3.88
N SER E 7 -57.90 6.28 -3.46
CA SER E 7 -59.21 6.86 -3.73
C SER E 7 -59.08 8.38 -3.72
N GLY E 8 -60.22 9.06 -3.77
CA GLY E 8 -60.25 10.50 -3.69
C GLY E 8 -60.28 11.25 -5.02
N GLY E 9 -60.54 10.56 -6.12
CA GLY E 9 -60.56 11.19 -7.43
C GLY E 9 -61.93 11.08 -8.08
N GLY E 10 -62.29 12.10 -8.84
CA GLY E 10 -63.55 12.13 -9.52
C GLY E 10 -63.60 13.20 -10.57
N LEU E 11 -64.79 13.47 -11.07
CA LEU E 11 -64.98 14.48 -12.11
C LEU E 11 -64.99 15.86 -11.45
N VAL E 12 -64.06 16.71 -11.88
CA VAL E 12 -63.94 18.06 -11.33
C VAL E 12 -63.83 19.03 -12.50
N GLN E 13 -64.27 20.27 -12.27
CA GLN E 13 -64.16 21.31 -13.28
C GLN E 13 -62.70 21.68 -13.49
N PRO E 14 -62.34 22.15 -14.70
CA PRO E 14 -60.97 22.61 -14.94
C PRO E 14 -60.63 23.82 -14.09
N GLY E 15 -59.34 23.97 -13.78
CA GLY E 15 -58.91 24.99 -12.85
C GLY E 15 -59.36 24.73 -11.43
N GLY E 16 -59.37 23.47 -11.01
CA GLY E 16 -59.75 23.12 -9.66
C GLY E 16 -58.69 22.30 -8.95
N SER E 17 -59.00 21.81 -7.76
CA SER E 17 -58.05 21.06 -6.93
C SER E 17 -58.64 19.71 -6.57
N LEU E 18 -57.77 18.71 -6.46
CA LEU E 18 -58.18 17.38 -6.03
C LEU E 18 -57.18 16.83 -5.01
N ARG E 19 -57.67 15.94 -4.16
CA ARG E 19 -56.91 15.38 -3.06
C ARG E 19 -56.91 13.86 -3.22
N LEU E 20 -55.80 13.30 -3.69
CA LEU E 20 -55.70 11.86 -3.91
C LEU E 20 -54.98 11.23 -2.72
N SER E 21 -55.67 10.30 -2.04
CA SER E 21 -55.12 9.61 -0.89
C SER E 21 -54.88 8.15 -1.24
N CYS E 22 -53.66 7.68 -1.00
CA CYS E 22 -53.28 6.30 -1.26
C CYS E 22 -52.88 5.66 0.07
N VAL E 23 -53.53 4.55 0.42
CA VAL E 23 -53.27 3.83 1.66
C VAL E 23 -52.53 2.54 1.31
N GLY E 24 -51.69 2.10 2.24
CA GLY E 24 -50.94 0.87 2.08
C GLY E 24 -51.14 -0.06 3.26
N SER E 25 -51.10 -1.36 3.01
CA SER E 25 -51.37 -2.36 4.03
C SER E 25 -50.32 -3.46 3.99
N GLY E 26 -49.71 -3.73 5.15
CA GLY E 26 -48.91 -4.91 5.33
C GLY E 26 -47.58 -4.94 4.61
N PHE E 27 -46.97 -3.78 4.32
CA PHE E 27 -45.67 -3.79 3.67
C PHE E 27 -44.73 -2.71 4.22
N THR E 28 -44.93 -2.35 5.49
CA THR E 28 -44.17 -1.32 6.24
C THR E 28 -43.94 -0.05 5.40
N PHE E 29 -45.07 0.64 5.19
CA PHE E 29 -45.15 1.78 4.27
C PHE E 29 -44.17 2.90 4.61
N SER E 30 -43.77 3.02 5.87
CA SER E 30 -42.82 4.07 6.26
C SER E 30 -41.41 3.82 5.76
N SER E 31 -41.09 2.60 5.33
CA SER E 31 -39.74 2.26 4.92
C SER E 31 -39.54 2.26 3.40
N TYR E 32 -40.61 2.35 2.62
CA TYR E 32 -40.53 2.31 1.17
C TYR E 32 -41.06 3.61 0.57
N GLU E 33 -40.38 4.09 -0.47
CA GLU E 33 -40.84 5.27 -1.18
C GLU E 33 -42.11 4.98 -1.95
N ILE E 34 -42.89 6.03 -2.21
CA ILE E 34 -44.10 5.93 -3.02
C ILE E 34 -44.09 7.06 -4.04
N ASN E 35 -44.39 6.73 -5.29
CA ASN E 35 -44.46 7.70 -6.37
C ASN E 35 -45.88 7.78 -6.91
N TRP E 36 -46.16 8.82 -7.66
CA TRP E 36 -47.43 8.98 -8.36
C TRP E 36 -47.16 9.09 -9.85
N VAL E 37 -47.83 8.23 -10.63
CA VAL E 37 -47.60 8.08 -12.06
C VAL E 37 -48.93 8.25 -12.80
N ARG E 38 -48.92 9.04 -13.86
CA ARG E 38 -50.10 9.31 -14.67
C ARG E 38 -50.09 8.43 -15.92
N GLN E 39 -51.25 7.86 -16.26
CA GLN E 39 -51.42 7.13 -17.51
C GLN E 39 -52.60 7.74 -18.26
N ALA E 40 -52.31 8.40 -19.37
CA ALA E 40 -53.36 8.90 -20.26
C ALA E 40 -54.06 7.72 -20.92
N PRO E 41 -55.33 7.90 -21.33
CA PRO E 41 -56.05 6.79 -21.99
C PRO E 41 -55.41 6.28 -23.27
N GLY E 42 -54.66 7.12 -23.99
CA GLY E 42 -54.04 6.67 -25.22
C GLY E 42 -52.66 7.23 -25.48
N LYS E 43 -52.07 7.92 -24.50
CA LYS E 43 -50.77 8.54 -24.68
C LYS E 43 -49.70 7.93 -23.79
N GLY E 44 -49.94 6.75 -23.23
CA GLY E 44 -48.92 6.06 -22.44
C GLY E 44 -48.77 6.62 -21.05
N LEU E 45 -47.80 6.04 -20.33
CA LEU E 45 -47.54 6.41 -18.95
C LEU E 45 -46.85 7.77 -18.89
N GLU E 46 -46.87 8.36 -17.70
CA GLU E 46 -46.16 9.61 -17.42
C GLU E 46 -45.94 9.70 -15.93
N TRP E 47 -44.68 9.86 -15.53
CA TRP E 47 -44.32 9.91 -14.11
C TRP E 47 -44.54 11.32 -13.57
N LEU E 48 -45.33 11.43 -12.50
CA LEU E 48 -45.68 12.75 -11.95
C LEU E 48 -44.78 13.17 -10.78
N ALA E 49 -44.81 12.40 -9.69
CA ALA E 49 -44.28 12.97 -8.44
C ALA E 49 -43.65 11.89 -7.57
N VAL E 50 -42.76 12.35 -6.68
CA VAL E 50 -42.04 11.49 -5.73
C VAL E 50 -42.11 12.13 -4.35
N VAL E 51 -42.39 11.31 -3.34
CA VAL E 51 -42.10 11.64 -1.95
C VAL E 51 -41.17 10.56 -1.40
N SER E 52 -40.21 10.97 -0.58
CA SER E 52 -39.16 10.06 -0.13
C SER E 52 -39.66 9.22 1.04
N LYS E 53 -38.73 8.52 1.70
CA LYS E 53 -39.09 7.60 2.78
C LYS E 53 -39.59 8.35 4.00
N ILE E 54 -38.85 9.37 4.43
CA ILE E 54 -39.22 10.11 5.64
C ILE E 54 -40.46 10.95 5.39
N GLY E 55 -40.51 11.66 4.27
CA GLY E 55 -41.62 12.55 3.97
C GLY E 55 -41.16 13.83 3.31
N ASP E 56 -39.89 14.18 3.54
CA ASP E 56 -39.30 15.35 2.92
C ASP E 56 -38.67 14.94 1.59
N ARG E 57 -37.87 15.85 1.02
CA ARG E 57 -37.13 15.63 -0.23
C ARG E 57 -38.08 15.28 -1.38
N THR E 58 -39.00 16.20 -1.65
CA THR E 58 -39.96 16.02 -2.73
C THR E 58 -39.48 16.68 -4.02
N TYR E 59 -39.44 15.88 -5.09
CA TYR E 59 -39.01 16.26 -6.42
C TYR E 59 -40.06 15.82 -7.42
N TYR E 60 -40.45 16.74 -8.29
CA TYR E 60 -41.57 16.53 -9.22
C TYR E 60 -41.04 16.37 -10.65
N ALA E 61 -41.97 16.27 -11.58
CA ALA E 61 -41.66 16.23 -13.00
C ALA E 61 -41.62 17.64 -13.57
N ASP E 62 -41.01 17.76 -14.76
CA ASP E 62 -40.85 19.07 -15.39
C ASP E 62 -42.19 19.65 -15.84
N SER E 63 -43.08 18.79 -16.34
CA SER E 63 -44.35 19.27 -16.85
C SER E 63 -45.33 19.67 -15.75
N VAL E 64 -45.16 19.15 -14.54
CA VAL E 64 -46.11 19.40 -13.46
C VAL E 64 -45.39 19.94 -12.24
N ARG E 65 -44.27 20.63 -12.44
CA ARG E 65 -43.54 21.22 -11.32
C ARG E 65 -44.31 22.40 -10.75
N GLY E 66 -44.62 22.32 -9.46
CA GLY E 66 -45.35 23.38 -8.79
C GLY E 66 -46.86 23.20 -8.85
N ARG E 67 -47.34 22.64 -9.96
CA ARG E 67 -48.77 22.38 -10.12
C ARG E 67 -49.25 21.32 -9.14
N LEU E 68 -48.46 20.27 -8.94
CA LEU E 68 -48.81 19.15 -8.08
C LEU E 68 -47.94 19.18 -6.84
N THR E 69 -48.56 19.08 -5.67
CA THR E 69 -47.80 19.05 -4.42
C THR E 69 -48.09 17.75 -3.68
N ILE E 70 -47.05 16.98 -3.39
CA ILE E 70 -47.21 15.68 -2.77
C ILE E 70 -46.92 15.80 -1.27
N SER E 71 -47.42 14.83 -0.51
CA SER E 71 -47.23 14.81 0.94
C SER E 71 -47.35 13.36 1.41
N ARG E 72 -46.88 13.12 2.63
CA ARG E 72 -46.83 11.76 3.14
C ARG E 72 -47.03 11.76 4.65
N ASP E 73 -47.83 10.83 5.14
CA ASP E 73 -48.03 10.62 6.57
C ASP E 73 -47.81 9.14 6.87
N ASN E 74 -46.72 8.83 7.57
CA ASN E 74 -46.37 7.45 7.88
C ASN E 74 -47.13 6.91 9.09
N SER E 75 -47.81 7.77 9.84
CA SER E 75 -48.53 7.30 11.02
C SER E 75 -49.74 6.46 10.63
N GLN E 76 -50.53 6.94 9.67
CA GLN E 76 -51.69 6.21 9.17
C GLN E 76 -51.44 5.57 7.81
N ASN E 77 -50.19 5.54 7.36
CA ASN E 77 -49.76 4.88 6.11
C ASN E 77 -50.48 5.45 4.90
N THR E 78 -50.31 6.74 4.68
CA THR E 78 -51.03 7.45 3.61
C THR E 78 -50.08 8.33 2.81
N ALA E 79 -50.32 8.42 1.51
CA ALA E 79 -49.64 9.37 0.64
C ALA E 79 -50.69 10.24 -0.04
N TYR E 80 -50.50 11.55 0.02
CA TYR E 80 -51.46 12.51 -0.52
C TYR E 80 -50.86 13.21 -1.73
N LEU E 81 -51.68 13.43 -2.74
CA LEU E 81 -51.32 14.22 -3.90
C LEU E 81 -52.35 15.34 -4.07
N GLN E 82 -51.89 16.58 -4.07
CA GLN E 82 -52.74 17.74 -4.27
C GLN E 82 -52.57 18.22 -5.72
N MET E 83 -53.66 18.16 -6.47
CA MET E 83 -53.75 18.75 -7.80
C MET E 83 -54.36 20.13 -7.63
N ASN E 84 -53.49 21.14 -7.48
CA ASN E 84 -53.97 22.49 -7.14
C ASN E 84 -54.66 23.14 -8.33
N SER E 85 -54.13 22.96 -9.53
CA SER E 85 -54.73 23.49 -10.74
C SER E 85 -54.74 22.40 -11.81
N LEU E 86 -55.82 22.34 -12.58
CA LEU E 86 -56.03 21.27 -13.53
C LEU E 86 -56.50 21.83 -14.86
N ARG E 87 -55.74 21.56 -15.92
CA ARG E 87 -56.19 21.79 -17.29
C ARG E 87 -56.95 20.56 -17.79
N THR E 88 -57.41 20.62 -19.05
CA THR E 88 -58.09 19.48 -19.64
C THR E 88 -57.12 18.35 -20.01
N GLU E 89 -55.82 18.62 -20.03
CA GLU E 89 -54.82 17.61 -20.32
C GLU E 89 -54.71 16.56 -19.22
N ASP E 90 -55.11 16.90 -18.00
CA ASP E 90 -54.80 16.09 -16.83
C ASP E 90 -55.80 14.95 -16.59
N THR E 91 -56.74 14.72 -17.50
CA THR E 91 -57.62 13.57 -17.36
C THR E 91 -56.87 12.29 -17.69
N ALA E 92 -56.76 11.39 -16.70
CA ALA E 92 -55.90 10.22 -16.78
C ALA E 92 -56.19 9.31 -15.60
N ARG E 93 -55.60 8.12 -15.62
CA ARG E 93 -55.62 7.21 -14.49
C ARG E 93 -54.33 7.39 -13.71
N TYR E 94 -54.46 7.73 -12.43
CA TYR E 94 -53.30 8.00 -11.58
C TYR E 94 -53.05 6.79 -10.68
N TYR E 95 -51.79 6.37 -10.62
CA TYR E 95 -51.37 5.22 -9.83
C TYR E 95 -50.39 5.66 -8.75
N CYS E 96 -50.58 5.17 -7.53
CA CYS E 96 -49.59 5.30 -6.48
C CYS E 96 -48.78 4.00 -6.46
N VAL E 97 -47.47 4.12 -6.67
CA VAL E 97 -46.62 2.97 -6.93
C VAL E 97 -45.54 2.89 -5.87
N ARG E 98 -45.20 1.68 -5.47
CA ARG E 98 -44.10 1.45 -4.55
C ARG E 98 -42.81 1.26 -5.34
N ALA E 99 -41.81 2.08 -5.05
CA ALA E 99 -40.58 2.06 -5.84
C ALA E 99 -39.40 2.30 -4.91
N TRP E 100 -38.52 1.31 -4.80
CA TRP E 100 -37.31 1.44 -4.03
C TRP E 100 -36.13 1.65 -4.98
N CYS E 101 -34.92 1.64 -4.44
CA CYS E 101 -33.73 2.07 -5.16
C CYS E 101 -33.01 0.86 -5.74
N ALA E 102 -32.81 0.86 -7.06
CA ALA E 102 -31.92 -0.11 -7.70
C ALA E 102 -30.72 0.58 -8.33
N SER E 103 -30.94 1.49 -9.28
CA SER E 103 -29.90 2.36 -9.78
C SER E 103 -30.20 3.82 -9.47
N THR E 104 -31.30 4.36 -9.98
CA THR E 104 -31.74 5.71 -9.66
C THR E 104 -32.51 5.66 -8.36
N CYS E 105 -32.00 6.35 -7.34
CA CYS E 105 -32.46 6.06 -5.97
C CYS E 105 -33.78 6.74 -5.65
N LEU E 106 -33.82 8.06 -5.64
CA LEU E 106 -35.01 8.74 -5.18
C LEU E 106 -36.16 8.79 -6.20
N PRO E 107 -35.93 9.05 -7.53
CA PRO E 107 -37.05 8.91 -8.47
C PRO E 107 -37.59 7.49 -8.59
N GLY E 108 -36.80 6.49 -8.18
CA GLY E 108 -37.26 5.12 -8.19
C GLY E 108 -36.91 4.38 -9.45
N ASP E 109 -36.40 3.15 -9.31
CA ASP E 109 -36.03 2.32 -10.44
C ASP E 109 -36.90 1.08 -10.57
N ILE E 110 -37.30 0.46 -9.46
CA ILE E 110 -38.13 -0.72 -9.50
C ILE E 110 -39.51 -0.38 -8.96
N MET E 111 -40.44 -0.05 -9.86
CA MET E 111 -41.83 0.17 -9.45
C MET E 111 -42.47 -1.19 -9.25
N ASP E 112 -42.30 -1.73 -8.04
CA ASP E 112 -42.71 -3.10 -7.71
C ASP E 112 -44.22 -3.33 -7.83
N LEU E 113 -45.00 -2.72 -6.94
CA LEU E 113 -46.43 -2.99 -6.86
C LEU E 113 -47.19 -1.70 -7.14
N TRP E 114 -48.11 -1.76 -8.09
CA TRP E 114 -48.87 -0.61 -8.54
C TRP E 114 -50.27 -0.64 -7.93
N GLY E 115 -50.80 0.54 -7.64
CA GLY E 115 -52.16 0.65 -7.18
C GLY E 115 -53.13 0.35 -8.30
N PRO E 116 -54.40 0.07 -7.96
CA PRO E 116 -55.40 -0.21 -9.00
C PRO E 116 -55.69 0.97 -9.92
N GLY E 117 -55.39 2.19 -9.49
CA GLY E 117 -55.57 3.35 -10.35
C GLY E 117 -56.87 4.08 -10.11
N VAL E 118 -56.81 5.40 -9.99
CA VAL E 118 -57.98 6.25 -9.78
C VAL E 118 -58.14 7.16 -11.00
N GLY E 119 -59.35 7.24 -11.53
CA GLY E 119 -59.57 7.97 -12.76
C GLY E 119 -59.98 9.41 -12.56
N VAL E 120 -59.10 10.35 -12.90
CA VAL E 120 -59.42 11.77 -12.84
C VAL E 120 -59.91 12.19 -14.23
N VAL E 121 -61.16 12.63 -14.29
CA VAL E 121 -61.79 13.03 -15.56
C VAL E 121 -62.16 14.50 -15.41
N VAL E 122 -61.27 15.38 -15.85
CA VAL E 122 -61.57 16.81 -15.85
C VAL E 122 -62.41 17.13 -17.07
N SER E 123 -63.46 17.94 -16.88
CA SER E 123 -64.37 18.28 -17.96
C SER E 123 -65.07 19.60 -17.63
N SER E 124 -65.20 20.44 -18.65
CA SER E 124 -65.90 21.71 -18.48
C SER E 124 -67.41 21.54 -18.36
N LEU E 125 -67.95 20.40 -18.80
CA LEU E 125 -69.38 20.15 -18.74
C LEU E 125 -69.79 19.66 -17.36
N GLN F 1 -37.73 16.59 -26.07
CA GLN F 1 -37.15 15.26 -26.09
C GLN F 1 -38.12 14.23 -25.53
N THR F 2 -38.39 13.18 -26.32
CA THR F 2 -39.31 12.14 -25.93
C THR F 2 -38.82 10.79 -26.45
N VAL F 3 -39.39 9.72 -25.90
CA VAL F 3 -39.10 8.37 -26.35
C VAL F 3 -40.26 7.89 -27.21
N ILE F 4 -39.94 7.20 -28.30
CA ILE F 4 -40.92 6.74 -29.28
C ILE F 4 -40.91 5.22 -29.33
N GLN F 5 -42.10 4.63 -29.30
CA GLN F 5 -42.33 3.25 -29.66
C GLN F 5 -43.19 3.18 -30.91
N GLU F 6 -43.02 2.09 -31.64
CA GLU F 6 -43.92 1.76 -32.73
C GLU F 6 -45.29 1.38 -32.16
N PRO F 7 -46.38 1.60 -32.92
CA PRO F 7 -47.72 1.35 -32.36
C PRO F 7 -48.03 -0.09 -32.03
N ALA F 8 -47.70 -1.05 -32.91
CA ALA F 8 -48.09 -2.44 -32.65
C ALA F 8 -47.26 -3.40 -33.49
N MET F 9 -47.08 -4.60 -32.94
CA MET F 9 -46.79 -5.82 -33.70
C MET F 9 -47.78 -6.89 -33.34
N SER F 10 -47.79 -7.95 -34.14
CA SER F 10 -48.55 -9.16 -33.87
C SER F 10 -47.57 -10.33 -33.85
N VAL F 11 -47.78 -11.25 -32.90
CA VAL F 11 -46.91 -12.41 -32.75
C VAL F 11 -47.78 -13.65 -32.65
N SER F 12 -47.34 -14.73 -33.29
CA SER F 12 -47.98 -16.02 -33.15
C SER F 12 -47.66 -16.62 -31.78
N PRO F 13 -48.57 -17.42 -31.23
CA PRO F 13 -48.26 -18.11 -29.96
C PRO F 13 -47.09 -19.05 -30.11
N GLY F 14 -46.21 -19.04 -29.11
CA GLY F 14 -44.99 -19.82 -29.16
C GLY F 14 -43.88 -19.20 -29.98
N GLY F 15 -44.08 -18.00 -30.53
CA GLY F 15 -43.08 -17.35 -31.35
C GLY F 15 -42.26 -16.33 -30.58
N THR F 16 -41.29 -15.75 -31.28
CA THR F 16 -40.40 -14.75 -30.71
C THR F 16 -40.70 -13.38 -31.31
N VAL F 17 -40.83 -12.38 -30.43
CA VAL F 17 -41.14 -11.02 -30.86
C VAL F 17 -40.13 -10.09 -30.21
N THR F 18 -39.83 -8.98 -30.90
CA THR F 18 -38.84 -8.00 -30.43
C THR F 18 -39.44 -6.61 -30.54
N LEU F 19 -39.91 -6.08 -29.41
CA LEU F 19 -40.38 -4.70 -29.33
C LEU F 19 -39.20 -3.76 -29.17
N THR F 20 -39.28 -2.60 -29.83
CA THR F 20 -38.21 -1.62 -29.81
C THR F 20 -38.72 -0.27 -29.29
N CYS F 21 -37.89 0.38 -28.49
CA CYS F 21 -38.13 1.76 -28.07
C CYS F 21 -36.87 2.56 -28.30
N ALA F 22 -37.02 3.84 -28.64
CA ALA F 22 -35.84 4.63 -28.97
C ALA F 22 -36.06 6.10 -28.66
N TRP F 23 -34.97 6.82 -28.40
CA TRP F 23 -35.04 8.25 -28.24
C TRP F 23 -35.42 8.92 -29.56
N SER F 24 -36.08 10.07 -29.48
CA SER F 24 -36.38 10.85 -30.67
C SER F 24 -35.09 11.38 -31.31
N SER F 25 -34.16 11.86 -30.49
CA SER F 25 -32.86 12.32 -30.96
C SER F 25 -31.79 11.75 -30.06
N GLY F 26 -30.72 11.23 -30.67
CA GLY F 26 -29.62 10.67 -29.92
C GLY F 26 -29.72 9.17 -29.78
N SER F 27 -28.77 8.63 -29.02
CA SER F 27 -28.65 7.19 -28.81
C SER F 27 -29.25 6.80 -27.46
N VAL F 28 -29.59 5.51 -27.34
CA VAL F 28 -30.07 4.98 -26.07
C VAL F 28 -28.90 4.30 -25.37
N THR F 29 -28.18 5.06 -24.55
CA THR F 29 -27.06 4.52 -23.79
C THR F 29 -27.60 3.66 -22.65
N THR F 30 -26.76 2.74 -22.16
CA THR F 30 -27.12 1.95 -20.99
C THR F 30 -27.26 2.81 -19.74
N SER F 31 -26.74 4.03 -19.74
CA SER F 31 -26.94 4.98 -18.66
C SER F 31 -28.29 5.68 -18.73
N ASN F 32 -29.07 5.46 -19.79
CA ASN F 32 -30.44 5.95 -19.84
C ASN F 32 -31.41 5.02 -19.13
N TYR F 33 -30.96 3.82 -18.74
CA TYR F 33 -31.69 2.77 -18.04
C TYR F 33 -33.10 2.50 -18.59
N PRO F 34 -33.23 1.86 -19.75
CA PRO F 34 -34.56 1.40 -20.18
C PRO F 34 -35.25 0.50 -19.16
N SER F 35 -36.55 0.71 -19.01
CA SER F 35 -37.39 -0.11 -18.16
C SER F 35 -38.65 -0.43 -18.93
N TRP F 36 -38.96 -1.71 -19.05
CA TRP F 36 -40.12 -2.20 -19.78
C TRP F 36 -41.21 -2.61 -18.80
N PHE F 37 -42.43 -2.19 -19.10
CA PHE F 37 -43.61 -2.42 -18.28
C PHE F 37 -44.69 -3.09 -19.12
N GLN F 38 -45.43 -4.01 -18.50
CA GLN F 38 -46.55 -4.71 -19.15
C GLN F 38 -47.84 -4.36 -18.43
N GLN F 39 -48.85 -3.96 -19.18
CA GLN F 39 -50.16 -3.60 -18.64
C GLN F 39 -51.23 -4.40 -19.36
N THR F 40 -51.72 -5.45 -18.71
CA THR F 40 -52.92 -6.14 -19.18
C THR F 40 -54.11 -5.18 -19.02
N PRO F 41 -54.99 -5.08 -20.02
CA PRO F 41 -56.16 -4.21 -19.88
C PRO F 41 -57.05 -4.62 -18.71
N GLY F 42 -57.50 -3.63 -17.96
CA GLY F 42 -58.20 -3.87 -16.71
C GLY F 42 -57.30 -4.15 -15.54
N GLN F 43 -55.99 -4.02 -15.70
CA GLN F 43 -55.01 -4.30 -14.66
C GLN F 43 -53.97 -3.21 -14.63
N PRO F 44 -53.34 -2.96 -13.47
CA PRO F 44 -52.28 -1.96 -13.41
C PRO F 44 -51.03 -2.45 -14.14
N PRO F 45 -50.19 -1.53 -14.62
CA PRO F 45 -48.93 -1.95 -15.23
C PRO F 45 -48.01 -2.65 -14.24
N ARG F 46 -47.23 -3.60 -14.75
CA ARG F 46 -46.33 -4.40 -13.93
C ARG F 46 -44.90 -4.20 -14.40
N GLN F 47 -43.96 -4.13 -13.46
CA GLN F 47 -42.55 -4.02 -13.78
C GLN F 47 -42.07 -5.31 -14.44
N LEU F 48 -41.71 -5.22 -15.72
CA LEU F 48 -41.12 -6.36 -16.41
C LEU F 48 -39.60 -6.37 -16.34
N ILE F 49 -38.94 -5.33 -16.85
CA ILE F 49 -37.47 -5.26 -16.83
C ILE F 49 -37.01 -3.88 -16.39
N TYR F 50 -36.03 -3.85 -15.49
CA TYR F 50 -35.35 -2.63 -15.07
C TYR F 50 -33.85 -2.81 -15.30
N ASN F 51 -33.17 -1.69 -15.61
CA ASN F 51 -31.73 -1.65 -15.90
C ASN F 51 -31.33 -2.58 -17.05
N THR F 52 -32.18 -2.65 -18.07
CA THR F 52 -31.95 -3.18 -19.42
C THR F 52 -31.78 -4.68 -19.53
N ASN F 53 -31.53 -5.38 -18.43
CA ASN F 53 -31.41 -6.83 -18.53
C ASN F 53 -31.89 -7.59 -17.30
N SER F 54 -32.40 -6.91 -16.28
CA SER F 54 -32.72 -7.54 -15.01
C SER F 54 -34.23 -7.57 -14.80
N ARG F 55 -34.70 -8.64 -14.15
CA ARG F 55 -36.12 -8.91 -14.01
C ARG F 55 -36.47 -9.03 -12.54
N PRO F 56 -37.49 -8.33 -12.04
CA PRO F 56 -37.90 -8.52 -10.65
C PRO F 56 -38.53 -9.89 -10.43
N THR F 57 -38.65 -10.26 -9.17
CA THR F 57 -39.20 -11.57 -8.81
C THR F 57 -40.65 -11.69 -9.24
N GLY F 58 -41.00 -12.83 -9.83
CA GLY F 58 -42.32 -13.09 -10.37
C GLY F 58 -42.43 -12.91 -11.86
N VAL F 59 -41.50 -12.21 -12.49
CA VAL F 59 -41.50 -12.05 -13.94
C VAL F 59 -41.05 -13.37 -14.58
N PRO F 60 -41.75 -13.87 -15.60
CA PRO F 60 -41.33 -15.13 -16.23
C PRO F 60 -40.00 -14.99 -16.97
N ARG F 61 -39.34 -16.13 -17.16
CA ARG F 61 -37.99 -16.15 -17.72
C ARG F 61 -37.98 -15.80 -19.21
N ARG F 62 -39.14 -15.80 -19.87
CA ARG F 62 -39.18 -15.65 -21.32
C ARG F 62 -38.88 -14.22 -21.76
N PHE F 63 -39.12 -13.23 -20.89
CA PHE F 63 -38.80 -11.84 -21.21
C PHE F 63 -37.30 -11.64 -21.12
N SER F 64 -36.71 -11.00 -22.13
CA SER F 64 -35.32 -10.61 -22.10
C SER F 64 -35.18 -9.18 -22.59
N GLY F 65 -34.22 -8.46 -22.03
CA GLY F 65 -33.96 -7.09 -22.43
C GLY F 65 -32.57 -6.95 -23.01
N LYS F 66 -32.42 -6.03 -23.95
CA LYS F 66 -31.11 -5.74 -24.52
C LYS F 66 -31.14 -4.33 -25.09
N ILE F 67 -29.96 -3.86 -25.48
CA ILE F 67 -29.81 -2.62 -26.23
C ILE F 67 -29.15 -2.98 -27.54
N SER F 68 -29.86 -2.78 -28.64
CA SER F 68 -29.38 -3.12 -29.97
C SER F 68 -29.26 -1.85 -30.79
N GLY F 69 -28.09 -1.67 -31.41
CA GLY F 69 -27.83 -0.49 -32.21
C GLY F 69 -27.89 0.79 -31.41
N ASN F 70 -28.95 1.56 -31.61
CA ASN F 70 -29.19 2.79 -30.87
C ASN F 70 -30.60 2.78 -30.29
N LYS F 71 -31.09 1.61 -29.89
CA LYS F 71 -32.43 1.49 -29.33
C LYS F 71 -32.43 0.35 -28.32
N ALA F 72 -33.51 0.28 -27.54
CA ALA F 72 -33.68 -0.77 -26.55
C ALA F 72 -34.73 -1.77 -27.04
N ALA F 73 -34.48 -3.05 -26.77
CA ALA F 73 -35.29 -4.13 -27.31
C ALA F 73 -35.74 -5.07 -26.22
N LEU F 74 -37.04 -5.34 -26.19
CA LEU F 74 -37.66 -6.37 -25.37
C LEU F 74 -37.98 -7.57 -26.24
N THR F 75 -37.34 -8.70 -25.95
CA THR F 75 -37.52 -9.92 -26.73
C THR F 75 -38.29 -10.93 -25.90
N ILE F 76 -39.41 -11.39 -26.44
CA ILE F 76 -40.21 -12.44 -25.83
C ILE F 76 -40.05 -13.69 -26.68
N THR F 77 -39.48 -14.73 -26.08
CA THR F 77 -39.29 -16.01 -26.75
C THR F 77 -40.32 -17.01 -26.25
N GLY F 78 -41.07 -17.60 -27.16
CA GLY F 78 -42.16 -18.48 -26.79
C GLY F 78 -43.27 -17.77 -26.07
N ALA F 79 -43.75 -16.67 -26.66
CA ALA F 79 -44.80 -15.86 -26.04
C ALA F 79 -46.10 -16.65 -25.94
N GLN F 80 -46.76 -16.56 -24.79
CA GLN F 80 -47.98 -17.28 -24.53
C GLN F 80 -49.18 -16.40 -24.85
N ALA F 81 -50.38 -16.88 -24.52
CA ALA F 81 -51.59 -16.10 -24.74
C ALA F 81 -51.81 -15.04 -23.66
N GLU F 82 -51.03 -15.06 -22.59
CA GLU F 82 -51.15 -14.08 -21.52
C GLU F 82 -50.34 -12.82 -21.78
N ASP F 83 -49.62 -12.75 -22.90
CA ASP F 83 -48.76 -11.62 -23.21
C ASP F 83 -49.47 -10.54 -24.02
N GLU F 84 -50.74 -10.73 -24.35
CA GLU F 84 -51.51 -9.74 -25.10
C GLU F 84 -51.83 -8.57 -24.17
N ALA F 85 -51.00 -7.54 -24.22
CA ALA F 85 -51.12 -6.42 -23.28
C ALA F 85 -50.47 -5.18 -23.93
N ASP F 86 -50.45 -4.09 -23.18
CA ASP F 86 -49.80 -2.86 -23.62
C ASP F 86 -48.41 -2.79 -23.01
N TYR F 87 -47.40 -2.56 -23.85
CA TYR F 87 -46.00 -2.64 -23.43
C TYR F 87 -45.38 -1.26 -23.53
N PHE F 88 -44.83 -0.77 -22.43
CA PHE F 88 -44.31 0.59 -22.34
C PHE F 88 -42.82 0.57 -22.04
N CYS F 89 -42.06 1.42 -22.74
CA CYS F 89 -40.64 1.60 -22.49
C CYS F 89 -40.41 2.95 -21.82
N GLY F 90 -39.56 2.97 -20.81
CA GLY F 90 -39.24 4.19 -20.11
C GLY F 90 -37.74 4.40 -19.98
N LEU F 91 -37.26 5.57 -20.39
CA LEU F 91 -35.85 5.91 -20.33
C LEU F 91 -35.61 7.00 -19.30
N TYR F 92 -34.51 6.88 -18.57
CA TYR F 92 -34.18 7.82 -17.49
C TYR F 92 -33.25 8.89 -18.06
N LYS F 93 -33.82 9.99 -18.52
CA LYS F 93 -33.02 11.17 -18.82
C LYS F 93 -32.61 11.85 -17.53
N ARG F 94 -31.45 12.52 -17.57
CA ARG F 94 -30.84 13.06 -16.36
C ARG F 94 -31.70 14.16 -15.74
N SER F 95 -32.29 15.01 -16.56
CA SER F 95 -33.08 16.13 -16.06
C SER F 95 -34.55 15.78 -15.87
N ALA F 96 -35.14 15.07 -16.82
CA ALA F 96 -36.58 14.78 -16.80
C ALA F 96 -36.93 13.44 -16.17
N ASN F 97 -35.93 12.71 -15.66
CA ASN F 97 -36.09 11.42 -14.95
C ASN F 97 -36.72 10.42 -15.91
N ASN F 98 -37.73 9.65 -15.48
CA ASN F 98 -38.31 8.62 -16.32
C ASN F 98 -39.26 9.24 -17.34
N ILE F 99 -39.05 8.93 -18.62
CA ILE F 99 -39.93 9.33 -19.70
C ILE F 99 -40.44 8.05 -20.36
N PHE F 100 -41.75 7.90 -20.42
CA PHE F 100 -42.38 6.66 -20.86
C PHE F 100 -42.90 6.78 -22.29
N GLY F 101 -42.93 5.66 -22.99
CA GLY F 101 -43.34 5.63 -24.38
C GLY F 101 -44.85 5.66 -24.54
N GLY F 102 -45.27 5.74 -25.80
CA GLY F 102 -46.69 5.77 -26.10
C GLY F 102 -47.39 4.46 -25.79
N GLY F 103 -46.72 3.34 -26.09
CA GLY F 103 -47.34 2.06 -25.78
C GLY F 103 -47.51 1.22 -27.04
N THR F 104 -47.02 -0.01 -26.97
CA THR F 104 -47.11 -0.96 -28.07
C THR F 104 -48.05 -2.09 -27.65
N HIS F 105 -49.15 -2.26 -28.40
CA HIS F 105 -50.14 -3.29 -28.10
C HIS F 105 -49.71 -4.58 -28.80
N LEU F 106 -49.19 -5.53 -28.02
CA LEU F 106 -48.76 -6.80 -28.57
C LEU F 106 -49.97 -7.69 -28.78
N THR F 107 -50.17 -8.17 -30.00
CA THR F 107 -51.29 -9.03 -30.35
C THR F 107 -50.81 -10.46 -30.47
N VAL F 108 -51.38 -11.34 -29.66
CA VAL F 108 -51.07 -12.77 -29.70
C VAL F 108 -52.18 -13.46 -30.49
N LEU F 109 -51.85 -13.91 -31.69
CA LEU F 109 -52.84 -14.52 -32.58
C LEU F 109 -53.16 -15.95 -32.16
N GLY G 118 16.83 -44.34 22.33
CA GLY G 118 16.04 -43.11 22.39
C GLY G 118 16.06 -42.47 23.76
N PHE G 119 16.85 -41.42 23.91
CA PHE G 119 16.96 -40.72 25.18
C PHE G 119 15.69 -39.93 25.48
N GLU G 120 15.34 -39.89 26.75
CA GLU G 120 14.11 -39.24 27.22
C GLU G 120 14.44 -37.89 27.87
N TYR G 121 13.41 -37.04 27.94
CA TYR G 121 13.49 -35.76 28.61
C TYR G 121 12.67 -35.81 29.90
N ASN G 122 13.33 -35.53 31.02
CA ASN G 122 12.66 -35.56 32.32
C ASN G 122 12.04 -34.20 32.61
N LYS G 123 10.83 -34.23 33.16
CA LYS G 123 10.00 -33.05 33.42
C LYS G 123 10.10 -32.72 34.91
N VAL G 124 11.17 -32.02 35.29
CA VAL G 124 11.33 -31.71 36.72
C VAL G 124 10.58 -30.43 37.05
N ARG G 125 9.79 -30.48 38.13
CA ARG G 125 8.99 -29.38 38.62
C ARG G 125 9.88 -28.36 39.32
N PRO G 126 9.41 -27.11 39.46
CA PRO G 126 10.17 -26.12 40.22
C PRO G 126 10.28 -26.48 41.69
N HIS G 127 11.42 -26.13 42.29
CA HIS G 127 11.66 -26.44 43.70
C HIS G 127 10.82 -25.56 44.61
N THR G 128 10.76 -24.27 44.32
CA THR G 128 9.95 -23.37 45.14
C THR G 128 8.46 -23.59 44.92
N GLY G 129 8.05 -23.68 43.65
CA GLY G 129 6.65 -23.82 43.32
C GLY G 129 5.93 -22.49 43.26
N THR G 130 4.70 -22.54 42.72
CA THR G 130 3.76 -21.45 42.42
C THR G 130 4.45 -20.17 41.95
N PRO G 131 5.13 -20.21 40.78
CA PRO G 131 5.96 -19.06 40.37
C PRO G 131 5.13 -17.85 40.00
N THR G 132 5.70 -16.67 40.26
CA THR G 132 5.04 -15.39 40.01
C THR G 132 6.04 -14.49 39.30
N LEU G 133 5.55 -13.70 38.35
CA LEU G 133 6.39 -12.76 37.63
C LEU G 133 7.01 -11.74 38.57
N GLY G 134 8.30 -11.49 38.42
CA GLY G 134 9.03 -10.60 39.30
C GLY G 134 9.61 -11.27 40.53
N ASN G 135 9.38 -12.56 40.72
CA ASN G 135 9.88 -13.29 41.87
C ASN G 135 10.85 -14.37 41.41
N LYS G 136 11.65 -14.85 42.36
CA LYS G 136 12.67 -15.85 42.04
C LYS G 136 12.03 -17.21 41.79
N LEU G 137 12.64 -17.98 40.90
CA LEU G 137 12.23 -19.33 40.56
C LEU G 137 13.39 -20.28 40.79
N THR G 138 13.11 -21.44 41.34
CA THR G 138 14.13 -22.38 41.76
C THR G 138 13.91 -23.72 41.09
N PHE G 139 14.97 -24.28 40.52
CA PHE G 139 14.93 -25.59 39.87
C PHE G 139 15.94 -26.53 40.50
N GLY G 140 15.54 -27.78 40.69
CA GLY G 140 16.44 -28.80 41.18
C GLY G 140 16.75 -29.84 40.13
N ILE G 141 17.87 -30.54 40.26
CA ILE G 141 18.23 -31.58 39.30
C ILE G 141 18.24 -32.93 40.02
N PRO G 142 17.19 -33.74 39.86
CA PRO G 142 17.18 -35.07 40.47
C PRO G 142 17.98 -36.06 39.64
N GLN G 143 18.04 -37.29 40.11
CA GLN G 143 18.80 -38.35 39.46
C GLN G 143 17.81 -39.33 38.82
N TYR G 144 17.77 -39.34 37.50
CA TYR G 144 16.98 -40.32 36.74
C TYR G 144 17.75 -40.96 35.60
N GLY G 145 18.78 -40.32 35.06
CA GLY G 145 19.57 -40.90 33.99
C GLY G 145 21.03 -41.00 34.36
N ASP G 146 21.91 -40.98 33.35
CA ASP G 146 23.34 -41.06 33.57
C ASP G 146 24.02 -39.69 33.43
N PHE G 147 23.87 -39.04 32.29
CA PHE G 147 24.44 -37.73 32.03
C PHE G 147 23.33 -36.77 31.65
N PHE G 148 23.48 -35.50 32.03
CA PHE G 148 22.57 -34.45 31.60
C PHE G 148 23.37 -33.47 30.73
N HIS G 149 22.89 -33.22 29.52
CA HIS G 149 23.60 -32.37 28.57
C HIS G 149 23.02 -30.97 28.49
N ASP G 150 21.72 -30.87 28.18
CA ASP G 150 21.05 -29.59 28.03
C ASP G 150 19.70 -29.63 28.73
N MET G 151 19.19 -28.44 29.05
CA MET G 151 17.93 -28.30 29.76
C MET G 151 17.19 -27.07 29.25
N VAL G 152 15.86 -27.15 29.25
CA VAL G 152 14.99 -26.12 28.68
C VAL G 152 13.89 -25.79 29.69
N GLY G 153 13.71 -24.50 29.96
CA GLY G 153 12.60 -24.10 30.80
C GLY G 153 11.34 -23.85 29.99
N HIS G 154 10.26 -24.55 30.32
CA HIS G 154 8.98 -24.43 29.63
C HIS G 154 7.99 -23.72 30.54
N HIS G 155 7.40 -22.63 30.04
CA HIS G 155 6.40 -21.87 30.78
C HIS G 155 5.26 -21.49 29.86
N ILE G 156 4.03 -21.72 30.29
CA ILE G 156 2.85 -21.33 29.53
C ILE G 156 2.28 -20.10 30.22
N LEU G 157 2.54 -18.93 29.64
CA LEU G 157 1.97 -17.69 30.15
C LEU G 157 0.49 -17.63 29.83
N GLY G 158 -0.29 -17.13 30.79
CA GLY G 158 -1.71 -17.05 30.64
C GLY G 158 -2.14 -15.90 29.75
N ALA G 159 -3.46 -15.70 29.71
CA ALA G 159 -4.04 -14.69 28.83
C ALA G 159 -3.75 -13.29 29.35
N CYS G 160 -3.77 -12.33 28.44
CA CYS G 160 -3.56 -10.92 28.75
C CYS G 160 -4.66 -10.09 28.13
N HIS G 161 -5.27 -9.22 28.94
CA HIS G 161 -6.27 -8.28 28.44
C HIS G 161 -6.31 -7.08 29.38
N SER G 162 -6.26 -5.88 28.82
CA SER G 162 -6.30 -4.68 29.63
C SER G 162 -7.71 -4.45 30.16
N SER G 163 -7.78 -3.69 31.25
CA SER G 163 -9.06 -3.42 31.90
C SER G 163 -9.92 -2.49 31.04
N TRP G 164 -11.23 -2.64 31.17
CA TRP G 164 -12.16 -1.76 30.48
C TRP G 164 -12.07 -0.36 31.07
N GLN G 165 -12.06 0.65 30.18
CA GLN G 165 -11.95 2.03 30.58
C GLN G 165 -13.12 2.83 30.02
N ASP G 166 -13.16 4.11 30.36
CA ASP G 166 -14.25 5.00 29.97
C ASP G 166 -13.80 5.90 28.82
N ALA G 167 -14.66 6.04 27.83
CA ALA G 167 -14.39 6.97 26.74
C ALA G 167 -14.49 8.40 27.25
N PRO G 168 -13.48 9.24 27.02
CA PRO G 168 -13.48 10.59 27.59
C PRO G 168 -14.51 11.51 26.95
N ILE G 169 -14.95 12.49 27.73
CA ILE G 169 -15.81 13.55 27.25
C ILE G 169 -14.96 14.54 26.45
N GLN G 170 -15.55 15.14 25.41
CA GLN G 170 -14.80 16.04 24.55
C GLN G 170 -14.37 17.30 25.30
N GLY G 171 -13.13 17.71 25.06
CA GLY G 171 -12.52 18.82 25.75
C GLY G 171 -11.68 18.44 26.94
N THR G 172 -11.79 17.20 27.42
CA THR G 172 -11.04 16.77 28.59
C THR G 172 -9.65 16.29 28.18
N SER G 173 -8.63 16.83 28.85
CA SER G 173 -7.24 16.42 28.64
C SER G 173 -6.79 15.69 29.89
N GLN G 174 -6.35 14.44 29.72
CA GLN G 174 -6.03 13.56 30.83
C GLN G 174 -4.54 13.21 30.80
N MET G 175 -3.94 13.16 31.99
CA MET G 175 -2.54 12.75 32.11
C MET G 175 -2.39 11.29 31.72
N GLY G 176 -1.41 11.01 30.87
CA GLY G 176 -1.26 9.68 30.32
C GLY G 176 0.00 8.96 30.74
N ALA G 177 0.60 8.21 29.81
CA ALA G 177 1.76 7.40 30.10
C ALA G 177 3.04 8.08 29.62
N HIS G 178 4.11 7.91 30.40
CA HIS G 178 5.46 8.38 30.06
C HIS G 178 5.50 9.89 29.85
N GLY G 179 4.79 10.62 30.70
CA GLY G 179 4.80 12.07 30.66
C GLY G 179 4.17 12.70 29.42
N GLN G 180 3.03 12.16 28.99
CA GLN G 180 2.32 12.70 27.84
C GLN G 180 0.91 13.06 28.25
N LEU G 181 0.47 14.28 27.90
CA LEU G 181 -0.88 14.75 28.21
C LEU G 181 -1.78 14.39 27.05
N GLN G 182 -2.55 13.32 27.20
CA GLN G 182 -3.41 12.86 26.12
C GLN G 182 -4.66 13.75 26.07
N THR G 183 -4.88 14.38 24.92
CA THR G 183 -5.94 15.35 24.76
C THR G 183 -6.99 14.83 23.79
N PHE G 184 -8.26 14.93 24.17
CA PHE G 184 -9.38 14.78 23.28
C PHE G 184 -9.97 16.17 23.11
N PRO G 185 -9.43 16.98 22.22
CA PRO G 185 -9.73 18.41 22.22
C PRO G 185 -11.11 18.70 21.62
N ARG G 186 -11.54 19.93 21.81
CA ARG G 186 -12.81 20.41 21.31
C ARG G 186 -12.76 20.60 19.80
N ASN G 187 -13.93 20.68 19.19
CA ASN G 187 -14.01 20.96 17.77
C ASN G 187 -13.57 22.39 17.50
N GLY G 188 -12.85 22.58 16.40
CA GLY G 188 -12.32 23.89 16.06
C GLY G 188 -11.01 24.24 16.72
N TYR G 189 -10.40 23.33 17.47
CA TYR G 189 -9.12 23.58 18.12
C TYR G 189 -8.10 22.55 17.67
N ASP G 190 -6.83 22.84 17.93
CA ASP G 190 -5.75 21.95 17.52
C ASP G 190 -5.65 20.77 18.49
N TRP G 191 -4.58 19.97 18.33
CA TRP G 191 -4.30 18.91 19.29
C TRP G 191 -4.01 19.50 20.67
N ASP G 192 -3.26 20.59 20.72
CA ASP G 192 -3.27 21.43 21.90
C ASP G 192 -4.65 22.04 22.06
N ASN G 193 -5.26 21.83 23.22
CA ASN G 193 -6.66 22.21 23.40
C ASN G 193 -6.85 23.73 23.49
N GLN G 194 -5.77 24.50 23.62
CA GLN G 194 -5.85 25.95 23.73
C GLN G 194 -5.46 26.67 22.43
N THR G 195 -5.23 25.93 21.35
CA THR G 195 -4.82 26.52 20.09
C THR G 195 -5.95 26.40 19.07
N PRO G 196 -6.49 27.52 18.56
CA PRO G 196 -7.57 27.42 17.56
C PRO G 196 -7.08 26.81 16.26
N LEU G 197 -7.98 26.07 15.61
CA LEU G 197 -7.69 25.45 14.31
C LEU G 197 -9.02 25.28 13.60
N GLU G 198 -9.30 26.16 12.64
CA GLU G 198 -10.61 26.22 12.02
C GLU G 198 -10.90 24.98 11.18
N GLY G 199 -12.11 24.45 11.33
CA GLY G 199 -12.56 23.31 10.57
C GLY G 199 -12.33 21.97 11.24
N ALA G 200 -11.61 21.93 12.35
CA ALA G 200 -11.25 20.66 12.99
C ALA G 200 -12.44 20.11 13.75
N VAL G 201 -12.86 18.89 13.39
CA VAL G 201 -13.92 18.15 14.06
C VAL G 201 -13.33 16.84 14.54
N TYR G 202 -13.58 16.50 15.81
CA TYR G 202 -12.94 15.36 16.44
C TYR G 202 -13.97 14.30 16.81
N THR G 203 -13.61 13.04 16.55
CA THR G 203 -14.44 11.89 16.86
C THR G 203 -13.55 10.86 17.53
N LEU G 204 -14.13 9.99 18.35
CA LEU G 204 -13.37 8.89 18.95
C LEU G 204 -13.62 7.63 18.15
N VAL G 205 -12.55 6.99 17.67
CA VAL G 205 -12.66 5.79 16.87
C VAL G 205 -11.78 4.69 17.47
N ASP G 206 -12.11 3.45 17.15
CA ASP G 206 -11.30 2.30 17.49
C ASP G 206 -10.06 2.33 16.59
N PRO G 207 -8.98 1.60 16.93
CA PRO G 207 -7.90 1.41 15.94
C PRO G 207 -8.32 0.75 14.64
N PHE G 208 -9.48 0.08 14.65
CA PHE G 208 -10.06 -0.52 13.46
C PHE G 208 -11.07 0.39 12.77
N GLY G 209 -11.28 1.60 13.27
CA GLY G 209 -12.17 2.55 12.64
C GLY G 209 -13.59 2.58 13.15
N ARG G 210 -13.95 1.69 14.07
CA ARG G 210 -15.30 1.65 14.60
C ARG G 210 -15.51 2.79 15.60
N PRO G 211 -16.64 3.50 15.52
CA PRO G 211 -16.87 4.62 16.44
C PRO G 211 -17.09 4.15 17.87
N ILE G 212 -16.84 5.06 18.81
CA ILE G 212 -16.84 4.73 20.23
C ILE G 212 -17.96 5.44 21.00
N VAL G 213 -18.56 6.49 20.43
CA VAL G 213 -19.60 7.31 21.07
C VAL G 213 -19.11 7.83 22.42
N PRO G 214 -18.30 8.89 22.42
CA PRO G 214 -17.60 9.32 23.64
C PRO G 214 -18.52 9.66 24.80
N GLY G 215 -18.04 9.35 26.01
CA GLY G 215 -18.82 9.44 27.22
C GLY G 215 -19.41 8.13 27.69
N THR G 216 -19.44 7.12 26.82
CA THR G 216 -20.02 5.83 27.18
C THR G 216 -19.03 5.05 28.05
N LYS G 217 -19.50 4.61 29.21
CA LYS G 217 -18.67 3.84 30.11
C LYS G 217 -18.44 2.43 29.59
N ASN G 218 -17.21 1.93 29.78
CA ASN G 218 -16.80 0.57 29.43
C ASN G 218 -16.98 0.28 27.94
N ALA G 219 -16.29 1.08 27.13
CA ALA G 219 -16.28 0.87 25.68
C ALA G 219 -14.84 0.80 25.19
N TYR G 220 -13.97 1.58 25.80
CA TYR G 220 -12.56 1.63 25.45
C TYR G 220 -11.76 0.62 26.26
N ARG G 221 -11.14 -0.33 25.56
CA ARG G 221 -10.24 -1.31 26.15
C ARG G 221 -8.92 -1.28 25.40
N ASN G 222 -7.82 -1.19 26.14
CA ASN G 222 -6.51 -1.08 25.51
C ASN G 222 -6.07 -2.44 24.94
N LEU G 223 -5.43 -2.39 23.77
CA LEU G 223 -4.75 -3.54 23.21
C LEU G 223 -3.41 -3.72 23.91
N VAL G 224 -2.93 -4.96 23.94
CA VAL G 224 -1.74 -5.30 24.73
C VAL G 224 -0.67 -5.87 23.82
N TYR G 225 0.56 -5.40 24.00
CA TYR G 225 1.73 -5.99 23.34
C TYR G 225 2.15 -7.25 24.09
N TYR G 226 3.14 -7.92 23.53
CA TYR G 226 4.19 -8.58 24.29
C TYR G 226 5.50 -7.93 23.90
N CYS G 227 6.47 -7.97 24.81
CA CYS G 227 7.79 -7.46 24.50
C CYS G 227 8.44 -8.33 23.43
N GLU G 228 9.33 -7.73 22.64
CA GLU G 228 10.02 -8.51 21.63
C GLU G 228 10.99 -9.49 22.29
N TYR G 229 10.91 -10.76 21.86
CA TYR G 229 11.59 -11.90 22.47
C TYR G 229 11.26 -12.04 23.96
N PRO G 230 10.02 -12.43 24.32
CA PRO G 230 9.71 -12.59 25.75
C PRO G 230 10.52 -13.67 26.45
N GLY G 231 10.95 -14.71 25.72
CA GLY G 231 11.71 -15.78 26.35
C GLY G 231 13.08 -15.32 26.83
N GLU G 232 13.65 -14.31 26.17
CA GLU G 232 14.90 -13.76 26.64
C GLU G 232 14.71 -12.88 27.87
N ARG G 233 13.65 -12.06 27.87
CA ARG G 233 13.43 -11.16 29.00
C ARG G 233 12.93 -11.89 30.24
N LEU G 234 12.27 -13.04 30.07
CA LEU G 234 11.76 -13.78 31.23
C LEU G 234 12.89 -14.27 32.11
N TYR G 235 13.96 -14.80 31.51
CA TYR G 235 15.09 -15.30 32.28
C TYR G 235 16.09 -14.15 32.42
N GLU G 236 15.74 -13.21 33.31
CA GLU G 236 16.51 -11.98 33.45
C GLU G 236 17.85 -12.21 34.11
N ASN G 237 17.97 -13.22 34.97
CA ASN G 237 19.24 -13.52 35.63
C ASN G 237 19.22 -15.00 36.02
N VAL G 238 20.11 -15.78 35.40
CA VAL G 238 20.14 -17.22 35.61
C VAL G 238 21.50 -17.59 36.19
N ARG G 239 21.48 -18.31 37.31
CA ARG G 239 22.71 -18.78 37.94
C ARG G 239 22.58 -20.24 38.33
N PHE G 240 23.73 -20.92 38.38
CA PHE G 240 23.82 -22.33 38.74
C PHE G 240 24.68 -22.46 39.98
N ASP G 241 24.16 -23.13 41.01
CA ASP G 241 24.82 -23.21 42.30
C ASP G 241 25.06 -24.67 42.69
N VAL G 242 26.23 -24.93 43.26
CA VAL G 242 26.58 -26.23 43.82
C VAL G 242 27.01 -25.97 45.26
N ASN G 243 26.06 -26.07 46.20
CA ASN G 243 26.22 -25.67 47.60
C ASN G 243 26.72 -24.23 47.70
N GLY G 244 25.98 -23.32 47.06
CA GLY G 244 26.47 -21.96 46.90
C GLY G 244 27.58 -21.94 45.86
N ASN G 245 28.34 -20.84 45.87
CA ASN G 245 29.52 -20.65 45.01
C ASN G 245 29.16 -20.81 43.54
N SER G 246 28.36 -19.86 43.06
CA SER G 246 27.75 -19.91 41.73
C SER G 246 28.77 -20.04 40.62
N LEU G 247 28.77 -21.20 39.94
CA LEU G 247 29.76 -21.46 38.90
C LEU G 247 29.47 -20.65 37.64
N ASP G 248 28.21 -20.59 37.22
CA ASP G 248 27.82 -19.86 36.04
C ASP G 248 26.69 -18.89 36.39
N GLU G 249 26.76 -17.69 35.82
CA GLU G 249 25.79 -16.64 36.08
C GLU G 249 25.72 -15.74 34.85
N TYR G 250 24.52 -15.54 34.32
CA TYR G 250 24.35 -14.69 33.16
C TYR G 250 23.02 -13.95 33.27
N SER G 251 22.79 -13.05 32.32
CA SER G 251 21.56 -12.27 32.29
C SER G 251 20.87 -12.41 30.94
N SER G 252 19.84 -11.59 30.70
CA SER G 252 19.14 -11.63 29.42
C SER G 252 20.00 -11.04 28.30
N ASP G 253 20.94 -10.16 28.64
CA ASP G 253 21.77 -9.51 27.63
C ASP G 253 22.73 -10.50 26.98
N VAL G 254 23.25 -11.45 27.76
CA VAL G 254 24.06 -12.52 27.18
C VAL G 254 23.23 -13.38 26.23
N THR G 255 21.96 -13.61 26.59
CA THR G 255 21.08 -14.41 25.75
C THR G 255 20.78 -13.70 24.43
N THR G 256 20.52 -12.39 24.46
CA THR G 256 20.26 -11.70 23.21
C THR G 256 21.55 -11.50 22.40
N LEU G 257 22.71 -11.44 23.07
CA LEU G 257 23.97 -11.38 22.34
C LEU G 257 24.24 -12.69 21.60
N VAL G 258 24.01 -13.83 22.26
CA VAL G 258 24.26 -15.09 21.58
C VAL G 258 23.15 -15.39 20.57
N ARG G 259 21.97 -14.78 20.72
CA ARG G 259 20.98 -14.84 19.64
C ARG G 259 21.45 -14.07 18.42
N LYS G 260 21.97 -12.85 18.63
CA LYS G 260 22.42 -12.03 17.51
C LYS G 260 23.64 -12.63 16.83
N PHE G 261 24.50 -13.32 17.57
CA PHE G 261 25.76 -13.78 17.01
C PHE G 261 25.78 -15.27 16.67
N CYS G 262 25.46 -16.15 17.63
CA CYS G 262 25.72 -17.57 17.48
C CYS G 262 24.59 -18.33 16.80
N ILE G 263 23.34 -17.90 16.96
CA ILE G 263 22.20 -18.64 16.42
C ILE G 263 22.12 -18.41 14.92
N PRO G 264 22.18 -19.46 14.10
CA PRO G 264 22.22 -19.27 12.64
C PRO G 264 20.87 -18.82 12.10
N GLY G 265 20.89 -18.36 10.85
CA GLY G 265 19.68 -17.87 10.22
C GLY G 265 18.70 -18.97 9.84
N ASP G 266 19.20 -20.19 9.66
CA ASP G 266 18.30 -21.32 9.38
C ASP G 266 17.45 -21.63 10.60
N LYS G 267 18.02 -21.52 11.80
CA LYS G 267 17.31 -21.78 13.04
C LYS G 267 16.72 -20.52 13.65
N MET G 268 16.72 -19.40 12.90
CA MET G 268 16.18 -18.15 13.43
C MET G 268 14.68 -18.26 13.65
N THR G 269 13.95 -18.89 12.73
CA THR G 269 12.51 -19.07 12.91
C THR G 269 12.22 -20.02 14.07
N GLY G 270 13.09 -21.02 14.28
CA GLY G 270 12.92 -21.91 15.41
C GLY G 270 13.11 -21.21 16.74
N TYR G 271 14.15 -20.39 16.85
CA TYR G 271 14.37 -19.62 18.07
C TYR G 271 13.26 -18.60 18.29
N LYS G 272 12.76 -17.99 17.21
CA LYS G 272 11.66 -17.05 17.34
C LYS G 272 10.37 -17.75 17.77
N HIS G 273 10.17 -19.00 17.36
CA HIS G 273 9.00 -19.75 17.83
C HIS G 273 9.17 -20.20 19.27
N LEU G 274 10.41 -20.51 19.68
CA LEU G 274 10.64 -20.99 21.05
C LEU G 274 10.43 -19.88 22.07
N VAL G 275 10.98 -18.70 21.81
CA VAL G 275 10.95 -17.63 22.81
C VAL G 275 9.71 -16.77 22.58
N GLY G 276 8.80 -17.21 21.72
CA GLY G 276 7.57 -16.48 21.49
C GLY G 276 7.71 -15.17 20.75
N GLN G 277 8.46 -15.17 19.66
CA GLN G 277 8.55 -14.02 18.77
C GLN G 277 7.73 -14.30 17.51
N GLU G 278 7.01 -13.30 17.03
CA GLU G 278 6.22 -13.44 15.82
C GLU G 278 7.13 -13.66 14.61
N VAL G 279 6.63 -14.43 13.66
CA VAL G 279 7.31 -14.66 12.39
C VAL G 279 6.43 -14.11 11.28
N SER G 280 7.06 -13.51 10.27
CA SER G 280 6.31 -12.85 9.21
C SER G 280 5.72 -13.88 8.26
N VAL G 281 4.39 -13.98 8.26
CA VAL G 281 3.66 -14.82 7.31
C VAL G 281 3.57 -14.08 6.00
N GLU G 282 3.95 -14.74 4.92
CA GLU G 282 3.99 -14.14 3.59
C GLU G 282 2.74 -14.54 2.83
N GLY G 283 2.00 -13.54 2.33
CA GLY G 283 0.86 -13.77 1.50
C GLY G 283 0.97 -13.01 0.19
N THR G 284 0.01 -13.25 -0.69
CA THR G 284 0.02 -12.66 -2.02
C THR G 284 -1.28 -11.92 -2.26
N SER G 285 -1.22 -10.92 -3.13
CA SER G 285 -2.40 -10.10 -3.40
C SER G 285 -3.19 -10.63 -4.59
N GLY G 286 -2.57 -10.65 -5.77
CA GLY G 286 -3.23 -11.11 -6.96
C GLY G 286 -2.59 -10.59 -8.23
N PRO G 287 -3.15 -10.94 -9.37
CA PRO G 287 -2.60 -10.49 -10.66
C PRO G 287 -2.73 -8.98 -10.83
N LEU G 288 -1.74 -8.38 -11.50
CA LEU G 288 -1.68 -6.94 -11.68
C LEU G 288 -1.26 -6.59 -13.10
N LEU G 289 -1.28 -5.29 -13.41
CA LEU G 289 -1.07 -4.84 -14.79
C LEU G 289 0.39 -4.92 -15.20
N CYS G 290 1.25 -4.16 -14.50
CA CYS G 290 2.67 -3.95 -14.79
C CYS G 290 2.99 -3.38 -16.16
N ASN G 291 4.28 -3.33 -16.45
CA ASN G 291 4.84 -2.88 -17.72
C ASN G 291 6.23 -3.47 -17.81
N ILE G 292 6.76 -3.53 -19.03
CA ILE G 292 8.12 -3.99 -19.26
C ILE G 292 8.83 -2.96 -20.13
N HIS G 293 9.89 -2.37 -19.60
CA HIS G 293 10.66 -1.34 -20.29
C HIS G 293 12.04 -1.88 -20.60
N ASP G 294 12.30 -2.15 -21.87
CA ASP G 294 13.57 -2.70 -22.33
C ASP G 294 14.23 -1.73 -23.30
N LEU G 295 15.51 -1.48 -23.08
CA LEU G 295 16.28 -0.58 -23.95
C LEU G 295 17.76 -0.92 -23.89
N LEU G 351 2.27 -5.25 -19.36
CA LEU G 351 2.68 -6.30 -20.29
C LEU G 351 2.60 -7.68 -19.64
N ASP G 352 3.43 -7.90 -18.62
CA ASP G 352 3.53 -9.19 -17.96
C ASP G 352 2.69 -9.18 -16.69
N ILE G 353 2.01 -10.30 -16.42
CA ILE G 353 1.14 -10.37 -15.25
C ILE G 353 1.95 -10.78 -14.04
N ARG G 354 1.86 -10.00 -12.96
CA ARG G 354 2.72 -10.17 -11.81
C ARG G 354 1.92 -10.05 -10.52
N ARG G 355 2.18 -10.96 -9.59
CA ARG G 355 1.57 -10.94 -8.27
C ARG G 355 2.37 -10.06 -7.31
N ASN G 356 1.70 -9.55 -6.28
CA ASN G 356 2.30 -8.70 -5.28
C ASN G 356 2.35 -9.45 -3.96
N VAL G 357 3.52 -9.45 -3.32
CA VAL G 357 3.77 -10.24 -2.13
C VAL G 357 3.85 -9.30 -0.93
N HIS G 358 3.04 -9.59 0.09
CA HIS G 358 3.00 -8.83 1.33
C HIS G 358 3.38 -9.72 2.50
N TYR G 359 3.80 -9.10 3.59
CA TYR G 359 4.15 -9.79 4.82
C TYR G 359 3.29 -9.23 5.96
N SER G 360 2.81 -10.14 6.83
CA SER G 360 1.98 -9.73 7.95
C SER G 360 2.30 -10.59 9.15
N CYS G 361 1.95 -10.10 10.33
CA CYS G 361 2.26 -10.78 11.58
C CYS G 361 1.01 -10.95 12.42
N ASN G 362 0.86 -12.13 13.01
CA ASN G 362 -0.26 -12.46 13.89
C ASN G 362 0.22 -12.92 15.26
N GLY G 363 1.49 -12.73 15.58
CA GLY G 363 2.07 -13.34 16.75
C GLY G 363 1.88 -12.54 18.02
N PRO G 364 2.74 -12.80 19.01
CA PRO G 364 2.58 -12.15 20.31
C PRO G 364 2.80 -10.64 20.28
N GLN G 365 3.76 -10.16 19.49
CA GLN G 365 4.05 -8.74 19.43
C GLN G 365 2.98 -7.94 18.72
N THR G 366 2.07 -8.59 18.00
CA THR G 366 0.92 -7.91 17.42
C THR G 366 0.01 -7.44 18.56
N PRO G 367 -0.39 -6.16 18.58
CA PRO G 367 -1.32 -5.70 19.61
C PRO G 367 -2.68 -6.36 19.42
N LYS G 368 -3.16 -7.02 20.46
CA LYS G 368 -4.41 -7.75 20.41
C LYS G 368 -5.28 -7.36 21.60
N TYR G 369 -6.59 -7.51 21.43
CA TYR G 369 -7.51 -7.31 22.54
C TYR G 369 -7.35 -8.39 23.60
N TYR G 370 -7.05 -9.61 23.17
CA TYR G 370 -6.98 -10.77 24.07
C TYR G 370 -5.82 -11.62 23.60
N GLN G 371 -4.70 -11.56 24.33
CA GLN G 371 -3.53 -12.33 23.98
C GLN G 371 -3.72 -13.79 24.41
N PRO G 372 -3.51 -14.76 23.52
CA PRO G 372 -3.71 -16.16 23.89
C PRO G 372 -2.60 -16.64 24.82
N PRO G 373 -2.82 -17.73 25.55
CA PRO G 373 -1.74 -18.33 26.34
C PRO G 373 -0.59 -18.77 25.45
N LEU G 374 0.63 -18.54 25.93
CA LEU G 374 1.82 -18.60 25.10
C LEU G 374 2.82 -19.59 25.68
N ALA G 375 3.49 -20.34 24.82
CA ALA G 375 4.42 -21.40 25.23
C ALA G 375 5.87 -20.92 25.04
N LEU G 376 6.48 -20.46 26.13
CA LEU G 376 7.90 -20.12 26.13
C LEU G 376 8.72 -21.37 26.38
N TRP G 377 9.67 -21.63 25.49
CA TRP G 377 10.62 -22.73 25.64
C TRP G 377 12.01 -22.10 25.62
N ILE G 378 12.48 -21.66 26.77
CA ILE G 378 13.73 -20.93 26.87
C ILE G 378 14.88 -21.91 27.08
N LYS G 379 15.85 -21.87 26.18
CA LYS G 379 17.01 -22.73 26.30
C LYS G 379 17.94 -22.22 27.39
N LEU G 380 18.52 -23.14 28.15
CA LEU G 380 19.48 -22.82 29.18
C LEU G 380 20.88 -23.10 28.65
N ARG G 381 21.74 -22.09 28.68
CA ARG G 381 23.08 -22.18 28.10
C ARG G 381 24.11 -22.16 29.21
N PHE G 382 24.95 -23.20 29.27
CA PHE G 382 26.04 -23.28 30.22
C PHE G 382 27.29 -23.76 29.49
N TRP G 383 28.35 -23.98 30.26
CA TRP G 383 29.61 -24.43 29.65
C TRP G 383 29.55 -25.89 29.23
N PHE G 384 28.69 -26.68 29.86
CA PHE G 384 28.58 -28.10 29.58
C PHE G 384 27.42 -28.44 28.67
N ASN G 385 26.76 -27.45 28.08
CA ASN G 385 25.62 -27.67 27.19
C ASN G 385 26.03 -27.70 25.71
N GLU G 386 27.32 -27.62 25.42
CA GLU G 386 27.79 -27.54 24.05
C GLU G 386 28.24 -28.89 23.48
N ASN G 387 29.18 -29.55 24.16
CA ASN G 387 29.72 -30.83 23.72
C ASN G 387 29.20 -31.94 24.61
N VAL G 388 28.76 -33.04 24.00
CA VAL G 388 28.29 -34.19 24.76
C VAL G 388 29.43 -34.87 25.50
N ASN G 389 30.66 -34.75 24.99
CA ASN G 389 31.82 -35.29 25.68
C ASN G 389 32.19 -34.47 26.91
N LEU G 390 31.80 -33.20 26.95
CA LEU G 390 32.09 -32.32 28.08
C LEU G 390 30.92 -32.20 29.05
N ALA G 391 29.88 -33.01 28.87
CA ALA G 391 28.76 -33.01 29.80
C ALA G 391 29.20 -33.58 31.14
N ILE G 392 28.90 -32.85 32.22
CA ILE G 392 29.36 -33.26 33.54
C ILE G 392 28.57 -34.47 34.02
N PRO G 393 29.18 -35.41 34.73
CA PRO G 393 28.43 -36.58 35.20
C PRO G 393 27.47 -36.23 36.33
N SER G 394 26.43 -37.05 36.45
CA SER G 394 25.48 -36.92 37.54
C SER G 394 25.88 -37.73 38.77
N VAL G 395 27.00 -38.46 38.70
CA VAL G 395 27.45 -39.29 39.81
C VAL G 395 28.72 -38.75 40.47
N SER G 396 29.45 -37.85 39.81
CA SER G 396 30.68 -37.30 40.40
C SER G 396 30.36 -36.44 41.62
N ILE G 397 29.28 -35.67 41.56
CA ILE G 397 28.83 -34.86 42.70
C ILE G 397 27.38 -35.26 42.99
N PRO G 398 26.90 -35.12 44.23
CA PRO G 398 25.51 -35.46 44.52
C PRO G 398 24.53 -34.56 43.79
N PHE G 399 23.37 -35.13 43.43
CA PHE G 399 22.37 -34.38 42.68
C PHE G 399 21.58 -33.42 43.57
N GLY G 400 21.66 -33.58 44.89
CA GLY G 400 20.93 -32.68 45.78
C GLY G 400 21.46 -31.27 45.78
N GLU G 401 22.78 -31.12 45.67
CA GLU G 401 23.40 -29.80 45.82
C GLU G 401 23.35 -28.95 44.55
N ARG G 402 22.91 -29.51 43.43
CA ARG G 402 22.87 -28.77 42.17
C ARG G 402 21.54 -28.05 42.05
N PHE G 403 21.59 -26.71 42.05
CA PHE G 403 20.39 -25.88 42.05
C PHE G 403 20.51 -24.82 40.95
N ILE G 404 19.36 -24.40 40.44
CA ILE G 404 19.28 -23.36 39.41
C ILE G 404 18.39 -22.25 39.95
N THR G 405 18.92 -21.03 39.99
CA THR G 405 18.17 -19.88 40.47
C THR G 405 17.95 -18.90 39.32
N ILE G 406 16.69 -18.58 39.04
CA ILE G 406 16.32 -17.70 37.94
C ILE G 406 15.53 -16.53 38.52
N LYS G 407 15.81 -15.33 38.02
CA LYS G 407 15.07 -14.13 38.39
C LYS G 407 14.11 -13.83 37.25
N LEU G 408 12.82 -14.13 37.45
CA LEU G 408 11.82 -13.84 36.44
C LEU G 408 11.55 -12.34 36.37
N ALA G 409 11.25 -11.85 35.18
CA ALA G 409 11.01 -10.42 34.99
C ALA G 409 9.64 -10.02 35.52
N SER G 410 9.45 -8.72 35.64
CA SER G 410 8.20 -8.18 36.15
C SER G 410 7.09 -8.31 35.11
N GLN G 411 5.85 -8.13 35.58
CA GLN G 411 4.70 -8.13 34.69
C GLN G 411 4.76 -6.96 33.71
N LYS G 412 5.16 -5.78 34.20
CA LYS G 412 5.29 -4.61 33.32
C LYS G 412 6.45 -4.76 32.35
N ASP G 413 7.44 -5.58 32.68
CA ASP G 413 8.61 -5.75 31.83
C ASP G 413 8.37 -6.71 30.67
N LEU G 414 7.23 -7.40 30.65
CA LEU G 414 6.92 -8.37 29.61
C LEU G 414 5.73 -7.99 28.75
N VAL G 415 4.72 -7.34 29.31
CA VAL G 415 3.50 -6.99 28.61
C VAL G 415 3.35 -5.47 28.61
N ASN G 416 3.20 -4.90 27.42
CA ASN G 416 3.01 -3.47 27.23
C ASN G 416 1.60 -3.26 26.69
N GLU G 417 1.19 -2.00 26.53
CA GLU G 417 -0.14 -1.67 26.07
C GLU G 417 -0.07 -0.89 24.77
N PHE G 418 -1.08 -1.07 23.92
CA PHE G 418 -1.32 -0.31 22.71
C PHE G 418 -2.53 0.59 22.91
N PRO G 419 -2.52 1.81 22.36
CA PRO G 419 -3.70 2.69 22.47
C PRO G 419 -4.90 2.10 21.77
N GLY G 420 -5.91 1.75 22.55
CA GLY G 420 -7.16 1.23 22.04
C GLY G 420 -8.17 2.28 21.67
N LEU G 421 -7.76 3.55 21.64
CA LEU G 421 -8.65 4.65 21.26
C LEU G 421 -7.85 5.65 20.46
N PHE G 422 -8.44 6.14 19.37
CA PHE G 422 -7.79 7.13 18.53
C PHE G 422 -8.72 8.32 18.33
N VAL G 423 -8.20 9.52 18.60
CA VAL G 423 -8.90 10.74 18.29
C VAL G 423 -8.73 10.99 16.79
N ARG G 424 -9.84 10.90 16.06
CA ARG G 424 -9.86 11.10 14.62
C ARG G 424 -10.23 12.55 14.35
N GLN G 425 -9.34 13.26 13.67
CA GLN G 425 -9.52 14.69 13.39
C GLN G 425 -9.78 14.86 11.91
N SER G 426 -11.02 15.23 11.58
CA SER G 426 -11.31 15.76 10.26
C SER G 426 -10.99 17.25 10.27
N ARG G 427 -10.47 17.75 9.15
CA ARG G 427 -10.21 19.17 9.07
C ARG G 427 -10.52 19.65 7.66
N PHE G 428 -11.49 20.54 7.53
CA PHE G 428 -11.86 21.12 6.26
C PHE G 428 -11.08 22.41 6.09
N ILE G 429 -10.06 22.38 5.22
CA ILE G 429 -9.30 23.57 4.88
C ILE G 429 -10.01 24.22 3.70
N ALA G 430 -10.74 25.30 3.97
CA ALA G 430 -11.54 25.94 2.94
C ALA G 430 -10.65 26.63 1.90
N GLY G 431 -11.12 26.63 0.66
CA GLY G 431 -10.38 27.24 -0.42
C GLY G 431 -10.53 26.40 -1.68
N ARG G 432 -9.71 26.74 -2.67
CA ARG G 432 -9.67 26.02 -3.95
C ARG G 432 -8.26 25.48 -4.16
N PRO G 433 -8.02 24.18 -3.96
CA PRO G 433 -8.96 23.12 -3.56
C PRO G 433 -9.31 23.13 -2.08
N SER G 434 -10.43 22.50 -1.74
CA SER G 434 -10.92 22.43 -0.37
C SER G 434 -10.50 21.10 0.23
N ARG G 435 -9.32 21.07 0.83
CA ARG G 435 -8.75 19.84 1.35
C ARG G 435 -9.50 19.38 2.59
N ARG G 436 -9.51 18.06 2.80
CA ARG G 436 -10.10 17.42 3.98
C ARG G 436 -9.06 16.47 4.56
N ASN G 437 -8.18 17.00 5.39
CA ASN G 437 -7.14 16.19 6.02
C ASN G 437 -7.72 15.51 7.26
N ILE G 438 -7.65 14.18 7.30
CA ILE G 438 -8.11 13.40 8.43
C ILE G 438 -6.91 12.69 9.03
N ARG G 439 -6.61 12.99 10.30
CA ARG G 439 -5.48 12.39 11.00
C ARG G 439 -5.98 11.65 12.23
N PHE G 440 -5.10 10.88 12.84
CA PHE G 440 -5.44 10.09 14.02
C PHE G 440 -4.34 10.24 15.06
N LYS G 441 -4.72 10.68 16.26
CA LYS G 441 -3.78 10.79 17.37
C LYS G 441 -4.17 9.78 18.44
N PRO G 442 -3.27 8.94 18.93
CA PRO G 442 -3.65 7.92 19.91
C PRO G 442 -4.06 8.52 21.25
N TRP G 443 -5.01 7.88 21.90
CA TRP G 443 -5.44 8.21 23.25
C TRP G 443 -4.95 7.08 24.14
N PHE G 444 -3.85 7.30 24.84
CA PHE G 444 -3.17 6.27 25.60
C PHE G 444 -3.31 6.55 27.10
N ILE G 445 -4.21 5.84 27.75
CA ILE G 445 -4.35 5.90 29.20
C ILE G 445 -4.08 4.51 29.75
N PRO G 446 -3.12 4.35 30.67
CA PRO G 446 -2.76 3.01 31.14
C PRO G 446 -3.87 2.37 31.95
N GLY G 447 -4.04 1.06 31.73
CA GLY G 447 -4.99 0.26 32.49
C GLY G 447 -4.28 -0.71 33.41
N VAL G 448 -5.07 -1.64 33.93
CA VAL G 448 -4.58 -2.67 34.83
C VAL G 448 -4.61 -3.99 34.05
N ILE G 449 -3.42 -4.50 33.70
CA ILE G 449 -3.32 -5.80 33.07
C ILE G 449 -3.61 -6.89 34.09
N ASN G 450 -4.37 -7.89 33.69
CA ASN G 450 -4.61 -9.04 34.56
C ASN G 450 -3.31 -9.80 34.80
N GLU G 451 -3.20 -10.39 35.98
CA GLU G 451 -1.97 -11.07 36.36
C GLU G 451 -1.77 -12.32 35.53
N ILE G 452 -0.58 -12.46 34.96
CA ILE G 452 -0.23 -13.64 34.18
C ILE G 452 0.11 -14.78 35.13
N SER G 453 -0.65 -15.85 35.05
CA SER G 453 -0.41 -17.05 35.85
C SER G 453 0.47 -18.00 35.07
N LEU G 454 1.67 -18.25 35.59
CA LEU G 454 2.62 -19.16 34.95
C LEU G 454 2.12 -20.59 35.14
N THR G 455 1.74 -21.22 34.04
CA THR G 455 1.10 -22.53 34.06
C THR G 455 2.03 -23.54 33.41
N ASN G 456 2.08 -24.75 33.98
CA ASN G 456 2.88 -25.87 33.47
C ASN G 456 4.36 -25.54 33.42
N ASN G 457 4.85 -24.83 34.43
CA ASN G 457 6.27 -24.52 34.54
C ASN G 457 7.07 -25.79 34.77
N GLU G 458 7.91 -26.15 33.81
CA GLU G 458 8.70 -27.38 33.90
C GLU G 458 10.11 -27.10 33.44
N LEU G 459 11.03 -27.97 33.81
CA LEU G 459 12.37 -27.97 33.24
C LEU G 459 12.60 -29.32 32.58
N TYR G 460 12.91 -29.29 31.29
CA TYR G 460 13.18 -30.48 30.49
C TYR G 460 14.68 -30.75 30.56
N ILE G 461 15.06 -31.89 31.13
CA ILE G 461 16.45 -32.28 31.26
C ILE G 461 16.68 -33.55 30.45
N ASN G 462 17.68 -33.51 29.55
CA ASN G 462 18.00 -34.65 28.71
C ASN G 462 18.93 -35.55 29.52
N ASN G 463 18.34 -36.47 30.28
CA ASN G 463 19.10 -37.42 31.10
C ASN G 463 19.25 -38.72 30.31
N LEU G 464 20.21 -38.71 29.39
CA LEU G 464 20.46 -39.89 28.56
C LEU G 464 21.27 -40.92 29.33
N PHE G 465 21.22 -42.16 28.86
CA PHE G 465 22.01 -43.24 29.43
C PHE G 465 23.36 -43.33 28.73
N VAL G 466 24.29 -44.03 29.37
CA VAL G 466 25.62 -44.22 28.81
C VAL G 466 25.57 -45.26 27.68
N LEU G 482 40.25 -27.26 29.20
CA LEU G 482 39.43 -28.44 28.89
C LEU G 482 37.98 -28.03 28.61
N ILE G 483 37.37 -27.32 29.55
CA ILE G 483 36.02 -26.85 29.40
C ILE G 483 36.05 -25.37 29.02
N ARG G 484 34.92 -24.87 28.52
CA ARG G 484 34.83 -23.50 28.00
C ARG G 484 33.76 -22.75 28.79
N VAL G 485 34.15 -22.15 29.91
CA VAL G 485 33.25 -21.38 30.75
C VAL G 485 33.20 -19.95 30.24
N HIS G 486 31.99 -19.46 30.00
CA HIS G 486 31.79 -18.10 29.49
C HIS G 486 31.64 -17.14 30.67
N LYS G 487 32.54 -16.18 30.77
CA LYS G 487 32.55 -15.21 31.87
C LYS G 487 31.91 -13.91 31.38
N THR G 488 30.80 -13.53 32.02
CA THR G 488 30.02 -12.37 31.63
C THR G 488 29.99 -11.34 32.75
N GLN G 489 29.91 -10.07 32.37
CA GLN G 489 29.77 -8.98 33.33
C GLN G 489 29.01 -7.84 32.68
N VAL G 490 28.39 -7.01 33.53
CA VAL G 490 27.57 -5.89 33.08
C VAL G 490 28.08 -4.64 33.78
N THR G 491 28.33 -3.58 33.01
CA THR G 491 28.82 -2.33 33.56
C THR G 491 27.95 -1.17 33.07
N HIS G 492 27.86 -0.12 33.89
CA HIS G 492 27.12 1.08 33.56
C HIS G 492 28.09 2.25 33.41
N THR G 493 27.95 3.02 32.34
CA THR G 493 28.92 4.04 31.96
C THR G 493 28.23 5.36 31.70
N ASN G 494 28.88 6.46 32.11
CA ASN G 494 28.32 7.79 31.93
C ASN G 494 29.37 8.84 31.56
N ASN G 495 30.56 8.44 31.12
CA ASN G 495 31.61 9.39 30.80
C ASN G 495 31.40 9.96 29.40
N ASN G 496 32.13 11.04 29.11
CA ASN G 496 31.99 11.78 27.85
C ASN G 496 33.31 11.76 27.10
N HIS G 497 33.28 11.26 25.86
CA HIS G 497 34.34 11.35 24.84
C HIS G 497 35.55 10.48 25.16
N HIS G 498 35.60 9.90 26.36
CA HIS G 498 36.64 8.94 26.74
C HIS G 498 36.12 8.19 27.95
N ASP G 499 35.88 6.89 27.80
CA ASP G 499 35.27 6.08 28.87
C ASP G 499 36.12 4.83 29.05
N GLU G 500 37.18 4.95 29.84
CA GLU G 500 38.08 3.83 30.11
C GLU G 500 37.57 3.06 31.32
N LYS G 501 37.28 1.78 31.12
CA LYS G 501 36.76 0.91 32.17
C LYS G 501 37.68 -0.29 32.31
N LEU G 502 38.13 -0.55 33.53
CA LEU G 502 39.02 -1.66 33.83
C LEU G 502 38.28 -2.71 34.65
N MET G 503 38.57 -3.98 34.38
CA MET G 503 37.96 -5.10 35.08
C MET G 503 39.04 -6.02 35.63
N SER G 504 38.71 -6.71 36.72
CA SER G 504 39.63 -7.64 37.35
C SER G 504 39.06 -9.05 37.48
N ALA G 505 37.81 -9.26 37.07
CA ALA G 505 37.21 -10.60 37.17
C ALA G 505 37.76 -11.54 36.11
N LEU G 506 38.14 -11.03 34.95
CA LEU G 506 38.63 -11.86 33.86
C LEU G 506 40.09 -12.22 34.13
N LYS G 507 40.32 -13.47 34.51
CA LYS G 507 41.66 -13.99 34.76
C LYS G 507 42.03 -15.14 33.83
N TRP G 508 41.05 -15.94 33.41
CA TRP G 508 41.30 -17.04 32.49
C TRP G 508 41.57 -16.50 31.10
N PRO G 509 42.26 -17.29 30.25
CA PRO G 509 42.48 -16.87 28.86
C PRO G 509 41.17 -16.68 28.10
N ILE G 510 41.17 -15.70 27.20
CA ILE G 510 39.95 -15.21 26.57
C ILE G 510 40.04 -15.47 25.07
N GLU G 511 39.05 -16.19 24.55
CA GLU G 511 38.89 -16.45 23.12
C GLU G 511 38.05 -15.32 22.54
N TYR G 512 37.44 -15.53 21.36
CA TYR G 512 36.54 -14.57 20.72
C TYR G 512 35.49 -14.05 21.70
N MET G 513 35.25 -12.74 21.65
CA MET G 513 34.46 -12.04 22.65
C MET G 513 33.43 -11.18 21.96
N PHE G 514 32.20 -11.19 22.48
CA PHE G 514 31.13 -10.33 21.99
C PHE G 514 30.87 -9.24 23.02
N ILE G 515 30.81 -7.99 22.55
CA ILE G 515 30.50 -6.87 23.43
C ILE G 515 29.37 -6.06 22.79
N GLY G 516 28.41 -5.66 23.62
CA GLY G 516 27.31 -4.85 23.16
C GLY G 516 27.07 -3.68 24.10
N LEU G 517 27.00 -2.47 23.55
CA LEU G 517 26.81 -1.27 24.34
C LEU G 517 25.37 -0.81 24.13
N LYS G 518 24.48 -1.29 24.97
CA LYS G 518 23.07 -0.95 24.88
C LYS G 518 22.81 0.36 25.62
N PRO G 519 22.08 1.30 25.03
CA PRO G 519 21.69 2.50 25.78
C PRO G 519 20.82 2.15 26.97
N THR G 520 21.01 2.89 28.07
CA THR G 520 20.20 2.68 29.26
C THR G 520 18.73 3.04 29.01
N TRP G 521 18.48 3.98 28.09
CA TRP G 521 17.12 4.34 27.72
C TRP G 521 16.38 3.20 27.04
N ASN G 522 17.09 2.22 26.48
CA ASN G 522 16.43 1.10 25.82
C ASN G 522 15.63 0.25 26.81
N ILE G 523 16.20 0.00 27.99
CA ILE G 523 15.52 -0.78 29.02
C ILE G 523 14.91 0.11 30.10
N SER G 524 14.92 1.43 29.90
CA SER G 524 14.35 2.34 30.88
C SER G 524 12.83 2.29 30.86
N ASP G 525 12.22 2.52 32.02
CA ASP G 525 10.77 2.51 32.11
C ASP G 525 10.15 3.72 31.42
N GLN G 526 10.89 4.82 31.30
CA GLN G 526 10.36 6.02 30.66
C GLN G 526 10.27 5.88 29.15
N ASN G 527 10.88 4.85 28.56
CA ASN G 527 10.81 4.65 27.13
C ASN G 527 9.44 4.12 26.74
N PRO G 528 8.68 4.81 25.89
CA PRO G 528 7.44 4.21 25.37
C PRO G 528 7.68 2.97 24.53
N HIS G 529 8.80 2.90 23.82
CA HIS G 529 9.18 1.74 23.01
C HIS G 529 10.20 0.87 23.71
N GLN G 530 10.09 0.75 25.03
CA GLN G 530 11.02 -0.08 25.80
C GLN G 530 10.90 -1.55 25.41
N HIS G 531 9.67 -2.05 25.25
CA HIS G 531 9.46 -3.46 24.97
C HIS G 531 9.93 -3.82 23.57
N ARG G 532 9.75 -2.92 22.61
CA ARG G 532 10.18 -3.19 21.24
C ARG G 532 11.67 -3.06 21.06
N ASP G 533 12.30 -2.10 21.76
CA ASP G 533 13.70 -1.76 21.52
C ASP G 533 14.62 -2.17 22.66
N TRP G 534 14.24 -3.15 23.48
CA TRP G 534 15.12 -3.57 24.57
C TRP G 534 16.32 -4.36 24.05
N HIS G 535 16.11 -5.17 23.02
CA HIS G 535 17.15 -6.07 22.51
C HIS G 535 17.92 -5.43 21.37
N LYS G 536 18.35 -4.19 21.56
CA LYS G 536 18.99 -3.42 20.49
C LYS G 536 20.12 -2.62 21.10
N PHE G 537 21.35 -2.92 20.67
CA PHE G 537 22.55 -2.29 21.22
C PHE G 537 22.91 -1.00 20.50
N GLY G 538 21.95 -0.37 19.81
CA GLY G 538 22.20 0.90 19.16
C GLY G 538 21.15 1.90 19.56
N HIS G 539 21.38 3.15 19.15
CA HIS G 539 20.43 4.22 19.43
C HIS G 539 19.21 4.06 18.54
N VAL G 540 18.05 3.85 19.14
CA VAL G 540 16.84 3.53 18.40
C VAL G 540 16.07 4.81 18.08
N VAL G 541 15.69 4.96 16.82
CA VAL G 541 14.81 6.03 16.37
C VAL G 541 13.68 5.38 15.56
N ASN G 542 12.67 6.20 15.25
CA ASN G 542 11.47 5.70 14.56
C ASN G 542 11.25 6.51 13.30
N ALA G 543 11.21 5.83 12.16
CA ALA G 543 10.80 6.46 10.90
C ALA G 543 9.35 6.09 10.63
N ILE G 544 8.53 7.08 10.30
CA ILE G 544 7.09 6.91 10.29
C ILE G 544 6.58 7.10 8.87
N MET G 545 6.01 6.03 8.30
CA MET G 545 5.05 6.18 7.22
C MET G 545 3.74 6.71 7.78
N GLN G 546 3.20 7.72 7.11
CA GLN G 546 1.84 8.20 7.32
C GLN G 546 1.17 8.17 5.96
N PRO G 547 0.85 6.97 5.44
CA PRO G 547 0.40 6.88 4.05
C PRO G 547 -1.03 7.35 3.86
N THR G 548 -1.18 8.54 3.27
CA THR G 548 -2.50 9.11 3.04
C THR G 548 -3.12 8.52 1.78
N HIS G 549 -4.44 8.65 1.67
CA HIS G 549 -5.20 8.23 0.49
C HIS G 549 -5.67 9.49 -0.21
N HIS G 550 -4.81 10.05 -1.05
CA HIS G 550 -5.11 11.32 -1.70
C HIS G 550 -6.06 11.10 -2.87
N ALA G 551 -7.07 11.96 -2.98
CA ALA G 551 -8.03 11.89 -4.07
C ALA G 551 -8.59 13.28 -4.33
N GLU G 552 -8.52 13.72 -5.58
CA GLU G 552 -8.90 15.07 -5.98
C GLU G 552 -10.11 15.00 -6.89
N ILE G 553 -11.16 15.74 -6.51
CA ILE G 553 -12.46 15.67 -7.17
C ILE G 553 -12.86 17.07 -7.62
N SER G 554 -13.37 17.18 -8.85
CA SER G 554 -13.88 18.43 -9.39
C SER G 554 -15.37 18.31 -9.64
N PHE G 555 -16.13 19.36 -9.32
CA PHE G 555 -17.58 19.33 -9.42
C PHE G 555 -18.11 20.06 -10.64
N GLN G 556 -17.43 21.12 -11.08
CA GLN G 556 -18.06 22.14 -11.90
C GLN G 556 -18.28 21.69 -13.34
N ASP G 557 -17.34 20.90 -13.89
CA ASP G 557 -17.21 20.50 -15.29
C ASP G 557 -16.93 21.70 -16.21
N ARG G 558 -16.59 22.87 -15.66
CA ARG G 558 -16.22 24.04 -16.45
C ARG G 558 -14.84 24.56 -16.14
N ASP G 559 -14.49 24.73 -14.86
CA ASP G 559 -13.18 25.27 -14.50
C ASP G 559 -12.09 24.22 -14.65
N THR G 560 -12.24 23.09 -13.96
CA THR G 560 -11.57 21.82 -14.19
C THR G 560 -10.05 21.85 -14.38
N ALA G 561 -9.37 22.82 -13.77
CA ALA G 561 -7.91 22.84 -13.83
C ALA G 561 -7.29 22.63 -12.45
N LEU G 562 -7.62 23.48 -11.51
CA LEU G 562 -7.37 23.19 -10.12
C LEU G 562 -8.56 22.42 -9.55
N PRO G 563 -8.35 21.35 -8.81
CA PRO G 563 -9.48 20.54 -8.35
C PRO G 563 -10.35 21.32 -7.37
N ASP G 564 -11.64 21.00 -7.38
CA ASP G 564 -12.56 21.71 -6.51
C ASP G 564 -12.59 21.13 -5.10
N ALA G 565 -12.02 19.94 -4.90
CA ALA G 565 -11.91 19.36 -3.56
C ALA G 565 -10.78 18.35 -3.57
N CYS G 566 -10.28 18.05 -2.36
CA CYS G 566 -9.24 17.06 -2.19
C CYS G 566 -9.57 16.24 -0.95
N SER G 567 -8.68 15.30 -0.62
CA SER G 567 -8.87 14.43 0.54
C SER G 567 -7.50 13.87 0.91
N SER G 568 -7.26 13.72 2.21
CA SER G 568 -5.96 13.28 2.71
C SER G 568 -6.15 12.26 3.84
N ILE G 569 -6.99 11.25 3.61
CA ILE G 569 -7.31 10.26 4.63
C ILE G 569 -6.08 9.44 4.99
N SER G 570 -5.59 9.61 6.21
CA SER G 570 -4.47 8.84 6.71
C SER G 570 -4.94 7.55 7.35
N ASP G 571 -4.02 6.59 7.45
CA ASP G 571 -4.29 5.38 8.20
C ASP G 571 -4.27 5.68 9.70
N ILE G 572 -4.96 4.84 10.46
CA ILE G 572 -5.07 5.07 11.90
C ILE G 572 -3.73 4.82 12.58
N SER G 573 -3.08 3.71 12.24
CA SER G 573 -1.80 3.36 12.85
C SER G 573 -0.67 3.67 11.87
N PRO G 574 0.16 4.67 12.14
CA PRO G 574 1.30 4.93 11.25
C PRO G 574 2.35 3.84 11.38
N VAL G 575 3.12 3.65 10.31
CA VAL G 575 4.08 2.56 10.24
C VAL G 575 5.40 3.04 10.82
N THR G 576 5.87 2.38 11.89
CA THR G 576 7.05 2.81 12.61
C THR G 576 8.19 1.82 12.39
N TYR G 577 9.13 2.18 11.52
CA TYR G 577 10.36 1.41 11.39
C TYR G 577 11.30 1.77 12.53
N PRO G 578 11.77 0.80 13.31
CA PRO G 578 12.80 1.09 14.32
C PRO G 578 14.21 0.97 13.75
N ILE G 579 14.97 2.06 13.79
CA ILE G 579 16.31 2.10 13.23
C ILE G 579 17.31 2.16 14.36
N THR G 580 18.33 1.30 14.29
CA THR G 580 19.42 1.27 15.25
C THR G 580 20.61 2.02 14.65
N LEU G 581 20.69 3.31 14.95
CA LEU G 581 21.89 4.07 14.64
C LEU G 581 23.05 3.56 15.49
N PRO G 582 24.29 3.64 14.99
CA PRO G 582 25.43 3.11 15.73
C PRO G 582 25.66 3.85 17.05
N ILE G 583 26.18 3.11 18.02
CA ILE G 583 26.32 3.62 19.38
C ILE G 583 27.76 4.04 19.69
N ILE G 584 28.74 3.52 18.97
CA ILE G 584 30.15 3.72 19.26
C ILE G 584 30.83 4.24 17.99
N LYS G 585 31.71 5.23 18.15
CA LYS G 585 32.52 5.68 17.02
C LYS G 585 33.83 4.90 16.90
N ASN G 586 34.68 4.94 17.93
CA ASN G 586 35.95 4.21 17.93
C ASN G 586 36.00 3.36 19.20
N ILE G 587 35.83 2.04 19.03
CA ILE G 587 36.03 1.12 20.15
C ILE G 587 37.51 0.82 20.31
N SER G 588 37.92 0.55 21.56
CA SER G 588 39.32 0.24 21.84
C SER G 588 39.39 -0.67 23.06
N VAL G 589 40.26 -1.67 22.98
CA VAL G 589 40.53 -2.60 24.07
C VAL G 589 42.04 -2.64 24.26
N THR G 590 42.53 -2.04 25.34
CA THR G 590 43.96 -1.95 25.60
C THR G 590 44.36 -3.01 26.62
N ALA G 591 45.46 -3.71 26.34
CA ALA G 591 45.92 -4.81 27.18
C ALA G 591 46.77 -4.24 28.33
N HIS G 592 47.47 -5.13 29.03
CA HIS G 592 48.28 -4.71 30.17
C HIS G 592 49.51 -3.93 29.72
N GLY G 593 50.22 -4.44 28.72
CA GLY G 593 51.45 -3.80 28.27
C GLY G 593 51.44 -3.33 26.84
N ILE G 594 50.66 -3.99 25.99
CA ILE G 594 50.62 -3.66 24.57
C ILE G 594 49.34 -2.88 24.28
N ASN G 595 49.30 -2.27 23.09
CA ASN G 595 48.17 -1.43 22.72
C ASN G 595 46.90 -2.26 22.47
N LEU G 596 47.07 -3.44 21.84
CA LEU G 596 45.99 -4.36 21.49
C LEU G 596 45.00 -3.64 20.58
N ILE G 597 43.72 -3.53 20.94
CA ILE G 597 42.74 -2.85 20.09
C ILE G 597 42.75 -1.37 20.44
N ASP G 598 43.05 -0.54 19.45
CA ASP G 598 43.20 0.90 19.68
C ASP G 598 42.40 1.67 18.62
N LYS G 599 41.27 2.23 19.04
CA LYS G 599 40.46 3.16 18.24
C LYS G 599 39.99 2.54 16.93
N PHE G 600 39.66 1.26 16.95
CA PHE G 600 39.03 0.64 15.79
C PHE G 600 37.60 1.14 15.65
N PRO G 601 37.15 1.44 14.43
CA PRO G 601 35.77 1.88 14.24
C PRO G 601 34.78 0.75 14.53
N SER G 602 33.55 1.15 14.88
CA SER G 602 32.55 0.16 15.25
C SER G 602 32.10 -0.67 14.07
N LYS G 603 32.17 -0.11 12.86
CA LYS G 603 31.82 -0.89 11.68
C LYS G 603 32.86 -1.96 11.39
N PHE G 604 34.11 -1.74 11.80
CA PHE G 604 35.14 -2.75 11.66
C PHE G 604 34.89 -3.93 12.59
N CYS G 605 34.59 -3.64 13.86
CA CYS G 605 34.43 -4.68 14.87
C CYS G 605 33.03 -5.27 14.91
N SER G 606 32.07 -4.66 14.23
CA SER G 606 30.69 -5.12 14.22
C SER G 606 30.30 -5.84 12.94
N SER G 607 30.95 -5.53 11.83
CA SER G 607 30.61 -6.11 10.54
C SER G 607 31.72 -6.97 9.97
N TYR G 608 32.96 -6.47 9.94
CA TYR G 608 34.03 -7.23 9.28
C TYR G 608 34.46 -8.44 10.11
N ILE G 609 34.64 -8.26 11.42
CA ILE G 609 35.12 -9.36 12.26
C ILE G 609 34.13 -10.52 12.34
N PRO G 610 32.81 -10.30 12.50
CA PRO G 610 31.88 -11.44 12.31
C PRO G 610 31.89 -12.01 10.90
N PHE G 611 32.20 -11.20 9.88
CA PHE G 611 32.17 -11.68 8.51
C PHE G 611 33.34 -12.60 8.22
N HIS G 612 34.54 -12.27 8.72
CA HIS G 612 35.72 -13.05 8.40
C HIS G 612 36.04 -14.10 9.46
N TYR G 613 35.84 -13.79 10.73
CA TYR G 613 36.17 -14.67 11.83
C TYR G 613 34.92 -15.29 12.41
N GLY G 614 34.95 -16.61 12.63
CA GLY G 614 33.87 -17.35 13.27
C GLY G 614 33.36 -18.51 12.45
N GLY G 615 33.42 -18.41 11.12
CA GLY G 615 32.88 -19.46 10.28
C GLY G 615 31.36 -19.42 10.23
N ASN G 616 30.77 -20.59 9.97
CA ASN G 616 29.33 -20.67 9.78
C ASN G 616 28.56 -20.46 11.08
N ALA G 617 29.20 -20.71 12.22
CA ALA G 617 28.49 -20.61 13.50
C ALA G 617 28.24 -19.16 13.88
N ILE G 618 29.19 -18.27 13.62
CA ILE G 618 29.11 -16.88 14.05
C ILE G 618 28.55 -16.07 12.88
N LYS G 619 27.26 -15.72 12.96
CA LYS G 619 26.66 -14.85 11.98
C LYS G 619 26.93 -13.39 12.32
N THR G 620 26.69 -12.52 11.35
CA THR G 620 26.82 -11.09 11.60
C THR G 620 25.49 -10.52 12.08
N PRO G 621 25.46 -9.87 13.25
CA PRO G 621 24.20 -9.30 13.73
C PRO G 621 23.75 -8.12 12.89
N ASP G 622 22.43 -7.96 12.78
CA ASP G 622 21.88 -6.80 12.10
C ASP G 622 22.11 -5.53 12.90
N ASP G 623 22.26 -5.64 14.22
CA ASP G 623 22.47 -4.49 15.09
C ASP G 623 23.92 -4.01 14.98
N PRO G 624 24.15 -2.77 14.56
CA PRO G 624 25.53 -2.28 14.45
C PRO G 624 26.18 -2.00 15.79
N GLY G 625 25.39 -1.77 16.83
CA GLY G 625 25.97 -1.56 18.16
C GLY G 625 26.64 -2.79 18.71
N ALA G 626 26.03 -3.96 18.49
CA ALA G 626 26.67 -5.21 18.90
C ALA G 626 27.88 -5.48 18.03
N MET G 627 29.01 -5.80 18.67
CA MET G 627 30.24 -6.01 17.95
C MET G 627 31.03 -7.11 18.64
N MET G 628 32.13 -7.52 18.00
CA MET G 628 32.95 -8.58 18.57
C MET G 628 34.43 -8.25 18.38
N ILE G 629 35.21 -8.70 19.35
CA ILE G 629 36.67 -8.60 19.33
C ILE G 629 37.22 -10.02 19.31
N THR G 630 38.07 -10.31 18.32
CA THR G 630 38.61 -11.65 18.16
C THR G 630 39.99 -11.77 18.79
N PHE G 631 40.32 -12.98 19.20
CA PHE G 631 41.63 -13.29 19.78
C PHE G 631 42.28 -14.53 19.20
N ALA G 632 41.57 -15.32 18.39
CA ALA G 632 42.11 -16.54 17.81
C ALA G 632 41.77 -16.60 16.33
N LEU G 633 42.60 -17.33 15.58
CA LEU G 633 42.35 -17.49 14.16
C LEU G 633 41.15 -18.38 13.88
N LYS G 634 40.93 -19.41 14.72
CA LYS G 634 39.87 -20.40 14.52
C LYS G 634 38.95 -20.38 15.73
N PRO G 635 37.90 -19.54 15.71
CA PRO G 635 36.98 -19.48 16.85
C PRO G 635 36.16 -20.75 17.03
N ARG G 636 35.50 -21.19 15.96
CA ARG G 636 34.67 -22.38 16.00
C ARG G 636 35.06 -23.40 14.92
N GLU G 637 36.07 -23.08 14.10
CA GLU G 637 36.48 -23.97 13.01
C GLU G 637 37.08 -25.27 13.54
N GLU G 638 37.63 -25.26 14.76
CA GLU G 638 38.19 -26.46 15.36
C GLU G 638 38.11 -26.34 16.87
N TYR G 639 38.19 -27.50 17.54
CA TYR G 639 38.16 -27.56 19.00
C TYR G 639 39.60 -27.66 19.49
N GLN G 640 40.29 -26.52 19.45
CA GLN G 640 41.69 -26.38 19.88
C GLN G 640 42.01 -24.91 20.05
N PRO G 641 42.66 -24.51 21.16
CA PRO G 641 43.00 -23.10 21.35
C PRO G 641 44.08 -22.61 20.39
N SER G 642 43.70 -21.68 19.51
CA SER G 642 44.61 -21.12 18.51
C SER G 642 45.03 -19.70 18.84
N GLY G 643 44.82 -19.25 20.07
CA GLY G 643 45.19 -17.91 20.48
C GLY G 643 44.29 -17.35 21.56
N HIS G 644 44.90 -16.75 22.58
CA HIS G 644 44.16 -16.20 23.71
C HIS G 644 45.04 -15.17 24.39
N ILE G 645 44.63 -14.74 25.58
CA ILE G 645 45.39 -13.76 26.36
C ILE G 645 46.19 -14.46 27.45
N PHE G 653 43.71 -5.33 30.20
CA PHE G 653 42.39 -5.54 29.63
C PHE G 653 41.45 -4.40 30.01
N TYR G 654 41.25 -3.47 29.09
CA TYR G 654 40.40 -2.30 29.30
C TYR G 654 39.32 -2.27 28.23
N ILE G 655 38.31 -1.44 28.46
CA ILE G 655 37.26 -1.19 27.48
C ILE G 655 37.09 0.31 27.36
N SER G 656 37.20 0.85 26.14
CA SER G 656 37.05 2.28 25.94
C SER G 656 36.44 2.54 24.57
N TRP G 657 35.49 3.48 24.53
CA TRP G 657 34.86 3.90 23.29
C TRP G 657 34.82 5.43 23.25
N ASP G 658 35.04 5.99 22.08
CA ASP G 658 34.97 7.43 21.87
C ASP G 658 33.63 7.81 21.24
N THR G 659 32.56 7.55 21.98
CA THR G 659 31.22 7.76 21.46
C THR G 659 30.85 9.24 21.46
N ASP G 660 29.68 9.54 20.89
CA ASP G 660 29.16 10.89 20.82
C ASP G 660 27.74 11.01 21.37
N TYR G 661 27.21 9.95 21.98
CA TYR G 661 25.86 9.98 22.54
C TYR G 661 25.87 10.13 24.05
N VAL G 662 26.80 9.47 24.73
CA VAL G 662 26.78 9.40 26.19
C VAL G 662 27.19 10.75 26.78
N GLY G 663 26.35 11.29 27.66
CA GLY G 663 26.63 12.56 28.29
C GLY G 663 26.19 12.60 29.75
N SER G 664 25.76 13.77 30.21
CA SER G 664 25.29 13.90 31.59
C SER G 664 23.95 13.23 31.79
N ILE G 665 23.00 13.45 30.87
CA ILE G 665 21.68 12.84 30.97
C ILE G 665 21.56 11.55 30.18
N THR G 666 22.47 11.28 29.26
CA THR G 666 22.45 10.07 28.45
C THR G 666 23.60 9.16 28.90
N THR G 667 23.27 7.93 29.27
CA THR G 667 24.24 6.96 29.76
C THR G 667 24.22 5.72 28.86
N ALA G 668 24.97 4.70 29.26
CA ALA G 668 25.09 3.49 28.46
C ALA G 668 25.38 2.31 29.36
N ASP G 669 25.21 1.11 28.80
CA ASP G 669 25.35 -0.14 29.55
C ASP G 669 26.11 -1.14 28.69
N LEU G 670 27.30 -1.51 29.12
CA LEU G 670 28.14 -2.49 28.43
C LEU G 670 27.83 -3.89 28.95
N VAL G 671 27.59 -4.82 28.02
CA VAL G 671 27.42 -6.22 28.35
C VAL G 671 28.37 -7.04 27.48
N VAL G 672 28.95 -8.09 28.07
CA VAL G 672 30.01 -8.86 27.42
C VAL G 672 29.64 -10.35 27.45
N SER G 673 30.32 -11.09 26.58
CA SER G 673 30.23 -12.55 26.54
C SER G 673 31.52 -13.06 25.93
N ALA G 674 32.42 -13.59 26.75
CA ALA G 674 33.72 -14.07 26.30
C ALA G 674 33.80 -15.58 26.46
N SER G 675 34.26 -16.27 25.42
CA SER G 675 34.34 -17.72 25.42
C SER G 675 35.64 -18.19 26.08
N ALA G 676 35.75 -17.92 27.38
CA ALA G 676 36.96 -18.23 28.12
C ALA G 676 37.09 -19.73 28.33
N ILE G 677 38.28 -20.14 28.77
CA ILE G 677 38.64 -21.55 28.93
C ILE G 677 38.92 -21.81 30.40
N ASN G 678 38.31 -22.85 30.95
CA ASN G 678 38.48 -23.23 32.35
C ASN G 678 38.89 -24.69 32.44
N PHE G 679 39.39 -25.08 33.61
CA PHE G 679 39.80 -26.45 33.89
C PHE G 679 38.91 -27.04 34.96
N LEU G 680 38.40 -28.24 34.71
CA LEU G 680 37.52 -28.95 35.64
C LEU G 680 38.11 -30.31 35.96
N LEU G 681 38.14 -30.65 37.25
CA LEU G 681 38.65 -31.93 37.69
C LEU G 681 37.83 -32.48 38.84
N GLU H 1 -6.10 26.83 -44.72
CA GLU H 1 -7.06 25.79 -45.07
C GLU H 1 -8.28 25.84 -44.15
N VAL H 2 -8.03 25.81 -42.85
CA VAL H 2 -9.11 25.83 -41.87
C VAL H 2 -9.69 27.24 -41.77
N LYS H 3 -11.02 27.34 -41.85
CA LYS H 3 -11.70 28.63 -41.86
C LYS H 3 -12.95 28.56 -41.00
N LEU H 4 -13.30 29.71 -40.43
CA LEU H 4 -14.53 29.91 -39.65
C LEU H 4 -15.27 31.14 -40.15
N VAL H 5 -15.49 31.22 -41.46
CA VAL H 5 -16.18 32.37 -42.04
C VAL H 5 -17.65 32.34 -41.63
N GLU H 6 -18.21 33.51 -41.34
CA GLU H 6 -19.59 33.63 -40.91
C GLU H 6 -20.26 34.80 -41.63
N SER H 7 -21.60 34.79 -41.60
CA SER H 7 -22.39 35.83 -42.26
C SER H 7 -23.72 35.95 -41.51
N GLY H 8 -24.64 36.70 -42.10
CA GLY H 8 -25.97 36.84 -41.54
C GLY H 8 -26.18 38.06 -40.68
N GLY H 9 -25.29 39.04 -40.71
CA GLY H 9 -25.41 40.24 -39.90
C GLY H 9 -25.46 41.49 -40.75
N GLY H 10 -26.20 42.49 -40.29
CA GLY H 10 -26.32 43.74 -40.99
C GLY H 10 -26.89 44.82 -40.11
N LEU H 11 -27.33 45.90 -40.75
CA LEU H 11 -27.92 47.02 -40.05
C LEU H 11 -29.36 46.70 -39.68
N VAL H 12 -29.71 46.86 -38.41
CA VAL H 12 -31.04 46.52 -37.91
C VAL H 12 -31.52 47.64 -37.00
N GLN H 13 -32.85 47.76 -36.89
CA GLN H 13 -33.43 48.63 -35.88
C GLN H 13 -33.25 48.00 -34.50
N PRO H 14 -33.21 48.81 -33.44
CA PRO H 14 -33.11 48.26 -32.08
C PRO H 14 -34.34 47.46 -31.70
N GLY H 15 -34.15 46.49 -30.81
CA GLY H 15 -35.21 45.56 -30.48
C GLY H 15 -35.56 44.62 -31.60
N GLY H 16 -34.56 44.12 -32.32
CA GLY H 16 -34.79 43.17 -33.38
C GLY H 16 -34.07 41.86 -33.18
N SER H 17 -34.23 40.93 -34.12
CA SER H 17 -33.63 39.61 -34.02
C SER H 17 -32.76 39.34 -35.24
N LEU H 18 -31.60 38.72 -35.00
CA LEU H 18 -30.69 38.37 -36.08
C LEU H 18 -30.23 36.93 -35.91
N ARG H 19 -29.87 36.30 -37.04
CA ARG H 19 -29.44 34.92 -37.09
C ARG H 19 -28.05 34.89 -37.71
N LEU H 20 -27.02 34.77 -36.88
CA LEU H 20 -25.65 34.67 -37.38
C LEU H 20 -25.30 33.20 -37.58
N SER H 21 -25.02 32.84 -38.83
CA SER H 21 -24.62 31.48 -39.19
C SER H 21 -23.13 31.45 -39.45
N CYS H 22 -22.42 30.56 -38.76
CA CYS H 22 -20.99 30.39 -38.93
C CYS H 22 -20.73 28.98 -39.46
N VAL H 23 -20.05 28.90 -40.60
CA VAL H 23 -19.75 27.64 -41.25
C VAL H 23 -18.27 27.33 -41.05
N GLY H 24 -17.94 26.05 -41.00
CA GLY H 24 -16.57 25.61 -40.83
C GLY H 24 -16.20 24.60 -41.91
N SER H 25 -14.93 24.62 -42.31
CA SER H 25 -14.45 23.76 -43.39
C SER H 25 -13.14 23.09 -43.00
N GLY H 26 -13.09 21.77 -43.15
CA GLY H 26 -11.84 21.05 -43.09
C GLY H 26 -11.20 20.91 -41.73
N PHE H 27 -11.97 20.99 -40.64
CA PHE H 27 -11.37 20.85 -39.32
C PHE H 27 -12.27 20.04 -38.37
N THR H 28 -13.09 19.14 -38.92
CA THR H 28 -14.04 18.26 -38.23
C THR H 28 -14.85 19.02 -37.16
N PHE H 29 -15.72 19.91 -37.64
CA PHE H 29 -16.46 20.87 -36.81
C PHE H 29 -17.25 20.21 -35.70
N SER H 30 -17.71 18.97 -35.89
CA SER H 30 -18.46 18.27 -34.86
C SER H 30 -17.60 17.89 -33.66
N SER H 31 -16.28 17.88 -33.80
CA SER H 31 -15.38 17.48 -32.72
C SER H 31 -14.79 18.64 -31.95
N TYR H 32 -15.21 19.88 -32.22
CA TYR H 32 -14.62 21.05 -31.60
C TYR H 32 -15.72 21.99 -31.11
N GLU H 33 -15.54 22.53 -29.90
CA GLU H 33 -16.45 23.54 -29.39
C GLU H 33 -16.29 24.84 -30.17
N ILE H 34 -17.36 25.62 -30.22
CA ILE H 34 -17.33 26.91 -30.89
C ILE H 34 -18.03 27.95 -30.02
N ASN H 35 -17.38 29.11 -29.87
CA ASN H 35 -17.86 30.21 -29.07
C ASN H 35 -18.18 31.39 -29.97
N TRP H 36 -18.94 32.34 -29.44
CA TRP H 36 -19.20 33.61 -30.10
C TRP H 36 -18.68 34.72 -29.19
N VAL H 37 -17.85 35.60 -29.74
CA VAL H 37 -17.14 36.63 -29.01
C VAL H 37 -17.41 37.97 -29.66
N ARG H 38 -17.76 38.98 -28.85
CA ARG H 38 -18.07 40.32 -29.31
C ARG H 38 -16.85 41.23 -29.13
N GLN H 39 -16.57 42.04 -30.16
CA GLN H 39 -15.57 43.09 -30.06
C GLN H 39 -16.22 44.42 -30.38
N ALA H 40 -16.32 45.28 -29.37
CA ALA H 40 -16.79 46.64 -29.56
C ALA H 40 -15.75 47.41 -30.39
N PRO H 41 -16.18 48.47 -31.09
CA PRO H 41 -15.22 49.26 -31.89
C PRO H 41 -14.10 49.90 -31.07
N GLY H 42 -14.35 50.25 -29.82
CA GLY H 42 -13.31 50.83 -29.01
C GLY H 42 -13.30 50.43 -27.55
N LYS H 43 -14.17 49.49 -27.17
CA LYS H 43 -14.29 49.06 -25.78
C LYS H 43 -13.75 47.65 -25.55
N GLY H 44 -12.98 47.12 -26.49
CA GLY H 44 -12.31 45.84 -26.27
C GLY H 44 -13.20 44.64 -26.51
N LEU H 45 -12.60 43.47 -26.33
CA LEU H 45 -13.27 42.21 -26.56
C LEU H 45 -14.32 41.94 -25.48
N GLU H 46 -15.23 41.01 -25.80
CA GLU H 46 -16.24 40.57 -24.85
C GLU H 46 -16.75 39.20 -25.29
N TRP H 47 -16.71 38.23 -24.39
CA TRP H 47 -17.12 36.87 -24.69
C TRP H 47 -18.63 36.74 -24.49
N LEU H 48 -19.34 36.30 -25.53
CA LEU H 48 -20.80 36.22 -25.49
C LEU H 48 -21.31 34.83 -25.14
N ALA H 49 -20.99 33.82 -25.96
CA ALA H 49 -21.72 32.57 -25.86
C ALA H 49 -20.83 31.38 -26.21
N VAL H 50 -21.28 30.21 -25.79
CA VAL H 50 -20.60 28.93 -26.05
C VAL H 50 -21.66 27.94 -26.54
N VAL H 51 -21.31 27.10 -27.51
CA VAL H 51 -22.05 25.86 -27.71
C VAL H 51 -21.05 24.71 -27.77
N SER H 52 -21.39 23.60 -27.12
CA SER H 52 -20.44 22.54 -26.86
C SER H 52 -20.27 21.64 -28.08
N LYS H 53 -19.59 20.51 -27.88
CA LYS H 53 -19.26 19.62 -28.99
C LYS H 53 -20.49 18.94 -29.56
N ILE H 54 -21.32 18.35 -28.68
CA ILE H 54 -22.52 17.66 -29.14
C ILE H 54 -23.56 18.64 -29.66
N GLY H 55 -23.76 19.73 -28.93
CA GLY H 55 -24.77 20.71 -29.29
C GLY H 55 -25.54 21.21 -28.09
N ASP H 56 -25.56 20.40 -27.03
CA ASP H 56 -26.23 20.77 -25.79
C ASP H 56 -25.23 21.40 -24.83
N ARG H 57 -25.64 21.55 -23.57
CA ARG H 57 -24.83 22.11 -22.47
C ARG H 57 -24.31 23.50 -22.83
N THR H 58 -25.25 24.41 -23.06
CA THR H 58 -24.93 25.79 -23.41
C THR H 58 -24.94 26.67 -22.15
N TYR H 59 -23.95 27.55 -22.07
CA TYR H 59 -23.85 28.56 -21.02
C TYR H 59 -23.44 29.87 -21.67
N TYR H 60 -24.05 30.96 -21.23
CA TYR H 60 -23.85 32.28 -21.82
C TYR H 60 -23.07 33.17 -20.85
N ALA H 61 -22.95 34.44 -21.21
CA ALA H 61 -22.34 35.43 -20.34
C ALA H 61 -23.39 36.08 -19.45
N ASP H 62 -22.93 36.75 -18.40
CA ASP H 62 -23.85 37.34 -17.44
C ASP H 62 -24.61 38.52 -18.04
N SER H 63 -23.94 39.30 -18.89
CA SER H 63 -24.57 40.49 -19.47
C SER H 63 -25.59 40.15 -20.54
N VAL H 64 -25.48 38.99 -21.18
CA VAL H 64 -26.35 38.64 -22.30
C VAL H 64 -27.02 37.30 -22.07
N ARG H 65 -27.26 36.95 -20.81
CA ARG H 65 -27.92 35.69 -20.49
C ARG H 65 -29.41 35.79 -20.81
N GLY H 66 -29.88 34.88 -21.67
CA GLY H 66 -31.27 34.89 -22.08
C GLY H 66 -31.53 35.73 -23.32
N ARG H 67 -30.78 36.84 -23.45
CA ARG H 67 -30.91 37.69 -24.63
C ARG H 67 -30.41 36.99 -25.88
N LEU H 68 -29.32 36.23 -25.75
CA LEU H 68 -28.72 35.52 -26.87
C LEU H 68 -29.02 34.03 -26.73
N THR H 69 -29.49 33.40 -27.80
CA THR H 69 -29.70 31.95 -27.78
C THR H 69 -28.87 31.30 -28.88
N ILE H 70 -28.01 30.37 -28.50
CA ILE H 70 -27.09 29.74 -29.44
C ILE H 70 -27.65 28.38 -29.84
N SER H 71 -27.19 27.89 -30.99
CA SER H 71 -27.60 26.59 -31.50
C SER H 71 -26.49 26.06 -32.41
N ARG H 72 -26.54 24.76 -32.67
CA ARG H 72 -25.48 24.12 -33.44
C ARG H 72 -26.05 22.94 -34.23
N ASP H 73 -25.63 22.83 -35.49
CA ASP H 73 -25.96 21.69 -36.33
C ASP H 73 -24.66 21.14 -36.91
N ASN H 74 -24.28 19.94 -36.47
CA ASN H 74 -23.05 19.31 -36.93
C ASN H 74 -23.18 18.63 -38.29
N SER H 75 -24.41 18.47 -38.78
CA SER H 75 -24.60 17.80 -40.07
C SER H 75 -24.07 18.64 -41.22
N GLN H 76 -24.35 19.94 -41.21
CA GLN H 76 -23.87 20.86 -42.23
C GLN H 76 -22.77 21.79 -41.71
N ASN H 77 -22.25 21.51 -40.51
CA ASN H 77 -21.13 22.24 -39.89
C ASN H 77 -21.47 23.73 -39.73
N THR H 78 -22.51 24.00 -38.95
CA THR H 78 -23.00 25.36 -38.75
C THR H 78 -23.26 25.62 -37.28
N ALA H 79 -22.87 26.81 -36.82
CA ALA H 79 -23.23 27.30 -35.50
C ALA H 79 -24.04 28.58 -35.67
N TYR H 80 -25.22 28.63 -35.05
CA TYR H 80 -26.11 29.78 -35.17
C TYR H 80 -26.18 30.53 -33.85
N LEU H 81 -26.22 31.86 -33.95
CA LEU H 81 -26.44 32.73 -32.80
C LEU H 81 -27.68 33.57 -33.09
N GLN H 82 -28.65 33.53 -32.17
CA GLN H 82 -29.87 34.30 -32.28
C GLN H 82 -29.79 35.50 -31.34
N MET H 83 -29.81 36.69 -31.94
CA MET H 83 -29.95 37.96 -31.22
C MET H 83 -31.44 38.25 -31.16
N ASN H 84 -32.09 37.87 -30.05
CA ASN H 84 -33.54 38.03 -29.95
C ASN H 84 -33.93 39.49 -29.76
N SER H 85 -33.23 40.21 -28.89
CA SER H 85 -33.49 41.62 -28.66
C SER H 85 -32.17 42.36 -28.58
N LEU H 86 -32.12 43.57 -29.14
CA LEU H 86 -30.88 44.33 -29.25
C LEU H 86 -31.10 45.76 -28.80
N ARG H 87 -30.25 46.23 -27.90
CA ARG H 87 -30.15 47.64 -27.55
C ARG H 87 -29.10 48.30 -28.44
N THR H 88 -28.86 49.59 -28.21
CA THR H 88 -27.84 50.31 -28.96
C THR H 88 -26.43 49.92 -28.53
N GLU H 89 -26.28 49.27 -27.38
CA GLU H 89 -24.97 48.83 -26.90
C GLU H 89 -24.39 47.71 -27.75
N ASP H 90 -25.23 46.93 -28.44
CA ASP H 90 -24.81 45.69 -29.05
C ASP H 90 -24.22 45.86 -30.45
N THR H 91 -23.91 47.07 -30.88
CA THR H 91 -23.21 47.24 -32.15
C THR H 91 -21.73 46.88 -31.98
N ALA H 92 -21.26 45.89 -32.73
CA ALA H 92 -19.94 45.31 -32.53
C ALA H 92 -19.63 44.37 -33.69
N ARG H 93 -18.39 43.90 -33.72
CA ARG H 93 -17.98 42.83 -34.63
C ARG H 93 -18.01 41.51 -33.88
N TYR H 94 -18.80 40.56 -34.38
CA TYR H 94 -18.97 39.27 -33.72
C TYR H 94 -18.14 38.23 -34.44
N TYR H 95 -17.40 37.43 -33.68
CA TYR H 95 -16.53 36.39 -34.20
C TYR H 95 -17.02 35.03 -33.70
N CYS H 96 -17.00 34.04 -34.57
CA CYS H 96 -17.20 32.65 -34.18
C CYS H 96 -15.83 31.97 -34.13
N VAL H 97 -15.49 31.42 -32.97
CA VAL H 97 -14.13 30.99 -32.69
C VAL H 97 -14.15 29.53 -32.26
N ARG H 98 -13.09 28.80 -32.59
CA ARG H 98 -12.93 27.44 -32.12
C ARG H 98 -12.07 27.43 -30.87
N ALA H 99 -12.58 26.81 -29.81
CA ALA H 99 -11.85 26.79 -28.55
C ALA H 99 -12.03 25.44 -27.89
N TRP H 100 -10.92 24.74 -27.67
CA TRP H 100 -10.94 23.46 -26.98
C TRP H 100 -10.43 23.65 -25.55
N CYS H 101 -10.24 22.55 -24.83
CA CYS H 101 -10.00 22.57 -23.40
C CYS H 101 -8.51 22.53 -23.12
N ALA H 102 -7.99 23.53 -22.42
CA ALA H 102 -6.64 23.47 -21.87
C ALA H 102 -6.66 23.50 -20.35
N SER H 103 -7.20 24.56 -19.76
CA SER H 103 -7.48 24.56 -18.32
C SER H 103 -8.97 24.65 -18.06
N THR H 104 -9.64 25.70 -18.53
CA THR H 104 -11.09 25.83 -18.43
C THR H 104 -11.70 25.14 -19.64
N CYS H 105 -12.58 24.17 -19.39
CA CYS H 105 -12.90 23.19 -20.43
C CYS H 105 -13.91 23.71 -21.43
N LEU H 106 -15.14 23.93 -20.99
CA LEU H 106 -16.21 24.25 -21.94
C LEU H 106 -16.29 25.74 -22.32
N PRO H 107 -16.12 26.72 -21.38
CA PRO H 107 -16.06 28.13 -21.84
C PRO H 107 -14.89 28.42 -22.77
N GLY H 108 -13.86 27.59 -22.74
CA GLY H 108 -12.78 27.70 -23.70
C GLY H 108 -11.55 28.41 -23.18
N ASP H 109 -10.39 27.81 -23.42
CA ASP H 109 -9.11 28.38 -23.01
C ASP H 109 -8.22 28.77 -24.17
N ILE H 110 -8.17 27.96 -25.23
CA ILE H 110 -7.38 28.27 -26.40
C ILE H 110 -8.31 28.56 -27.58
N MET H 111 -8.65 29.83 -27.78
CA MET H 111 -9.38 30.23 -28.98
C MET H 111 -8.38 30.24 -30.13
N ASP H 112 -8.26 29.09 -30.79
CA ASP H 112 -7.22 28.82 -31.78
C ASP H 112 -7.28 29.74 -32.98
N LEU H 113 -8.36 29.66 -33.75
CA LEU H 113 -8.53 30.51 -34.92
C LEU H 113 -9.84 31.26 -34.80
N TRP H 114 -9.84 32.52 -35.23
CA TRP H 114 -11.00 33.39 -35.14
C TRP H 114 -11.55 33.61 -36.54
N GLY H 115 -12.87 33.80 -36.62
CA GLY H 115 -13.50 34.11 -37.88
C GLY H 115 -13.16 35.51 -38.32
N PRO H 116 -13.40 35.83 -39.60
CA PRO H 116 -13.14 37.20 -40.07
C PRO H 116 -13.98 38.26 -39.40
N GLY H 117 -15.13 37.89 -38.85
CA GLY H 117 -15.94 38.83 -38.10
C GLY H 117 -17.08 39.40 -38.91
N VAL H 118 -18.27 39.47 -38.32
CA VAL H 118 -19.44 40.04 -38.96
C VAL H 118 -19.87 41.27 -38.15
N GLY H 119 -20.11 42.38 -38.85
CA GLY H 119 -20.40 43.63 -38.17
C GLY H 119 -21.88 43.88 -37.98
N VAL H 120 -22.35 43.80 -36.73
CA VAL H 120 -23.73 44.10 -36.39
C VAL H 120 -23.79 45.56 -35.95
N VAL H 121 -24.51 46.37 -36.70
CA VAL H 121 -24.60 47.82 -36.46
C VAL H 121 -26.07 48.12 -36.18
N VAL H 122 -26.42 48.21 -34.89
CA VAL H 122 -27.77 48.61 -34.51
C VAL H 122 -27.88 50.11 -34.62
N SER H 123 -29.02 50.58 -35.14
CA SER H 123 -29.23 52.01 -35.31
C SER H 123 -30.73 52.30 -35.38
N SER H 124 -31.16 53.36 -34.70
CA SER H 124 -32.55 53.77 -34.77
C SER H 124 -32.90 54.45 -36.09
N LEU H 125 -31.89 54.92 -36.83
CA LEU H 125 -32.13 55.59 -38.10
C LEU H 125 -32.30 54.57 -39.23
N GLN I 1 -17.03 44.19 -11.38
CA GLN I 1 -15.66 43.70 -11.51
C GLN I 1 -15.22 43.66 -12.96
N THR I 2 -14.07 44.28 -13.25
CA THR I 2 -13.55 44.34 -14.60
C THR I 2 -12.02 44.35 -14.56
N VAL I 3 -11.41 44.09 -15.71
CA VAL I 3 -9.97 44.12 -15.86
C VAL I 3 -9.59 45.41 -16.58
N ILE I 4 -8.51 46.04 -16.10
CA ILE I 4 -8.08 47.35 -16.55
C ILE I 4 -6.70 47.23 -17.18
N GLN I 5 -6.53 47.95 -18.29
CA GLN I 5 -5.25 48.12 -18.96
C GLN I 5 -4.95 49.60 -19.15
N GLU I 6 -3.67 49.93 -19.17
CA GLU I 6 -3.22 51.23 -19.63
C GLU I 6 -3.55 51.37 -21.13
N PRO I 7 -3.80 52.59 -21.62
CA PRO I 7 -4.35 52.70 -22.98
C PRO I 7 -3.34 52.49 -24.09
N ALA I 8 -2.09 52.94 -23.93
CA ALA I 8 -1.14 52.80 -25.02
C ALA I 8 0.29 52.82 -24.48
N MET I 9 1.18 52.15 -25.22
CA MET I 9 2.62 52.23 -25.04
C MET I 9 3.29 52.38 -26.40
N SER I 10 4.55 52.83 -26.36
CA SER I 10 5.39 52.93 -27.54
C SER I 10 6.69 52.18 -27.27
N VAL I 11 7.16 51.44 -28.27
CA VAL I 11 8.39 50.66 -28.16
C VAL I 11 9.21 50.86 -29.43
N SER I 12 10.53 50.97 -29.25
CA SER I 12 11.44 51.01 -30.38
C SER I 12 11.59 49.61 -30.97
N PRO I 13 11.83 49.50 -32.28
CA PRO I 13 12.11 48.19 -32.88
C PRO I 13 13.36 47.56 -32.28
N GLY I 14 13.28 46.27 -32.02
CA GLY I 14 14.34 45.55 -31.34
C GLY I 14 14.39 45.77 -29.84
N GLY I 15 13.42 46.47 -29.26
CA GLY I 15 13.41 46.74 -27.85
C GLY I 15 12.45 45.85 -27.08
N THR I 16 12.56 45.91 -25.75
CA THR I 16 11.73 45.11 -24.86
C THR I 16 10.66 45.98 -24.22
N VAL I 17 9.42 45.50 -24.27
CA VAL I 17 8.29 46.22 -23.70
C VAL I 17 7.52 45.27 -22.78
N THR I 18 6.94 45.81 -21.71
CA THR I 18 6.18 45.04 -20.73
C THR I 18 4.79 45.66 -20.62
N LEU I 19 3.79 44.92 -21.09
CA LEU I 19 2.40 45.34 -21.03
C LEU I 19 1.73 44.73 -19.82
N THR I 20 0.92 45.52 -19.12
CA THR I 20 0.30 45.06 -17.88
C THR I 20 -1.21 45.06 -18.01
N CYS I 21 -1.84 44.07 -17.38
CA CYS I 21 -3.28 44.04 -17.18
C CYS I 21 -3.55 43.67 -15.72
N ALA I 22 -4.59 44.25 -15.14
CA ALA I 22 -4.81 44.01 -13.72
C ALA I 22 -6.29 44.06 -13.38
N TRP I 23 -6.68 43.33 -12.34
CA TRP I 23 -8.05 43.43 -11.84
C TRP I 23 -8.30 44.81 -11.27
N SER I 24 -9.56 45.25 -11.36
CA SER I 24 -9.94 46.52 -10.73
C SER I 24 -9.85 46.44 -9.23
N SER I 25 -10.30 45.33 -8.64
CA SER I 25 -10.18 45.09 -7.21
C SER I 25 -9.65 43.68 -7.00
N GLY I 26 -8.67 43.55 -6.11
CA GLY I 26 -8.06 42.27 -5.83
C GLY I 26 -6.80 42.04 -6.63
N SER I 27 -6.24 40.85 -6.45
CA SER I 27 -5.01 40.45 -7.11
C SER I 27 -5.30 39.53 -8.29
N VAL I 28 -4.31 39.40 -9.17
CA VAL I 28 -4.41 38.49 -10.31
C VAL I 28 -3.70 37.19 -9.97
N THR I 29 -4.46 36.24 -9.41
CA THR I 29 -3.93 34.93 -9.08
C THR I 29 -3.70 34.14 -10.36
N THR I 30 -2.80 33.15 -10.29
CA THR I 30 -2.57 32.27 -11.43
C THR I 30 -3.79 31.42 -11.76
N SER I 31 -4.75 31.29 -10.84
CA SER I 31 -6.01 30.62 -11.10
C SER I 31 -7.00 31.48 -11.86
N ASN I 32 -6.69 32.76 -12.09
CA ASN I 32 -7.52 33.61 -12.93
C ASN I 32 -7.23 33.45 -14.40
N TYR I 33 -6.16 32.71 -14.75
CA TYR I 33 -5.70 32.38 -16.11
C TYR I 33 -5.70 33.56 -17.07
N PRO I 34 -4.76 34.50 -16.97
CA PRO I 34 -4.59 35.50 -18.02
C PRO I 34 -4.35 34.90 -19.39
N SER I 35 -4.95 35.54 -20.40
CA SER I 35 -4.76 35.16 -21.80
C SER I 35 -4.57 36.43 -22.61
N TRP I 36 -3.46 36.51 -23.32
CA TRP I 36 -3.11 37.68 -24.11
C TRP I 36 -3.37 37.39 -25.59
N PHE I 37 -4.02 38.35 -26.26
CA PHE I 37 -4.45 38.26 -27.64
C PHE I 37 -3.90 39.43 -28.43
N GLN I 38 -3.48 39.17 -29.67
CA GLN I 38 -3.00 40.20 -30.58
C GLN I 38 -3.97 40.33 -31.75
N GLN I 39 -4.35 41.56 -32.05
CA GLN I 39 -5.26 41.87 -33.16
C GLN I 39 -4.62 42.94 -34.02
N THR I 40 -4.05 42.53 -35.15
CA THR I 40 -3.66 43.48 -36.18
C THR I 40 -4.92 44.10 -36.78
N PRO I 41 -4.94 45.43 -36.98
CA PRO I 41 -6.10 46.06 -37.60
C PRO I 41 -6.38 45.49 -38.99
N GLY I 42 -7.66 45.25 -39.27
CA GLY I 42 -8.06 44.54 -40.46
C GLY I 42 -7.93 43.04 -40.38
N GLN I 43 -7.63 42.49 -39.21
CA GLN I 43 -7.42 41.06 -39.01
C GLN I 43 -8.10 40.63 -37.73
N PRO I 44 -8.51 39.36 -37.64
CA PRO I 44 -9.11 38.87 -36.39
C PRO I 44 -8.06 38.75 -35.30
N PRO I 45 -8.47 38.80 -34.03
CA PRO I 45 -7.52 38.60 -32.94
C PRO I 45 -6.94 37.19 -32.94
N ARG I 46 -5.70 37.07 -32.49
CA ARG I 46 -4.98 35.80 -32.47
C ARG I 46 -4.54 35.49 -31.05
N GLN I 47 -4.70 34.23 -30.65
CA GLN I 47 -4.27 33.75 -29.34
C GLN I 47 -2.75 33.81 -29.21
N LEU I 48 -2.23 34.74 -28.41
CA LEU I 48 -0.80 34.73 -28.15
C LEU I 48 -0.44 33.83 -26.98
N ILE I 49 -0.96 34.10 -25.79
CA ILE I 49 -0.60 33.33 -24.60
C ILE I 49 -1.85 32.95 -23.83
N TYR I 50 -1.92 31.69 -23.41
CA TYR I 50 -2.94 31.20 -22.51
C TYR I 50 -2.27 30.59 -21.29
N ASN I 51 -2.96 30.67 -20.14
CA ASN I 51 -2.52 30.10 -18.86
C ASN I 51 -1.19 30.69 -18.40
N THR I 52 -0.98 31.97 -18.69
CA THR I 52 0.04 32.89 -18.17
C THR I 52 1.46 32.63 -18.68
N ASN I 53 1.72 31.47 -19.25
CA ASN I 53 3.07 31.18 -19.70
C ASN I 53 3.18 30.29 -20.92
N SER I 54 2.07 29.87 -21.52
CA SER I 54 2.09 28.89 -22.58
C SER I 54 1.65 29.53 -23.90
N ARG I 55 2.23 29.05 -24.99
CA ARG I 55 2.03 29.63 -26.31
C ARG I 55 1.51 28.58 -27.27
N PRO I 56 0.38 28.79 -27.95
CA PRO I 56 -0.04 27.85 -29.00
C PRO I 56 0.91 27.88 -30.18
N THR I 57 0.82 26.85 -31.01
CA THR I 57 1.73 26.69 -32.14
C THR I 57 1.54 27.81 -33.15
N GLY I 58 2.67 28.33 -33.64
CA GLY I 58 2.68 29.45 -34.57
C GLY I 58 3.01 30.78 -33.93
N VAL I 59 2.87 30.89 -32.61
CA VAL I 59 3.22 32.13 -31.91
C VAL I 59 4.75 32.24 -31.83
N PRO I 60 5.34 33.39 -32.16
CA PRO I 60 6.81 33.51 -32.08
C PRO I 60 7.31 33.44 -30.65
N ARG I 61 8.59 33.11 -30.50
CA ARG I 61 9.19 32.87 -29.20
C ARG I 61 9.33 34.13 -28.37
N ARG I 62 9.23 35.32 -29.00
CA ARG I 62 9.55 36.56 -28.31
C ARG I 62 8.49 36.97 -27.30
N PHE I 63 7.24 36.54 -27.50
CA PHE I 63 6.17 36.87 -26.57
C PHE I 63 6.28 35.97 -25.34
N SER I 64 6.51 36.56 -24.17
CA SER I 64 6.55 35.81 -22.93
C SER I 64 5.50 36.36 -21.98
N GLY I 65 4.93 35.48 -21.16
CA GLY I 65 3.94 35.88 -20.18
C GLY I 65 4.43 35.62 -18.77
N LYS I 66 3.98 36.45 -17.85
CA LYS I 66 4.30 36.26 -16.43
C LYS I 66 3.24 36.95 -15.60
N ILE I 67 3.32 36.73 -14.29
CA ILE I 67 2.50 37.45 -13.31
C ILE I 67 3.46 38.14 -12.36
N SER I 68 3.41 39.47 -12.34
CA SER I 68 4.29 40.28 -11.51
C SER I 68 3.43 41.04 -10.50
N GLY I 69 3.80 40.95 -9.22
CA GLY I 69 3.08 41.61 -8.17
C GLY I 69 1.64 41.15 -8.06
N ASN I 70 0.71 42.00 -8.46
CA ASN I 70 -0.71 41.66 -8.51
C ASN I 70 -1.27 41.97 -9.88
N LYS I 71 -0.48 41.76 -10.92
CA LYS I 71 -0.94 42.00 -12.29
C LYS I 71 -0.25 41.01 -13.22
N ALA I 72 -0.78 40.90 -14.44
CA ALA I 72 -0.21 40.02 -15.44
C ALA I 72 0.55 40.84 -16.48
N ALA I 73 1.68 40.33 -16.93
CA ALA I 73 2.59 41.06 -17.78
C ALA I 73 2.93 40.26 -19.03
N LEU I 74 2.81 40.91 -20.18
CA LEU I 74 3.27 40.42 -21.47
C LEU I 74 4.56 41.12 -21.84
N THR I 75 5.65 40.37 -21.90
CA THR I 75 6.97 40.90 -22.23
C THR I 75 7.31 40.55 -23.66
N ILE I 76 7.58 41.56 -24.47
CA ILE I 76 8.03 41.38 -25.85
C ILE I 76 9.49 41.80 -25.91
N THR I 77 10.37 40.86 -26.19
CA THR I 77 11.79 41.11 -26.31
C THR I 77 12.19 41.10 -27.78
N GLY I 78 12.82 42.18 -28.23
CA GLY I 78 13.15 42.32 -29.63
C GLY I 78 11.93 42.43 -30.52
N ALA I 79 11.03 43.34 -30.17
CA ALA I 79 9.79 43.51 -30.92
C ALA I 79 10.07 43.98 -32.34
N GLN I 80 9.39 43.37 -33.30
CA GLN I 80 9.58 43.70 -34.71
C GLN I 80 8.51 44.70 -35.14
N ALA I 81 8.43 44.98 -36.44
CA ALA I 81 7.43 45.89 -36.97
C ALA I 81 6.07 45.23 -37.15
N GLU I 82 5.98 43.91 -36.99
CA GLU I 82 4.73 43.20 -37.11
C GLU I 82 3.94 43.16 -35.81
N ASP I 83 4.49 43.72 -34.72
CA ASP I 83 3.83 43.72 -33.42
C ASP I 83 3.02 44.98 -33.16
N GLU I 84 2.95 45.89 -34.12
CA GLU I 84 2.12 47.09 -33.97
C GLU I 84 0.65 46.71 -34.13
N ALA I 85 -0.02 46.42 -33.03
CA ALA I 85 -1.38 45.90 -33.06
C ALA I 85 -2.06 46.20 -31.73
N ASP I 86 -3.28 45.71 -31.56
CA ASP I 86 -4.01 45.85 -30.31
C ASP I 86 -3.84 44.59 -29.47
N TYR I 87 -3.54 44.76 -28.19
CA TYR I 87 -3.25 43.63 -27.31
C TYR I 87 -4.27 43.61 -26.19
N PHE I 88 -4.96 42.49 -26.04
CA PHE I 88 -6.06 42.35 -25.09
C PHE I 88 -5.71 41.29 -24.05
N CYS I 89 -5.94 41.62 -22.78
CA CYS I 89 -5.77 40.68 -21.67
C CYS I 89 -7.12 40.19 -21.19
N GLY I 90 -7.23 38.89 -20.97
CA GLY I 90 -8.46 38.29 -20.50
C GLY I 90 -8.26 37.41 -19.28
N LEU I 91 -9.02 37.69 -18.22
CA LEU I 91 -8.91 36.94 -16.98
C LEU I 91 -10.17 36.11 -16.76
N TYR I 92 -10.00 34.89 -16.27
CA TYR I 92 -11.11 33.96 -16.06
C TYR I 92 -11.60 34.11 -14.63
N LYS I 93 -12.59 34.98 -14.44
CA LYS I 93 -13.28 35.05 -13.16
C LYS I 93 -14.20 33.84 -13.02
N ARG I 94 -14.43 33.43 -11.77
CA ARG I 94 -15.09 32.16 -11.48
C ARG I 94 -16.53 32.14 -12.00
N SER I 95 -17.26 33.24 -11.84
CA SER I 95 -18.66 33.29 -12.23
C SER I 95 -18.85 33.87 -13.63
N ALA I 96 -18.08 34.89 -13.99
CA ALA I 96 -18.27 35.59 -15.26
C ALA I 96 -17.39 35.06 -16.38
N ASN I 97 -16.59 34.02 -16.14
CA ASN I 97 -15.73 33.34 -17.13
C ASN I 97 -14.71 34.35 -17.65
N ASN I 98 -14.47 34.41 -18.96
CA ASN I 98 -13.45 35.28 -19.50
C ASN I 98 -13.94 36.73 -19.55
N ILE I 99 -13.14 37.63 -18.97
CA ILE I 99 -13.39 39.06 -19.03
C ILE I 99 -12.16 39.71 -19.67
N PHE I 100 -12.39 40.45 -20.75
CA PHE I 100 -11.30 40.97 -21.57
C PHE I 100 -11.09 42.45 -21.31
N GLY I 101 -9.86 42.91 -21.56
CA GLY I 101 -9.50 44.29 -21.29
C GLY I 101 -9.94 45.25 -22.36
N GLY I 102 -9.70 46.54 -22.09
CA GLY I 102 -10.05 47.58 -23.04
C GLY I 102 -9.20 47.54 -24.30
N GLY I 103 -7.90 47.28 -24.14
CA GLY I 103 -7.06 47.20 -25.33
C GLY I 103 -5.90 48.19 -25.25
N THR I 104 -4.71 47.67 -25.56
CA THR I 104 -3.49 48.47 -25.60
C THR I 104 -3.02 48.53 -27.05
N HIS I 105 -2.83 49.74 -27.56
CA HIS I 105 -2.31 49.93 -28.90
C HIS I 105 -0.79 50.09 -28.83
N LEU I 106 -0.07 49.00 -29.03
CA LEU I 106 1.38 49.03 -28.98
C LEU I 106 1.91 49.66 -30.25
N THR I 107 2.71 50.72 -30.09
CA THR I 107 3.25 51.47 -31.22
C THR I 107 4.72 51.10 -31.40
N VAL I 108 5.06 50.61 -32.59
CA VAL I 108 6.43 50.26 -32.92
C VAL I 108 6.99 51.41 -33.75
N LEU I 109 7.91 52.17 -33.17
CA LEU I 109 8.47 53.35 -33.81
C LEU I 109 9.51 52.98 -34.87
#